data_8JXA
#
_entry.id   8JXA
#
_cell.length_a   1.00
_cell.length_b   1.00
_cell.length_c   1.00
_cell.angle_alpha   90.00
_cell.angle_beta   90.00
_cell.angle_gamma   90.00
#
_symmetry.space_group_name_H-M   'P 1'
#
loop_
_entity.id
_entity.type
_entity.pdbx_description
1 polymer 'LDL receptor related protein 2'
2 polymer 'unclear peptide'
3 branched beta-D-mannopyranose-(1-4)-2-acetamido-2-deoxy-beta-D-glucopyranose-(1-4)-2-acetamido-2-deoxy-beta-D-glucopyranose
4 branched alpha-D-mannopyranose-(1-3)-[alpha-D-mannopyranose-(1-6)]beta-D-mannopyranose-(1-4)-2-acetamido-2-deoxy-beta-D-glucopyranose-(1-4)-2-acetamido-2-deoxy-beta-D-glucopyranose
5 branched 2-acetamido-2-deoxy-beta-D-glucopyranose-(1-4)-2-acetamido-2-deoxy-beta-D-glucopyranose
6 branched beta-D-mannopyranose-(1-3)-2-acetamido-2-deoxy-beta-D-glucopyranose-(1-4)-2-acetamido-2-deoxy-beta-D-glucopyranose
7 non-polymer 2-acetamido-2-deoxy-beta-D-glucopyranose
8 non-polymer 2-acetamido-2-deoxy-alpha-D-galactopyranose
9 non-polymer 'CALCIUM ION'
#
loop_
_entity_poly.entity_id
_entity_poly.type
_entity_poly.pdbx_seq_one_letter_code
_entity_poly.pdbx_strand_id
1 'polypeptide(L)'
;MERGAAAAAWMLLLAIAACLEPVSSQECGSGNFRCDNGYCIPASWRCDGTRDCLDDTDEIGCPPRSCESGLFLCPAEGTC
IPSSWVCDEDKDCSDGADEQQNCAGTTCSAQQMTCSNGQCIPSEYRCDHVSDCPDGSDERNCHYPTCDQLTCANGACYNT
SQRCDQKVDCRDSSDEANCTTLCSQKEFECGSGECILRAYVCDHDNDCEDNSDERNCNYDTCGGHQFTCSNGQCINQNWV
CDGDDDCQDSGDEDGCESNQSHHRCYPREWACPGSGRCISIDKVCDGVPDCPEGDDENNVTSGRTCGMGVCSVLNCEYQC
HQTPFGGECFCPPGHIINSNDSRTCIDFDDCQIWGICDQKCENRQGRHQCLCEEGYILERGQHCKSSDSFSAASVIFSNG
RDLLVGDLHGRNFRILAESKNRGMVMGVDFHYQKHRVFWTDPMQEKVFSTDINGLNTQEILNVSVDTPENLAVDWINNKL
YLVETKVNRIDVVNLEGNQRVTLITENLGHPRGIALDPTVGYLFFSDWGSLSGQPKVERAFMDGSNRKDLVTTKVGWPAG
ITLDLVSKRVYWVDSRYDYIETVTYDGIQRKTVARGGSLVPHPFGISLFEEHVFFTDWTKMAVMKASKFTETNPQVYHQS
SLRPHGVTVYHALRQPNATNPCGSNNGGCAQVCVLSHRTDNGGLGYRCKCEFGFELDDDEHRCVAVKNFLLFSSKTAVRG
IPFTLSTQEDVMVPVTGSPSFFVGIDFDAQHSTVFYSDLSKDIIYKQKIDGTGKEVITANRLESVECLTFDWISRNLYWT
DGGLKSVTVLRLADKSRRQIISNLNNPRSIVVHPTAGYMFLSDWFRPAKIMRAWSDGSHLMPIVNTSLGWPNGLAIDWSA
SRLYWVDAFFDKIEHSTLDGLDRKRLGHVDQMTHPFGLTVFKDNVFITDWRLGAIIRVRKSDGGDMTVIRRGISSVMHVK
AYDADLQTGSNYCSQTTHANGDCSHFCFPVPNFQRVCGCPYGMKLQRDQMTCEGDPAREPPTQQCGSLSFPCNNGKCVPS
FFRCDGVDDCHDNSDEHQCGVFNNTCSPSAFACVRGGQCIPGQWHCDRQNDCLDGSDEQNCPTHATSSTCPSTSFTCDNH
VCIPKDWVCDTDNDCSDGSDEKNCQASGTCQPTQFRCPDHRCISPLYVCDGDKDCADGSDEAGCVLNCTSAQFKCADGSS
CINSRYRCDGVYDCRDNSDEAGCPTRPPGMCHLDEFQCQGDGTCIPNTWECDGHPDCIHGSDEHTGCVPKTCSPTHFLCD
NGNCIYKAWICDGDNDCRDMSDEKDCPTQPFHCPSTQWQCPGYSTCINLSALCDGVFDCPNGTDESPLCNQDSCSHFNGG
CTHQCMQGPFGATCLCPLGYQLANDTKTCEDINECDIPGFCSQHCVNMRGSFRCACDPEYTLESDGRTCKVTGSENPLLV
VASRDKIIVDNITAHTHNLYSLVQDVSFVVALDFDSVTGRVFWSDLLQGKTWSVFQNGTDKRVVHDSGLSVTEMIAVDWI
GRNLYWTDYALETIEVSKIDGSHRTVLISKNVTKPRGLALDPRMGDNVMFWSDWGHHPRIERASMDGTMRTVIVQEKIYW
PCGLSIDYPNRLIYFMDAYLDYIEFCDYDGHNRRQVIASDLVLHHPHALTLFEDFVYWTDRGTRQVMQANKWHGGNQSVV
MYSVHQPLGITAIHPSRQPPSRNPCASASCSHLCLLSAQAPRHYSCACPSGWNLSDDSVNCVRGDQPFLMSVRDNIIFGI
SLDPEVKSNDAMVPISGIQHGYDVEFDDSEQFIYWVENPGEIHRVKTDGSNRTVFAPLSLLGSSLGLALDWVSRNIYYTT
PASRSIEVLTLKGDTRYGKTLIANDGTPLGVGFPVGIAVDPARGKLYWSDHGTDSGVPAKIASANMDGTSLKILFTGNLQ
HLEVVTLDIQEQKLYWAVTSRGVIERGNVDGTERMILVHHLAHPWGLVVYGSFLYYSDEQYEVIERVDKSSGNNKVVLRD
NVPYLRGLRVYHRRNAADSSNGCSNNPNACQQICLPVPGGMFSCACASGFKLSPDGRSCSPYNSFMVVSMLPAVRGFSLE
LSDHSEAMVPVAGQGRNVLHADVDVANGFIYWCDFSSSVRSSNGIRRIKPDGSNFTNVVTYGIGANGIRGVALDWAAGNL
YFTNAFVYETLIEVLRINTTYRRVLLKVSVDMPRHIIVDPKHRYLFWADYGQKPKIERSFLDCTNRTVLVSEGIVTPRGL
AMDHDTGYIYWVDDSLDLIARIHLDGGESQVVRYGSRYPTPYGITVFGESIIWVDRNLKKVFQASKQPGNTDPPVVIRDK
INLLRDVTIFDEHAQPLSPAELNNNPCLQSNGGCSHFCFALPELPTPRCGCAFGTLGNDGKSCATSQEDFLIYSLNNSLR
SLHFDPRDHSLPFQVISVAGTAIALDYDRRNNRIFFTQKLNSLRGQISYVSLYSGSSSPTVLLSNIGVTDGIAFDWINRR
IYYSDFSNQTINSMAEDGSNRAVIARVSKPRAIVLDPCRGYMYWTDWGTNAKIERATLGGNFRVPIVNTSLVWPNGLALD
LETDLLYWADASLQKIERSTLTGTNREVVVSTAFHSFGLTVYGQYIYWTDLYTRKIYRANKYDGSDLVAMTTRLPTQPSG
ISTVVKTQRQQCSNPCDQFNGGCSHICAPGPNGAECQCPHEGNWYLANDNKYCVVDTGTRCNQLQFTCLNGHCINQDWKC
DNDNDCGDGSDELPTVCAFHTCRSTAFTCGNGRCVPYHYRCDYYNDCGDNSDEAGCLFRNCNSTTEFTCSNGRCIPLSYV
CNGINNCHDNDTSDEKNCPPHTCPPDFTKCQTTNICVPRAFLCDGDNDCGDGSDENPIYCASHTCRSNEFQCLSPQRCIP
SYWFCDGEADCADGSDEPDTCGHSVNTCRASQFQCDNGRCISGNWVCDGDNDCGDMSDEDQRHHCELQNCSSTQFTCVNS
RPPNRRCIPQYWVCDGDADCSDALDELQNCTMRTCSAGEFSCANGRCVRQSFRCDRRNDCGDYSDERGCSYPPCHANQFT
CQNGRCIPRFFVCDEDNDCGDGSDEQEHLCHTPEPTCPLHQFRCDNGHCIEMGRVCNHVDDCSDNSDEKGCGINECLDSS
ISRCDHNCTDTITSFYCSCLPGYKLMSDKRSCVDIDECKESPQLCSQKCENVVGSYICKCAPGYIREPDGKSCRQNSNIE
PYLIFSNRYYIRNLTTDGSSYSLILQGLGNVVALDFDRVEKRLYWIDAEKQIIERMFLNKTNRETIINHRLRRAESLAVD
WVSRKLYWLDAILDCLFVSDLEGRHRKMIAQHCVDANNTFCFEHPRGIVLHPQRGHVYWADWGVHAYIGRIGMDGTNKSV
IISTKIEWPNAITIDYTNDLLYWADAHLGYIEFSDLEGHHRHTVYDGSLPHPFALTIFEDTVFWTDWNTRTVEKGNKYDG
SGRVVLVNTTHKPFDIHVYHPYRQPIMSNPCGTNNGGCSHLCLIKAGGRGFTCACPDDFQTVQLRDRTLCMPMCSSTQFL
CGNNEKCIPIWWKCDGQKDCSDGSDEPDLCPHRFCRLGQFQCRDGNCTSPQALCNARQDCADGSDEDRVLCEHHRCESNE
WQCANKRCIPQSWQCDSVNDCLDNSDEDTSHCASRTCRPGQFKCNNGRCIPQSWKCDVDNDCGDYSDEPIDECTTAAYNC
DNHTEFSCKTNYRCIPQWAVCNGFDDCRDNSDEQGCESVPCHPSGDFRCANHHCIPLRWKCDGTDDCGDNSDEENCVPRE
CSESEFRCADQQCIPSRWVCDQENDCGDNSDERDCEMKTCHPEHFQCTSGHCVPKALACDGRADCLDASDESACPTRFPN
GTYCPAAMFECKNHVCIQSFWICDGENDCVDGSDEEIHLCFNIPCESPQRFRCDNSRCVYGHQLCNGVDDCGDGSDEKEE
HCRKPTHKPCTDTEYKCSNGNCISQHYVCDNVNDCGDLSDETGCNLGDNRTCAENICEQNCTQLSSGGFICSCRPGFKPS
TLDKNSCQDINECEEFGICPQSCRNSKGSYECFCVDGFKSMSTHYGERCAADGSPPLLLLPENVRIRKYNTSSEKFSEYL
EEEEHIQTIDYDWDPEHIGLSVVYYTVLAQGSQFGAIKRAYIPNFESGSNNPIREVDLGLKYLMQPDGLAVDWVGRHIYW
SDAKSQRIEVATLDGRYRKWLITTQLDQPAAIAVNPKLGLMFWTDQGKQPKIESAWMNGEHRSVLVSENLGWPNGLSIDY
LNDDRVYWSDSKEDVIEAIKYDGTDRRLIINEAMKPFSLDIFEDKLYWVAKEKGEVWRQNKFGKENKEKVLVVNPWLTQV
RIFHQLRYNQSVSNPCKQVCSHLCLLRPGGYSCACPQGSDFVTGSTVQCDAASELPVTMPPPCRCMHGGNCYFDENELPK
CKCSSGYSGEYCEVGLSRGIPPGTTMAVLLTFVIVIIVGALVLVGLFHYRKTGSLLPTLPKLPSLSSLAKPSENGNGVTF
RSGADVNMDIGVSPFGPETIIDRSMAMNEHFVMEVGKQPVIFENPMYAAKDNTSKVALAVQGPSTGAQVTVPENVENQNY
GRPIDPSEIVPEPKPASPGADEIQGKKWNIFKRKPKQTTNFENPIYAEMDSEVKDAVAVAPPPSPSLPAKASKRNLTPGY
TATEDTFKDTANLVKEDSDV
;
A,B
2 'polypeptide(L)' (UNK)(UNK)N(UNK)(UNK) M
#
# COMPACT_ATOMS: atom_id res chain seq x y z
N PRO A 1224 31.41 29.78 23.81
CA PRO A 1224 31.40 29.07 22.53
C PRO A 1224 32.34 27.88 22.52
N THR A 1225 31.87 26.76 21.97
CA THR A 1225 32.64 25.53 21.90
C THR A 1225 32.70 25.05 20.46
N ARG A 1226 33.78 24.38 20.12
CA ARG A 1226 33.90 23.79 18.80
C ARG A 1226 32.87 22.69 18.62
N PRO A 1227 32.24 22.59 17.46
CA PRO A 1227 31.24 21.53 17.25
C PRO A 1227 31.88 20.15 17.37
N PRO A 1228 31.11 19.13 17.75
CA PRO A 1228 31.69 17.81 18.07
C PRO A 1228 32.62 17.27 16.98
N GLY A 1229 33.90 17.18 17.30
CA GLY A 1229 34.88 16.61 16.40
C GLY A 1229 35.49 17.57 15.42
N MET A 1230 34.87 18.73 15.18
CA MET A 1230 35.39 19.69 14.23
C MET A 1230 36.08 20.82 14.99
N CYS A 1231 36.51 21.85 14.26
CA CYS A 1231 37.20 22.99 14.83
C CYS A 1231 36.40 24.25 14.56
N HIS A 1232 36.81 25.34 15.20
CA HIS A 1232 36.12 26.62 15.08
C HIS A 1232 36.07 27.07 13.62
N LEU A 1233 35.20 28.04 13.33
CA LEU A 1233 35.00 28.49 11.96
C LEU A 1233 36.29 29.03 11.35
N ASP A 1234 37.23 29.47 12.21
CA ASP A 1234 38.54 29.95 11.77
C ASP A 1234 39.60 29.15 12.52
N GLU A 1235 39.92 27.97 12.00
CA GLU A 1235 40.96 27.11 12.57
C GLU A 1235 41.24 25.94 11.64
N PHE A 1236 42.49 25.67 11.35
CA PHE A 1236 42.84 24.53 10.50
C PHE A 1236 42.85 23.25 11.33
N GLN A 1237 42.24 22.20 10.79
CA GLN A 1237 42.20 20.90 11.44
C GLN A 1237 43.16 19.95 10.74
N CYS A 1238 44.05 19.33 11.51
CA CYS A 1238 45.00 18.38 10.95
C CYS A 1238 44.31 17.08 10.61
N GLN A 1239 44.48 16.62 9.37
CA GLN A 1239 43.88 15.35 8.97
C GLN A 1239 44.48 14.19 9.73
N GLY A 1240 45.73 14.32 10.20
CA GLY A 1240 46.41 13.23 10.86
C GLY A 1240 45.81 12.83 12.19
N ASP A 1241 45.45 13.81 13.03
CA ASP A 1241 44.98 13.49 14.36
C ASP A 1241 43.81 14.32 14.87
N GLY A 1242 43.29 15.28 14.10
CA GLY A 1242 42.08 15.99 14.46
C GLY A 1242 42.25 17.21 15.34
N THR A 1243 43.42 17.42 15.93
CA THR A 1243 43.63 18.61 16.75
C THR A 1243 43.66 19.85 15.88
N CYS A 1244 43.18 20.96 16.44
CA CYS A 1244 43.01 22.20 15.71
C CYS A 1244 44.27 23.05 15.80
N ILE A 1245 44.74 23.51 14.64
CA ILE A 1245 45.94 24.32 14.54
C ILE A 1245 45.54 25.70 14.02
N PRO A 1246 46.22 26.78 14.40
CA PRO A 1246 45.78 28.12 14.01
C PRO A 1246 45.70 28.26 12.50
N ASN A 1247 44.74 29.07 12.06
CA ASN A 1247 44.49 29.23 10.62
C ASN A 1247 45.69 29.80 9.90
N THR A 1248 46.32 30.83 10.47
CA THR A 1248 47.44 31.47 9.81
C THR A 1248 48.68 30.58 9.75
N TRP A 1249 48.70 29.47 10.49
CA TRP A 1249 49.83 28.56 10.40
C TRP A 1249 49.78 27.69 9.15
N GLU A 1250 48.65 27.69 8.44
CA GLU A 1250 48.54 26.89 7.22
C GLU A 1250 49.37 27.52 6.11
N CYS A 1251 50.11 26.67 5.39
CA CYS A 1251 50.95 27.09 4.27
C CYS A 1251 52.00 28.12 4.69
N ASP A 1252 52.54 28.02 5.91
CA ASP A 1252 53.54 28.96 6.37
C ASP A 1252 54.96 28.46 6.20
N GLY A 1253 55.15 27.33 5.52
CA GLY A 1253 56.46 26.75 5.35
C GLY A 1253 56.92 25.84 6.46
N HIS A 1254 56.09 25.64 7.50
CA HIS A 1254 56.43 24.77 8.60
C HIS A 1254 55.36 23.70 8.77
N PRO A 1255 55.74 22.42 8.79
CA PRO A 1255 54.75 21.36 8.97
C PRO A 1255 54.27 21.25 10.41
N ASP A 1256 53.32 22.10 10.80
CA ASP A 1256 52.83 22.11 12.18
C ASP A 1256 52.12 20.81 12.54
N CYS A 1257 51.31 20.28 11.63
CA CYS A 1257 50.55 19.07 11.93
C CYS A 1257 51.48 17.86 12.01
N ILE A 1258 50.99 16.82 12.68
CA ILE A 1258 51.84 15.68 13.01
C ILE A 1258 52.29 14.94 11.75
N HIS A 1259 51.55 15.07 10.66
CA HIS A 1259 51.93 14.46 9.40
C HIS A 1259 52.15 15.49 8.29
N GLY A 1260 52.31 16.76 8.64
CA GLY A 1260 52.54 17.78 7.65
C GLY A 1260 51.37 18.03 6.72
N SER A 1261 50.14 18.00 7.23
CA SER A 1261 48.99 18.25 6.38
C SER A 1261 48.73 19.73 6.19
N ASP A 1262 49.42 20.59 6.93
CA ASP A 1262 49.24 22.03 6.79
C ASP A 1262 50.19 22.65 5.77
N GLU A 1263 50.99 21.84 5.10
CA GLU A 1263 51.89 22.28 4.04
C GLU A 1263 51.66 21.44 2.79
N HIS A 1264 50.40 21.31 2.39
CA HIS A 1264 49.99 20.42 1.32
C HIS A 1264 50.42 20.97 -0.05
N THR A 1265 50.05 20.23 -1.09
CA THR A 1265 50.42 20.60 -2.45
C THR A 1265 49.75 21.89 -2.89
N GLY A 1266 48.48 22.08 -2.53
CA GLY A 1266 47.74 23.26 -2.97
C GLY A 1266 48.14 24.55 -2.31
N CYS A 1267 49.09 24.51 -1.37
CA CYS A 1267 49.53 25.73 -0.69
C CYS A 1267 50.23 26.67 -1.67
N VAL A 1268 50.04 27.97 -1.45
CA VAL A 1268 50.58 29.00 -2.34
C VAL A 1268 52.10 28.97 -2.29
N PRO A 1269 52.78 29.25 -3.40
CA PRO A 1269 54.25 29.30 -3.37
C PRO A 1269 54.77 30.58 -2.75
N LYS A 1270 56.10 30.77 -2.78
CA LYS A 1270 56.74 31.94 -2.21
C LYS A 1270 57.72 32.52 -3.21
N THR A 1271 57.75 33.85 -3.32
CA THR A 1271 58.66 34.54 -4.21
C THR A 1271 59.53 35.50 -3.41
N CYS A 1272 60.83 35.46 -3.65
CA CYS A 1272 61.78 36.30 -2.93
C CYS A 1272 62.82 36.89 -3.88
N GLY A 2902 34.19 11.65 -71.04
CA GLY A 2902 33.87 12.73 -71.95
C GLY A 2902 35.06 13.61 -72.27
N HIS A 2903 34.80 14.83 -72.73
CA HIS A 2903 35.88 15.76 -73.04
C HIS A 2903 36.69 16.12 -71.80
N SER A 2904 36.08 16.02 -70.63
CA SER A 2904 36.76 16.22 -69.37
C SER A 2904 36.20 15.22 -68.35
N VAL A 2905 36.52 15.46 -67.08
CA VAL A 2905 36.05 14.56 -66.04
C VAL A 2905 34.54 14.75 -65.86
N ASN A 2906 33.79 13.66 -65.99
CA ASN A 2906 32.36 13.61 -65.71
C ASN A 2906 31.53 14.37 -66.73
N THR A 2907 32.18 15.09 -67.65
CA THR A 2907 31.49 15.97 -68.59
C THR A 2907 31.62 15.38 -69.99
N CYS A 2908 30.57 14.71 -70.44
CA CYS A 2908 30.52 14.24 -71.83
C CYS A 2908 29.94 15.31 -72.75
N ARG A 2909 28.89 15.97 -72.30
CA ARG A 2909 28.28 17.06 -73.05
C ARG A 2909 27.49 17.93 -72.09
N ALA A 2910 27.48 19.25 -72.36
CA ALA A 2910 26.79 20.19 -71.50
C ALA A 2910 25.29 19.94 -71.43
N SER A 2911 24.73 19.25 -72.42
CA SER A 2911 23.32 18.88 -72.41
C SER A 2911 23.09 17.49 -71.81
N GLN A 2912 24.14 16.83 -71.34
CA GLN A 2912 24.04 15.52 -70.70
C GLN A 2912 24.35 15.67 -69.22
N PHE A 2913 23.49 15.10 -68.38
CA PHE A 2913 23.69 15.21 -66.94
C PHE A 2913 24.93 14.44 -66.50
N GLN A 2914 25.57 14.93 -65.45
CA GLN A 2914 26.82 14.37 -64.95
C GLN A 2914 26.53 13.64 -63.64
N CYS A 2915 26.63 12.32 -63.67
CA CYS A 2915 26.43 11.54 -62.45
C CYS A 2915 27.63 11.70 -61.51
N ASP A 2916 27.38 11.57 -60.21
CA ASP A 2916 28.43 11.78 -59.22
C ASP A 2916 29.56 10.77 -59.36
N ASN A 2917 29.26 9.57 -59.88
CA ASN A 2917 30.29 8.55 -60.03
C ASN A 2917 31.07 8.69 -61.33
N GLY A 2918 30.78 9.70 -62.14
CA GLY A 2918 31.46 9.91 -63.40
C GLY A 2918 30.69 9.47 -64.62
N ARG A 2919 29.57 8.78 -64.44
CA ARG A 2919 28.78 8.31 -65.58
C ARG A 2919 28.06 9.49 -66.23
N CYS A 2920 27.71 9.30 -67.50
CA CYS A 2920 27.00 10.30 -68.27
C CYS A 2920 25.63 9.78 -68.69
N ILE A 2921 24.60 10.58 -68.44
CA ILE A 2921 23.22 10.27 -68.82
C ILE A 2921 22.62 11.50 -69.47
N SER A 2922 21.51 11.29 -70.17
CA SER A 2922 20.80 12.41 -70.78
C SER A 2922 20.15 13.27 -69.70
N GLY A 2923 20.24 14.59 -69.87
CA GLY A 2923 19.75 15.51 -68.85
C GLY A 2923 18.25 15.71 -68.87
N ASN A 2924 17.58 15.34 -69.95
CA ASN A 2924 16.13 15.50 -70.01
C ASN A 2924 15.39 14.47 -69.17
N TRP A 2925 16.09 13.44 -68.68
CA TRP A 2925 15.46 12.41 -67.87
C TRP A 2925 15.54 12.69 -66.37
N VAL A 2926 16.08 13.85 -65.97
CA VAL A 2926 16.21 14.14 -64.55
C VAL A 2926 14.84 14.30 -63.91
N CYS A 2927 14.72 13.81 -62.68
CA CYS A 2927 13.48 13.93 -61.89
C CYS A 2927 12.27 13.37 -62.64
N ASP A 2928 12.45 12.23 -63.31
CA ASP A 2928 11.33 11.58 -63.98
C ASP A 2928 10.75 10.43 -63.18
N GLY A 2929 11.25 10.19 -61.97
CA GLY A 2929 10.73 9.13 -61.12
C GLY A 2929 11.63 7.91 -61.00
N ASP A 2930 12.70 7.82 -61.78
CA ASP A 2930 13.60 6.67 -61.73
C ASP A 2930 15.04 7.16 -61.63
N ASN A 2931 15.87 6.38 -60.95
CA ASN A 2931 17.28 6.72 -60.74
C ASN A 2931 18.08 6.26 -61.96
N ASP A 2932 18.11 7.12 -62.98
CA ASP A 2932 18.83 6.80 -64.22
C ASP A 2932 20.33 6.68 -63.98
N CYS A 2933 20.90 7.56 -63.16
CA CYS A 2933 22.35 7.50 -62.91
C CYS A 2933 22.75 6.22 -62.19
N GLY A 2934 21.90 5.73 -61.28
CA GLY A 2934 22.25 4.61 -60.44
C GLY A 2934 22.76 4.97 -59.06
N ASP A 2935 23.20 6.22 -58.87
CA ASP A 2935 23.55 6.72 -57.54
C ASP A 2935 22.68 7.89 -57.14
N MET A 2936 21.47 7.99 -57.70
CA MET A 2936 20.49 9.02 -57.36
C MET A 2936 21.00 10.42 -57.70
N SER A 2937 21.97 10.52 -58.61
CA SER A 2937 22.50 11.84 -58.96
C SER A 2937 21.46 12.66 -59.73
N ASP A 2938 20.80 12.05 -60.71
CA ASP A 2938 19.75 12.72 -61.46
C ASP A 2938 18.52 13.03 -60.62
N GLU A 2939 18.26 12.24 -59.58
CA GLU A 2939 17.13 12.47 -58.68
C GLU A 2939 17.54 13.15 -57.39
N ASP A 2940 18.79 13.60 -57.28
CA ASP A 2940 19.27 14.22 -56.06
C ASP A 2940 18.62 15.58 -55.85
N GLN A 2941 18.16 15.84 -54.63
CA GLN A 2941 17.56 17.12 -54.30
C GLN A 2941 18.57 18.26 -54.45
N ARG A 2942 19.82 18.00 -54.08
CA ARG A 2942 20.87 19.00 -54.25
C ARG A 2942 21.22 19.23 -55.72
N HIS A 2943 20.75 18.36 -56.62
CA HIS A 2943 20.83 18.60 -58.06
C HIS A 2943 19.56 19.27 -58.58
N HIS A 2944 18.91 20.08 -57.74
CA HIS A 2944 17.71 20.85 -58.05
C HIS A 2944 16.49 19.98 -58.33
N CYS A 2945 16.38 18.83 -57.67
CA CYS A 2945 15.14 18.08 -57.69
C CYS A 2945 14.21 18.46 -56.54
N GLU A 2946 13.96 19.76 -56.39
CA GLU A 2946 13.16 20.29 -55.30
C GLU A 2946 12.82 21.74 -55.63
N LEU A 2947 11.80 22.26 -54.96
CA LEU A 2947 11.42 23.67 -55.02
C LEU A 2947 10.98 24.09 -56.41
N GLN A 2948 10.73 23.14 -57.29
CA GLN A 2948 10.30 23.48 -58.65
C GLN A 2948 8.92 22.90 -58.93
N ASN A 2949 8.16 23.61 -59.77
CA ASN A 2949 6.80 23.21 -60.10
C ASN A 2949 6.84 22.10 -61.14
N CYS A 2950 6.65 20.86 -60.69
CA CYS A 2950 6.54 19.75 -61.61
C CYS A 2950 5.32 19.93 -62.50
N SER A 2951 5.51 19.73 -63.80
CA SER A 2951 4.62 20.28 -64.82
C SER A 2951 3.70 19.21 -65.40
N SER A 2952 2.44 19.57 -65.60
CA SER A 2952 1.45 18.84 -66.41
C SER A 2952 1.23 17.45 -65.79
N THR A 2953 1.27 16.38 -66.57
CA THR A 2953 1.01 15.05 -66.03
C THR A 2953 2.02 14.64 -64.98
N GLN A 2954 3.23 15.19 -65.04
CA GLN A 2954 4.24 14.94 -64.01
C GLN A 2954 3.87 15.70 -62.75
N PHE A 2955 2.94 15.15 -61.96
CA PHE A 2955 2.51 15.82 -60.75
C PHE A 2955 3.61 15.82 -59.69
N THR A 2956 3.52 16.77 -58.77
CA THR A 2956 4.45 16.80 -57.65
C THR A 2956 4.26 15.64 -56.69
N CYS A 2957 3.04 15.08 -56.61
CA CYS A 2957 2.72 14.01 -55.67
C CYS A 2957 3.13 14.38 -54.26
N VAL A 2958 2.43 15.37 -53.71
CA VAL A 2958 2.82 16.05 -52.48
C VAL A 2958 3.16 15.03 -51.39
N ASN A 2959 4.38 15.12 -50.86
CA ASN A 2959 4.86 14.24 -49.81
C ASN A 2959 6.18 14.82 -49.32
N SER A 2960 6.56 14.46 -48.09
CA SER A 2960 7.81 14.94 -47.53
C SER A 2960 9.00 14.09 -48.00
N ARG A 2961 8.91 12.78 -47.82
CA ARG A 2961 10.05 11.91 -48.08
C ARG A 2961 10.42 11.92 -49.56
N PRO A 2962 11.70 12.08 -49.89
CA PRO A 2962 12.11 12.25 -51.30
C PRO A 2962 11.74 11.05 -52.18
N PRO A 2963 12.16 9.82 -51.84
CA PRO A 2963 12.07 8.74 -52.85
C PRO A 2963 10.68 8.49 -53.39
N ASN A 2964 9.64 8.62 -52.58
CA ASN A 2964 8.28 8.40 -53.06
C ASN A 2964 7.60 9.68 -53.54
N ARG A 2965 8.27 10.82 -53.43
CA ARG A 2965 7.73 12.08 -53.94
C ARG A 2965 8.16 12.37 -55.38
N ARG A 2966 8.88 11.45 -56.02
CA ARG A 2966 9.39 11.70 -57.36
C ARG A 2966 8.26 12.03 -58.32
N CYS A 2967 8.46 13.09 -59.11
CA CYS A 2967 7.43 13.56 -60.04
C CYS A 2967 7.38 12.68 -61.27
N ILE A 2968 6.82 11.47 -61.12
CA ILE A 2968 6.70 10.56 -62.25
C ILE A 2968 5.72 11.15 -63.25
N PRO A 2969 5.95 10.98 -64.57
CA PRO A 2969 4.99 11.50 -65.55
C PRO A 2969 3.77 10.59 -65.65
N GLN A 2970 2.86 10.70 -64.68
CA GLN A 2970 1.69 9.83 -64.63
C GLN A 2970 0.62 10.36 -65.59
N TYR A 2971 0.28 9.49 -66.55
CA TYR A 2971 -0.77 9.83 -67.51
C TYR A 2971 -2.10 9.23 -67.09
N TRP A 2972 -2.10 8.40 -66.06
CA TRP A 2972 -3.25 7.67 -65.52
C TRP A 2972 -3.90 8.36 -64.33
N VAL A 2973 -3.91 9.68 -64.26
CA VAL A 2973 -4.56 10.40 -63.17
C VAL A 2973 -6.06 10.15 -63.25
N CYS A 2974 -6.70 9.98 -62.09
CA CYS A 2974 -8.14 9.81 -61.94
C CYS A 2974 -8.67 8.50 -62.53
N ASP A 2975 -7.78 7.60 -62.93
CA ASP A 2975 -8.23 6.32 -63.49
C ASP A 2975 -8.90 5.44 -62.44
N GLY A 2976 -8.65 5.71 -61.15
CA GLY A 2976 -9.17 4.87 -60.10
C GLY A 2976 -8.12 3.94 -59.54
N ASP A 2977 -6.90 4.47 -59.36
CA ASP A 2977 -5.77 3.65 -58.96
C ASP A 2977 -4.78 4.56 -58.23
N ALA A 2978 -4.22 4.02 -57.14
CA ALA A 2978 -3.26 4.77 -56.33
C ALA A 2978 -1.89 4.70 -56.99
N ASP A 2979 -1.32 5.87 -57.29
CA ASP A 2979 -0.14 5.94 -58.15
C ASP A 2979 1.11 6.53 -57.50
N CYS A 2980 0.98 7.23 -56.37
CA CYS A 2980 2.15 7.72 -55.64
C CYS A 2980 1.84 7.78 -54.15
N SER A 2981 2.65 8.58 -53.44
CA SER A 2981 2.72 8.54 -51.99
C SER A 2981 1.37 8.47 -51.30
N ASP A 2982 0.58 9.54 -51.39
CA ASP A 2982 -0.72 9.60 -50.74
C ASP A 2982 -1.86 9.38 -51.71
N ALA A 2983 -1.57 9.10 -52.98
CA ALA A 2983 -2.57 8.90 -54.03
C ALA A 2983 -3.52 10.08 -54.15
N LEU A 2984 -3.02 11.31 -53.97
CA LEU A 2984 -3.86 12.48 -54.11
C LEU A 2984 -4.23 12.76 -55.56
N ASP A 2985 -3.60 12.08 -56.51
CA ASP A 2985 -3.99 12.21 -57.91
C ASP A 2985 -5.46 11.86 -58.11
N GLU A 2986 -5.98 10.93 -57.33
CA GLU A 2986 -7.40 10.61 -57.33
C GLU A 2986 -8.23 11.64 -56.58
N LEU A 2987 -7.61 12.73 -56.12
CA LEU A 2987 -8.31 13.80 -55.45
C LEU A 2987 -7.95 15.18 -55.98
N GLN A 2988 -6.99 15.29 -56.89
CA GLN A 2988 -6.66 16.58 -57.50
C GLN A 2988 -7.87 17.12 -58.27
N ASN A 2989 -8.28 16.40 -59.30
CA ASN A 2989 -9.54 16.68 -60.00
C ASN A 2989 -10.06 15.34 -60.50
N CYS A 2990 -10.94 14.72 -59.73
CA CYS A 2990 -11.36 13.35 -60.01
C CYS A 2990 -12.85 13.20 -59.75
N THR A 2991 -13.30 11.94 -59.81
CA THR A 2991 -14.69 11.58 -59.60
C THR A 2991 -14.81 10.48 -58.54
N MET A 2992 -15.97 10.43 -57.90
CA MET A 2992 -16.23 9.39 -56.91
C MET A 2992 -16.55 8.08 -57.61
N ARG A 2993 -16.53 6.99 -56.83
CA ARG A 2993 -16.84 5.67 -57.36
C ARG A 2993 -17.47 4.83 -56.26
N THR A 2994 -18.13 3.75 -56.67
CA THR A 2994 -18.76 2.83 -55.73
C THR A 2994 -17.99 1.51 -55.73
N CYS A 2995 -17.74 0.97 -54.54
CA CYS A 2995 -16.94 -0.23 -54.41
C CYS A 2995 -17.63 -1.47 -54.98
N SER A 2996 -16.81 -2.34 -55.57
CA SER A 2996 -17.24 -3.70 -55.85
C SER A 2996 -17.34 -4.49 -54.56
N ALA A 2997 -18.31 -5.41 -54.50
CA ALA A 2997 -18.56 -6.16 -53.27
C ALA A 2997 -17.45 -7.14 -52.93
N GLY A 2998 -16.52 -7.39 -53.85
CA GLY A 2998 -15.48 -8.38 -53.62
C GLY A 2998 -14.18 -7.81 -53.09
N GLU A 2999 -13.73 -6.70 -53.66
CA GLU A 2999 -12.45 -6.14 -53.27
C GLU A 2999 -12.54 -5.45 -51.92
N PHE A 3000 -11.37 -5.13 -51.37
CA PHE A 3000 -11.32 -4.33 -50.14
C PHE A 3000 -11.84 -2.93 -50.41
N SER A 3001 -12.50 -2.35 -49.42
CA SER A 3001 -13.17 -1.05 -49.58
C SER A 3001 -12.51 -0.03 -48.69
N CYS A 3002 -11.52 0.68 -49.25
CA CYS A 3002 -10.95 1.82 -48.55
C CYS A 3002 -11.93 2.98 -48.55
N ALA A 3003 -12.18 3.54 -47.36
CA ALA A 3003 -13.11 4.66 -47.27
C ALA A 3003 -12.52 5.92 -47.88
N ASN A 3004 -11.39 6.39 -47.34
CA ASN A 3004 -10.71 7.53 -47.94
C ASN A 3004 -10.03 7.13 -49.24
N GLY A 3005 -9.42 5.94 -49.27
CA GLY A 3005 -8.63 5.53 -50.40
C GLY A 3005 -9.42 4.85 -51.49
N ARG A 3006 -8.69 4.38 -52.49
CA ARG A 3006 -9.30 3.73 -53.64
C ARG A 3006 -9.71 2.31 -53.29
N CYS A 3007 -10.71 1.81 -54.00
CA CYS A 3007 -11.24 0.49 -53.70
C CYS A 3007 -10.38 -0.57 -54.38
N VAL A 3008 -9.44 -1.14 -53.62
CA VAL A 3008 -8.35 -1.92 -54.19
C VAL A 3008 -8.49 -3.37 -53.77
N ARG A 3009 -7.57 -4.21 -54.25
CA ARG A 3009 -7.66 -5.65 -54.09
C ARG A 3009 -7.46 -6.05 -52.62
N GLN A 3010 -7.83 -7.30 -52.32
CA GLN A 3010 -7.73 -7.78 -50.95
C GLN A 3010 -6.31 -8.21 -50.59
N SER A 3011 -5.44 -8.36 -51.58
CA SER A 3011 -4.05 -8.70 -51.30
C SER A 3011 -3.34 -7.58 -50.56
N PHE A 3012 -3.86 -6.35 -50.65
CA PHE A 3012 -3.29 -5.19 -49.98
C PHE A 3012 -3.61 -5.16 -48.49
N ARG A 3013 -4.45 -6.07 -48.01
CA ARG A 3013 -4.81 -6.09 -46.60
C ARG A 3013 -3.67 -6.65 -45.76
N CYS A 3014 -3.14 -5.83 -44.85
CA CYS A 3014 -2.12 -6.24 -43.89
C CYS A 3014 -0.88 -6.81 -44.58
N ASP A 3015 -0.20 -5.94 -45.34
CA ASP A 3015 0.94 -6.38 -46.12
C ASP A 3015 2.16 -5.46 -46.01
N ARG A 3016 2.25 -4.62 -44.98
CA ARG A 3016 3.29 -3.61 -44.79
C ARG A 3016 3.29 -2.56 -45.90
N ARG A 3017 2.23 -2.45 -46.68
CA ARG A 3017 2.17 -1.48 -47.77
C ARG A 3017 0.95 -0.57 -47.59
N ASN A 3018 1.16 0.71 -47.89
CA ASN A 3018 0.08 1.68 -47.88
C ASN A 3018 -0.56 1.71 -49.27
N ASP A 3019 -1.86 1.43 -49.34
CA ASP A 3019 -2.52 1.28 -50.62
C ASP A 3019 -3.69 2.25 -50.75
N CYS A 3020 -4.46 2.43 -49.67
CA CYS A 3020 -5.51 3.44 -49.70
C CYS A 3020 -4.93 4.85 -49.68
N GLY A 3021 -3.62 4.99 -49.45
CA GLY A 3021 -2.97 6.27 -49.41
C GLY A 3021 -2.82 6.84 -48.02
N ASP A 3022 -3.59 6.32 -47.06
CA ASP A 3022 -3.52 6.76 -45.66
C ASP A 3022 -3.34 5.58 -44.71
N TYR A 3023 -2.84 4.45 -45.20
CA TYR A 3023 -2.61 3.23 -44.44
C TYR A 3023 -3.90 2.62 -43.89
N SER A 3024 -5.06 3.01 -44.43
CA SER A 3024 -6.32 2.44 -43.95
C SER A 3024 -6.42 0.94 -44.22
N ASP A 3025 -5.67 0.44 -45.20
CA ASP A 3025 -5.63 -1.00 -45.42
C ASP A 3025 -4.74 -1.70 -44.39
N GLU A 3026 -3.99 -0.93 -43.60
CA GLU A 3026 -3.16 -1.49 -42.54
C GLU A 3026 -3.64 -1.13 -41.14
N ARG A 3027 -4.67 -0.30 -41.02
CA ARG A 3027 -5.24 0.00 -39.71
C ARG A 3027 -6.07 -1.16 -39.20
N GLY A 3028 -5.83 -1.52 -37.94
CA GLY A 3028 -6.57 -2.61 -37.32
C GLY A 3028 -6.03 -3.97 -37.68
N CYS A 3029 -5.08 -3.99 -38.62
CA CYS A 3029 -4.50 -5.24 -39.06
C CYS A 3029 -3.56 -5.82 -38.00
N SER A 3030 -3.11 -7.05 -38.25
CA SER A 3030 -2.07 -7.71 -37.50
C SER A 3030 -1.04 -8.26 -38.49
N TYR A 3031 -0.11 -9.07 -38.01
CA TYR A 3031 0.87 -9.71 -38.87
C TYR A 3031 1.11 -11.14 -38.41
N PRO A 3032 0.95 -12.10 -39.31
CA PRO A 3032 1.44 -13.44 -39.00
C PRO A 3032 2.94 -13.43 -38.81
N PRO A 3033 3.47 -14.24 -37.90
CA PRO A 3033 4.92 -14.18 -37.62
C PRO A 3033 5.73 -14.48 -38.87
N CYS A 3034 6.81 -13.71 -39.06
CA CYS A 3034 7.65 -13.90 -40.22
C CYS A 3034 8.28 -15.29 -40.20
N HIS A 3035 8.38 -15.89 -41.39
CA HIS A 3035 8.89 -17.25 -41.50
C HIS A 3035 10.40 -17.27 -41.25
N ALA A 3036 10.98 -18.47 -41.34
CA ALA A 3036 12.41 -18.62 -41.12
C ALA A 3036 13.23 -17.81 -42.11
N ASN A 3037 12.77 -17.73 -43.36
CA ASN A 3037 13.45 -16.92 -44.36
C ASN A 3037 13.37 -15.43 -44.07
N GLN A 3038 12.30 -14.98 -43.43
CA GLN A 3038 12.05 -13.56 -43.19
C GLN A 3038 12.50 -13.20 -41.77
N PHE A 3039 13.60 -12.46 -41.67
CA PHE A 3039 14.00 -11.91 -40.39
C PHE A 3039 13.04 -10.79 -39.98
N THR A 3040 12.64 -10.81 -38.72
CA THR A 3040 11.66 -9.87 -38.19
C THR A 3040 12.38 -8.63 -37.69
N CYS A 3041 12.20 -7.51 -38.38
CA CYS A 3041 12.75 -6.25 -37.92
C CYS A 3041 12.05 -5.82 -36.63
N GLN A 3042 12.71 -4.91 -35.90
CA GLN A 3042 12.17 -4.47 -34.63
C GLN A 3042 10.82 -3.78 -34.79
N ASN A 3043 10.56 -3.16 -35.93
CA ASN A 3043 9.31 -2.46 -36.16
C ASN A 3043 8.24 -3.35 -36.77
N GLY A 3044 8.48 -4.63 -37.02
CA GLY A 3044 7.46 -5.51 -37.57
C GLY A 3044 7.60 -5.84 -39.04
N ARG A 3045 8.71 -5.49 -39.67
CA ARG A 3045 8.89 -5.78 -41.10
C ARG A 3045 9.50 -7.17 -41.26
N CYS A 3046 8.92 -7.96 -42.17
CA CYS A 3046 9.51 -9.25 -42.51
C CYS A 3046 10.45 -9.08 -43.70
N ILE A 3047 11.74 -9.21 -43.45
CA ILE A 3047 12.77 -8.98 -44.46
C ILE A 3047 13.50 -10.29 -44.72
N PRO A 3048 13.70 -10.67 -45.99
CA PRO A 3048 14.40 -11.93 -46.27
C PRO A 3048 15.85 -11.87 -45.79
N ARG A 3049 16.39 -13.05 -45.48
CA ARG A 3049 17.73 -13.13 -44.91
C ARG A 3049 18.81 -12.73 -45.91
N PHE A 3050 18.43 -12.39 -47.14
CA PHE A 3050 19.41 -11.92 -48.11
C PHE A 3050 19.79 -10.47 -47.81
N PHE A 3051 19.06 -9.81 -46.93
CA PHE A 3051 19.27 -8.37 -46.71
C PHE A 3051 19.82 -8.07 -45.33
N VAL A 3052 20.05 -9.07 -44.48
CA VAL A 3052 20.54 -8.82 -43.13
C VAL A 3052 22.02 -8.47 -43.22
N CYS A 3053 22.39 -7.32 -42.65
CA CYS A 3053 23.76 -6.82 -42.69
C CYS A 3053 24.28 -6.69 -44.12
N ASP A 3054 23.41 -6.21 -45.01
CA ASP A 3054 23.78 -5.97 -46.40
C ASP A 3054 24.19 -4.52 -46.64
N GLU A 3055 24.50 -3.79 -45.57
CA GLU A 3055 24.89 -2.37 -45.60
C GLU A 3055 23.81 -1.47 -46.17
N ASP A 3056 22.55 -1.89 -46.11
CA ASP A 3056 21.42 -1.10 -46.57
C ASP A 3056 20.28 -1.20 -45.57
N ASN A 3057 19.65 -0.06 -45.27
CA ASN A 3057 18.54 -0.02 -44.33
C ASN A 3057 17.28 -0.44 -45.07
N ASP A 3058 16.97 -1.73 -45.02
CA ASP A 3058 15.77 -2.25 -45.65
C ASP A 3058 14.55 -2.20 -44.74
N CYS A 3059 14.72 -2.40 -43.43
CA CYS A 3059 13.58 -2.38 -42.52
C CYS A 3059 12.97 -0.98 -42.43
N GLY A 3060 13.77 0.06 -42.61
CA GLY A 3060 13.34 1.43 -42.43
C GLY A 3060 13.80 2.05 -41.13
N ASP A 3061 14.29 1.23 -40.21
CA ASP A 3061 14.79 1.70 -38.92
C ASP A 3061 16.27 1.40 -38.69
N GLY A 3062 16.92 0.71 -39.62
CA GLY A 3062 18.30 0.34 -39.43
C GLY A 3062 18.52 -0.84 -38.51
N SER A 3063 17.46 -1.52 -38.08
CA SER A 3063 17.61 -2.69 -37.22
C SER A 3063 18.39 -3.80 -37.91
N ASP A 3064 18.15 -4.03 -39.20
CA ASP A 3064 18.79 -5.13 -39.91
C ASP A 3064 20.30 -4.98 -39.93
N GLU A 3065 20.81 -3.74 -39.94
CA GLU A 3065 22.23 -3.50 -40.04
C GLU A 3065 22.85 -3.04 -38.71
N GLN A 3066 22.25 -3.40 -37.58
CA GLN A 3066 22.81 -3.01 -36.30
C GLN A 3066 24.08 -3.80 -36.01
N GLU A 3067 24.90 -3.26 -35.11
CA GLU A 3067 26.23 -3.80 -34.88
C GLU A 3067 26.22 -5.12 -34.14
N HIS A 3068 25.06 -5.52 -33.58
CA HIS A 3068 24.99 -6.81 -32.89
C HIS A 3068 25.25 -7.97 -33.83
N LEU A 3069 24.87 -7.82 -35.10
CA LEU A 3069 25.15 -8.82 -36.12
C LEU A 3069 26.23 -8.39 -37.10
N CYS A 3070 26.57 -7.10 -37.12
CA CYS A 3070 27.51 -6.58 -38.10
C CYS A 3070 28.87 -6.28 -37.47
N HIS A 3071 29.31 -7.11 -36.52
CA HIS A 3071 30.65 -6.99 -35.98
C HIS A 3071 31.63 -7.94 -36.67
N THR A 3072 31.38 -9.25 -36.58
CA THR A 3072 32.18 -10.30 -37.21
C THR A 3072 33.65 -10.14 -36.84
N PRO A 3073 34.04 -10.46 -35.61
CA PRO A 3073 35.43 -10.24 -35.20
C PRO A 3073 36.42 -11.10 -35.98
N GLU A 3074 37.62 -10.57 -36.14
CA GLU A 3074 38.69 -11.22 -36.87
C GLU A 3074 39.47 -12.16 -35.95
N PRO A 3075 40.20 -13.11 -36.52
CA PRO A 3075 40.98 -14.04 -35.68
C PRO A 3075 42.01 -13.30 -34.83
N THR A 3076 42.23 -13.81 -33.62
CA THR A 3076 43.11 -13.17 -32.66
C THR A 3076 44.47 -13.83 -32.54
N CYS A 3077 44.56 -15.14 -32.80
CA CYS A 3077 45.80 -15.90 -32.63
C CYS A 3077 46.39 -15.69 -31.24
N PRO A 3078 45.81 -16.29 -30.21
CA PRO A 3078 46.35 -16.11 -28.85
C PRO A 3078 47.73 -16.73 -28.73
N LEU A 3079 48.27 -16.68 -27.50
CA LEU A 3079 49.62 -17.18 -27.25
C LEU A 3079 49.75 -18.63 -27.72
N HIS A 3080 50.99 -19.02 -28.01
CA HIS A 3080 51.42 -20.24 -28.69
C HIS A 3080 51.20 -20.16 -30.19
N GLN A 3081 50.60 -19.09 -30.70
CA GLN A 3081 50.55 -18.82 -32.13
C GLN A 3081 50.62 -17.31 -32.33
N PHE A 3082 51.11 -16.91 -33.51
CA PHE A 3082 51.50 -15.53 -33.74
C PHE A 3082 50.72 -14.97 -34.91
N ARG A 3083 50.22 -13.75 -34.75
CA ARG A 3083 49.40 -13.10 -35.76
C ARG A 3083 50.25 -12.09 -36.54
N CYS A 3084 50.26 -12.24 -37.87
CA CYS A 3084 50.91 -11.28 -38.76
C CYS A 3084 49.87 -10.78 -39.76
N ASP A 3085 49.80 -9.46 -39.92
CA ASP A 3085 48.88 -8.79 -40.85
C ASP A 3085 47.47 -9.19 -40.47
N ASN A 3086 46.69 -9.81 -41.36
CA ASN A 3086 45.27 -10.08 -41.12
C ASN A 3086 45.03 -11.54 -40.70
N GLY A 3087 45.19 -11.78 -39.41
CA GLY A 3087 44.73 -13.01 -38.80
C GLY A 3087 45.55 -14.25 -39.08
N HIS A 3088 46.70 -14.11 -39.73
CA HIS A 3088 47.51 -15.28 -40.07
C HIS A 3088 48.19 -15.86 -38.83
N CYS A 3089 47.55 -16.86 -38.22
CA CYS A 3089 48.04 -17.46 -36.98
C CYS A 3089 49.18 -18.44 -37.26
N ILE A 3090 50.21 -17.93 -37.96
CA ILE A 3090 51.32 -18.79 -38.32
C ILE A 3090 52.26 -18.97 -37.13
N GLU A 3091 53.08 -20.01 -37.20
CA GLU A 3091 53.98 -20.36 -36.11
C GLU A 3091 54.97 -19.23 -35.86
N MET A 3092 55.39 -19.08 -34.61
CA MET A 3092 56.40 -18.08 -34.28
C MET A 3092 57.74 -18.37 -34.95
N GLY A 3093 57.93 -19.62 -35.39
CA GLY A 3093 59.10 -19.91 -36.21
C GLY A 3093 59.07 -19.25 -37.57
N ARG A 3094 57.90 -18.84 -38.05
CA ARG A 3094 57.77 -18.10 -39.29
C ARG A 3094 57.95 -16.61 -39.11
N VAL A 3095 58.58 -16.17 -38.03
CA VAL A 3095 58.81 -14.75 -37.80
C VAL A 3095 60.15 -14.35 -38.40
N CYS A 3096 60.10 -13.49 -39.42
CA CYS A 3096 61.29 -12.96 -40.06
C CYS A 3096 62.22 -14.08 -40.53
N ASN A 3097 61.64 -15.16 -41.02
CA ASN A 3097 62.43 -16.32 -41.41
C ASN A 3097 62.64 -16.37 -42.92
N HIS A 3098 62.56 -15.20 -43.56
CA HIS A 3098 62.83 -15.04 -45.00
C HIS A 3098 61.80 -15.74 -45.87
N VAL A 3099 60.77 -16.33 -45.26
CA VAL A 3099 59.71 -16.96 -46.03
C VAL A 3099 58.49 -16.04 -46.00
N ASP A 3100 58.13 -15.48 -47.16
CA ASP A 3100 57.00 -14.56 -47.26
C ASP A 3100 55.70 -15.36 -47.29
N ASP A 3101 55.21 -15.68 -46.10
CA ASP A 3101 53.90 -16.28 -45.94
C ASP A 3101 52.93 -15.40 -45.15
N CYS A 3102 53.45 -14.38 -44.46
CA CYS A 3102 52.63 -13.51 -43.60
C CYS A 3102 52.02 -12.40 -44.45
N SER A 3103 51.08 -12.81 -45.31
CA SER A 3103 50.41 -11.93 -46.28
C SER A 3103 51.51 -11.29 -47.14
N ASP A 3104 51.52 -9.98 -47.32
CA ASP A 3104 52.56 -9.30 -48.10
C ASP A 3104 53.72 -9.00 -47.17
N ASN A 3105 54.43 -10.07 -46.76
CA ASN A 3105 55.60 -10.03 -45.88
C ASN A 3105 55.50 -8.96 -44.80
N SER A 3106 54.45 -9.04 -43.98
CA SER A 3106 54.25 -8.05 -42.92
C SER A 3106 55.39 -8.04 -41.90
N ASP A 3107 56.06 -9.17 -41.69
CA ASP A 3107 57.16 -9.27 -40.74
C ASP A 3107 58.54 -9.16 -41.38
N GLU A 3108 58.70 -9.55 -42.65
CA GLU A 3108 59.97 -9.32 -43.33
C GLU A 3108 60.14 -7.85 -43.74
N LYS A 3109 59.04 -7.11 -43.89
CA LYS A 3109 59.16 -5.71 -44.30
C LYS A 3109 59.70 -4.82 -43.19
N GLY A 3110 59.66 -5.28 -41.95
CA GLY A 3110 60.30 -4.57 -40.86
C GLY A 3110 61.45 -5.37 -40.28
N CYS A 3111 61.36 -5.75 -39.01
CA CYS A 3111 62.31 -6.64 -38.34
C CYS A 3111 63.75 -6.15 -38.44
N GLY A 3112 63.96 -4.84 -38.26
CA GLY A 3112 65.30 -4.28 -38.34
C GLY A 3112 65.96 -4.14 -36.98
N ILE A 3113 66.82 -3.13 -36.87
CA ILE A 3113 67.50 -2.85 -35.61
C ILE A 3113 66.51 -2.20 -34.64
N ASN A 3114 66.93 -2.10 -33.39
CA ASN A 3114 66.09 -1.48 -32.36
C ASN A 3114 65.78 -0.04 -32.73
N GLU A 3115 64.51 0.22 -33.08
CA GLU A 3115 64.13 1.56 -33.53
C GLU A 3115 63.94 2.54 -32.39
N CYS A 3116 63.96 2.05 -31.14
CA CYS A 3116 63.76 2.95 -30.01
C CYS A 3116 65.06 3.35 -29.34
N LEU A 3117 66.20 2.95 -29.90
CA LEU A 3117 67.48 3.52 -29.46
C LEU A 3117 67.67 4.94 -29.96
N ASP A 3118 66.76 5.45 -30.76
CA ASP A 3118 66.85 6.81 -31.29
C ASP A 3118 65.44 7.37 -31.45
N SER A 3119 65.38 8.68 -31.63
CA SER A 3119 64.11 9.38 -31.85
C SER A 3119 63.76 9.52 -33.31
N SER A 3120 64.47 8.82 -34.20
CA SER A 3120 64.17 8.91 -35.63
C SER A 3120 62.90 8.13 -35.98
N ILE A 3121 62.56 7.13 -35.16
CA ILE A 3121 61.42 6.27 -35.48
C ILE A 3121 60.43 6.23 -34.31
N SER A 3122 60.91 5.82 -33.14
CA SER A 3122 60.00 5.49 -32.05
C SER A 3122 59.38 6.74 -31.43
N ARG A 3123 60.21 7.61 -30.84
CA ARG A 3123 59.75 8.80 -30.14
C ARG A 3123 58.75 8.48 -29.04
N CYS A 3124 58.88 7.30 -28.43
CA CYS A 3124 58.05 6.96 -27.29
C CYS A 3124 58.37 7.86 -26.10
N ASP A 3125 57.34 8.24 -25.35
CA ASP A 3125 57.52 9.20 -24.26
C ASP A 3125 58.20 8.56 -23.06
N HIS A 3126 57.55 7.56 -22.46
CA HIS A 3126 58.01 7.01 -21.19
C HIS A 3126 58.92 5.81 -21.37
N ASN A 3127 58.43 4.74 -22.00
CA ASN A 3127 59.16 3.49 -22.05
C ASN A 3127 59.15 2.93 -23.46
N CYS A 3128 60.06 2.00 -23.70
CA CYS A 3128 60.20 1.30 -24.97
C CYS A 3128 60.02 -0.19 -24.75
N THR A 3129 59.30 -0.84 -25.66
CA THR A 3129 59.24 -2.30 -25.74
C THR A 3129 59.45 -2.66 -27.21
N ASP A 3130 60.71 -2.80 -27.59
CA ASP A 3130 61.02 -3.30 -28.92
C ASP A 3130 60.99 -4.83 -28.89
N THR A 3131 60.20 -5.40 -29.78
CA THR A 3131 59.95 -6.83 -29.75
C THR A 3131 59.99 -7.35 -31.19
N ILE A 3132 59.47 -8.57 -31.38
CA ILE A 3132 59.49 -9.19 -32.70
C ILE A 3132 58.77 -8.30 -33.70
N THR A 3133 59.51 -7.90 -34.75
CA THR A 3133 58.99 -7.28 -35.96
C THR A 3133 58.51 -5.84 -35.77
N SER A 3134 58.44 -5.35 -34.53
CA SER A 3134 57.88 -4.03 -34.30
C SER A 3134 58.15 -3.59 -32.86
N PHE A 3135 57.58 -2.45 -32.50
CA PHE A 3135 57.68 -1.87 -31.17
C PHE A 3135 56.33 -1.27 -30.81
N TYR A 3136 56.19 -0.86 -29.55
CA TYR A 3136 54.99 -0.15 -29.12
C TYR A 3136 55.32 0.75 -27.94
N CYS A 3137 54.72 1.94 -27.95
CA CYS A 3137 54.87 2.88 -26.86
C CYS A 3137 54.01 2.45 -25.67
N SER A 3138 54.48 2.79 -24.47
CA SER A 3138 53.74 2.52 -23.24
C SER A 3138 54.13 3.56 -22.22
N CYS A 3139 53.29 3.70 -21.19
CA CYS A 3139 53.41 4.79 -20.23
C CYS A 3139 53.51 4.25 -18.81
N LEU A 3140 54.16 5.03 -17.96
CA LEU A 3140 54.33 4.69 -16.55
C LEU A 3140 52.99 4.77 -15.83
N PRO A 3141 52.82 4.02 -14.75
CA PRO A 3141 51.57 4.11 -13.97
C PRO A 3141 51.28 5.53 -13.53
N GLY A 3142 50.00 5.88 -13.56
CA GLY A 3142 49.56 7.25 -13.38
C GLY A 3142 49.34 8.01 -14.65
N TYR A 3143 49.68 7.43 -15.81
CA TYR A 3143 49.48 8.05 -17.11
C TYR A 3143 48.69 7.11 -18.01
N LYS A 3144 47.79 7.67 -18.80
CA LYS A 3144 46.93 6.89 -19.67
C LYS A 3144 47.41 6.98 -21.12
N LEU A 3145 47.39 5.84 -21.80
CA LEU A 3145 47.71 5.77 -23.23
C LEU A 3145 46.77 6.69 -23.99
N MET A 3146 47.29 7.79 -24.53
CA MET A 3146 46.43 8.74 -25.23
C MET A 3146 45.96 8.17 -26.57
N SER A 3147 44.90 8.76 -27.10
CA SER A 3147 44.27 8.24 -28.31
C SER A 3147 45.16 8.35 -29.54
N ASP A 3148 46.19 9.21 -29.51
CA ASP A 3148 47.07 9.33 -30.66
C ASP A 3148 48.09 8.21 -30.73
N LYS A 3149 48.15 7.33 -29.72
CA LYS A 3149 49.06 6.20 -29.69
C LYS A 3149 50.52 6.64 -29.75
N ARG A 3150 50.81 7.85 -29.27
CA ARG A 3150 52.17 8.37 -29.25
C ARG A 3150 52.61 8.86 -27.89
N SER A 3151 51.73 9.51 -27.13
CA SER A 3151 52.11 10.18 -25.89
C SER A 3151 51.21 9.73 -24.74
N CYS A 3152 51.49 10.30 -23.57
CA CYS A 3152 50.87 9.90 -22.31
C CYS A 3152 50.20 11.11 -21.66
N VAL A 3153 49.01 10.88 -21.09
CA VAL A 3153 48.24 11.92 -20.41
C VAL A 3153 48.04 11.49 -18.97
N ASP A 3154 48.22 12.45 -18.05
CA ASP A 3154 48.05 12.17 -16.64
C ASP A 3154 46.61 11.75 -16.34
N ILE A 3155 46.45 10.66 -15.60
CA ILE A 3155 45.12 10.18 -15.25
C ILE A 3155 44.57 11.02 -14.10
N ASP A 3156 43.31 11.40 -14.20
CA ASP A 3156 42.61 12.10 -13.12
C ASP A 3156 41.96 11.05 -12.23
N GLU A 3157 42.78 10.47 -11.34
CA GLU A 3157 42.33 9.32 -10.56
C GLU A 3157 41.13 9.66 -9.67
N CYS A 3158 40.96 10.94 -9.31
CA CYS A 3158 39.85 11.31 -8.44
C CYS A 3158 38.53 11.27 -9.20
N LYS A 3159 38.41 12.09 -10.26
CA LYS A 3159 37.15 12.17 -10.99
C LYS A 3159 36.87 10.89 -11.76
N GLU A 3160 37.90 10.26 -12.33
CA GLU A 3160 37.70 9.07 -13.14
C GLU A 3160 37.30 7.87 -12.30
N SER A 3161 37.85 7.73 -11.09
CA SER A 3161 37.60 6.56 -10.24
C SER A 3161 37.65 6.99 -8.78
N PRO A 3162 36.54 7.50 -8.26
CA PRO A 3162 36.52 7.90 -6.84
C PRO A 3162 36.71 6.74 -5.89
N GLN A 3163 36.59 5.50 -6.37
CA GLN A 3163 36.72 4.33 -5.51
C GLN A 3163 38.10 4.23 -4.87
N LEU A 3164 39.12 4.87 -5.45
CA LEU A 3164 40.48 4.70 -4.97
C LEU A 3164 40.68 5.19 -3.54
N CYS A 3165 40.12 6.34 -3.18
CA CYS A 3165 40.29 6.83 -1.82
C CYS A 3165 38.94 7.25 -1.27
N SER A 3166 38.81 7.11 0.06
CA SER A 3166 37.48 7.00 0.67
C SER A 3166 36.68 8.28 0.56
N GLN A 3167 37.24 9.42 0.96
CA GLN A 3167 36.37 10.58 1.21
C GLN A 3167 36.57 11.72 0.23
N LYS A 3168 37.79 12.24 0.12
CA LYS A 3168 38.02 13.36 -0.78
C LYS A 3168 39.38 13.18 -1.43
N CYS A 3169 39.44 13.41 -2.74
CA CYS A 3169 40.64 13.13 -3.51
C CYS A 3169 41.13 14.41 -4.16
N GLU A 3170 42.44 14.62 -4.11
CA GLU A 3170 43.09 15.73 -4.82
C GLU A 3170 44.02 15.14 -5.86
N ASN A 3171 43.78 15.50 -7.13
CA ASN A 3171 44.58 14.95 -8.22
C ASN A 3171 45.95 15.62 -8.27
N VAL A 3172 46.96 14.80 -8.53
CA VAL A 3172 48.31 15.28 -8.80
C VAL A 3172 48.81 14.53 -10.04
N VAL A 3173 49.80 15.12 -10.69
CA VAL A 3173 50.26 14.58 -11.97
C VAL A 3173 50.93 13.22 -11.77
N GLY A 3174 50.27 12.17 -12.24
CA GLY A 3174 50.80 10.83 -12.15
C GLY A 3174 50.54 10.10 -10.85
N SER A 3175 49.72 10.66 -9.97
CA SER A 3175 49.40 10.03 -8.69
C SER A 3175 48.18 10.72 -8.12
N TYR A 3176 47.87 10.42 -6.85
CA TYR A 3176 46.73 11.04 -6.19
C TYR A 3176 47.00 11.11 -4.70
N ILE A 3177 46.32 12.05 -4.04
CA ILE A 3177 46.33 12.15 -2.58
C ILE A 3177 44.88 12.31 -2.13
N CYS A 3178 44.54 11.61 -1.05
CA CYS A 3178 43.18 11.68 -0.52
C CYS A 3178 43.19 12.24 0.89
N LYS A 3179 42.43 13.31 1.08
CA LYS A 3179 42.29 13.97 2.36
C LYS A 3179 40.89 13.71 2.88
N CYS A 3180 40.74 13.64 4.20
CA CYS A 3180 39.43 13.48 4.80
C CYS A 3180 38.78 14.84 5.01
N ALA A 3181 37.46 14.87 4.88
CA ALA A 3181 36.69 16.09 5.02
C ALA A 3181 36.74 16.57 6.46
N PRO A 3182 36.44 17.86 6.70
CA PRO A 3182 36.49 18.38 8.08
C PRO A 3182 35.66 17.53 9.03
N GLY A 3183 36.29 17.12 10.13
CA GLY A 3183 35.63 16.28 11.12
C GLY A 3183 36.02 14.82 11.08
N TYR A 3184 37.00 14.45 10.27
CA TYR A 3184 37.41 13.05 10.13
C TYR A 3184 38.91 12.92 10.34
N ILE A 3185 39.32 11.75 10.82
CA ILE A 3185 40.72 11.44 11.08
C ILE A 3185 41.19 10.42 10.05
N ARG A 3186 42.33 10.70 9.42
CA ARG A 3186 42.89 9.83 8.40
C ARG A 3186 43.68 8.70 9.06
N GLU A 3187 43.30 7.47 8.77
CA GLU A 3187 43.94 6.30 9.35
C GLU A 3187 45.38 6.18 8.83
N PRO A 3188 46.26 5.54 9.60
CA PRO A 3188 47.67 5.46 9.19
C PRO A 3188 47.91 4.82 7.83
N ASP A 3189 46.97 4.02 7.31
CA ASP A 3189 47.16 3.50 5.95
C ASP A 3189 47.04 4.58 4.89
N GLY A 3190 46.56 5.76 5.25
CA GLY A 3190 46.51 6.88 4.33
C GLY A 3190 45.26 6.96 3.48
N LYS A 3191 44.37 5.99 3.55
CA LYS A 3191 43.16 5.97 2.74
C LYS A 3191 41.89 6.02 3.57
N SER A 3192 41.80 5.17 4.59
CA SER A 3192 40.58 5.11 5.40
C SER A 3192 40.44 6.35 6.27
N CYS A 3193 39.22 6.87 6.35
CA CYS A 3193 38.90 7.97 7.23
C CYS A 3193 37.93 7.49 8.30
N ARG A 3194 38.13 7.97 9.53
CA ARG A 3194 37.33 7.58 10.68
C ARG A 3194 36.66 8.81 11.26
N GLN A 3195 35.39 8.68 11.65
CA GLN A 3195 34.67 9.80 12.21
C GLN A 3195 35.25 10.15 13.58
N ASN A 3196 35.40 11.46 13.84
CA ASN A 3196 36.10 11.89 15.05
C ASN A 3196 35.14 12.28 16.16
N SER A 3197 33.94 12.71 15.82
CA SER A 3197 32.97 13.07 16.84
C SER A 3197 32.63 11.86 17.70
N ASN A 3198 32.56 12.08 19.01
CA ASN A 3198 32.23 11.00 19.93
C ASN A 3198 30.77 10.58 19.85
N ILE A 3199 29.93 11.34 19.13
CA ILE A 3199 28.57 10.90 18.88
C ILE A 3199 28.59 9.70 17.94
N GLU A 3200 27.87 8.65 18.32
CA GLU A 3200 27.86 7.49 17.45
C GLU A 3200 26.64 7.51 16.55
N PRO A 3201 26.76 7.01 15.33
CA PRO A 3201 25.61 7.03 14.42
C PRO A 3201 24.60 5.96 14.76
N TYR A 3202 23.35 6.16 14.34
CA TYR A 3202 22.33 5.14 14.42
C TYR A 3202 21.30 5.40 13.33
N LEU A 3203 20.84 4.32 12.71
CA LEU A 3203 19.91 4.42 11.60
C LEU A 3203 18.51 4.72 12.12
N ILE A 3204 17.90 5.76 11.58
CA ILE A 3204 16.47 5.97 11.74
C ILE A 3204 15.79 5.60 10.43
N PHE A 3205 14.97 4.56 10.46
CA PHE A 3205 14.32 4.08 9.25
C PHE A 3205 12.83 3.97 9.48
N SER A 3206 12.08 4.28 8.43
CA SER A 3206 10.64 4.45 8.50
C SER A 3206 9.92 3.18 8.07
N ASN A 3207 9.69 2.28 9.01
CA ASN A 3207 8.81 1.16 8.78
C ASN A 3207 7.38 1.66 8.66
N ARG A 3208 6.51 0.84 8.07
CA ARG A 3208 5.09 1.10 8.19
C ARG A 3208 4.69 1.00 9.66
N TYR A 3209 3.86 1.95 10.10
CA TYR A 3209 3.31 1.97 11.46
C TYR A 3209 4.35 2.34 12.53
N TYR A 3210 5.62 2.47 12.16
CA TYR A 3210 6.66 2.71 13.14
C TYR A 3210 7.76 3.60 12.58
N ILE A 3211 8.41 4.33 13.48
CA ILE A 3211 9.68 4.98 13.20
C ILE A 3211 10.70 4.33 14.11
N ARG A 3212 11.76 3.77 13.52
CA ARG A 3212 12.59 2.82 14.22
C ARG A 3212 14.02 3.33 14.40
N ASN A 3213 14.64 2.86 15.47
CA ASN A 3213 15.98 3.27 15.88
C ASN A 3213 16.87 2.04 15.83
N LEU A 3214 17.62 1.89 14.74
CA LEU A 3214 18.48 0.74 14.53
C LEU A 3214 19.93 1.18 14.55
N THR A 3215 20.75 0.54 15.37
CA THR A 3215 22.16 0.88 15.43
C THR A 3215 22.87 0.34 14.19
N THR A 3216 23.99 0.98 13.85
CA THR A 3216 24.70 0.65 12.62
C THR A 3216 25.22 -0.78 12.60
N ASP A 3217 25.81 -1.26 13.68
CA ASP A 3217 26.33 -2.62 13.71
C ASP A 3217 25.23 -3.68 13.75
N GLY A 3218 24.03 -3.33 14.19
CA GLY A 3218 22.95 -4.28 14.32
C GLY A 3218 22.72 -4.79 15.72
N SER A 3219 23.42 -4.26 16.72
CA SER A 3219 23.28 -4.77 18.07
C SER A 3219 21.95 -4.37 18.70
N SER A 3220 21.54 -3.11 18.55
CA SER A 3220 20.33 -2.60 19.16
C SER A 3220 19.24 -2.43 18.11
N TYR A 3221 17.99 -2.47 18.57
CA TYR A 3221 16.83 -2.37 17.69
C TYR A 3221 15.67 -1.89 18.55
N SER A 3222 15.28 -0.63 18.39
CA SER A 3222 14.30 -0.03 19.28
C SER A 3222 13.23 0.66 18.48
N LEU A 3223 12.24 1.19 19.20
CA LEU A 3223 11.17 1.96 18.58
C LEU A 3223 11.27 3.42 18.98
N ILE A 3224 11.10 4.31 18.02
CA ILE A 3224 11.02 5.74 18.31
C ILE A 3224 9.58 6.19 18.43
N LEU A 3225 8.72 5.68 17.54
CA LEU A 3225 7.29 5.99 17.57
C LEU A 3225 6.52 4.80 17.02
N GLN A 3226 5.27 4.68 17.45
CA GLN A 3226 4.44 3.57 17.00
C GLN A 3226 2.99 4.00 16.97
N GLY A 3227 2.20 3.29 16.18
CA GLY A 3227 0.81 3.63 16.02
C GLY A 3227 0.53 4.67 14.97
N LEU A 3228 1.48 4.91 14.07
CA LEU A 3228 1.29 5.88 13.01
C LEU A 3228 0.45 5.27 11.89
N GLY A 3229 -0.07 6.13 11.01
CA GLY A 3229 -0.90 5.65 9.93
C GLY A 3229 -0.11 4.89 8.88
N ASN A 3230 0.78 5.59 8.18
CA ASN A 3230 1.63 5.00 7.17
C ASN A 3230 2.74 5.97 6.82
N VAL A 3231 3.97 5.71 7.25
CA VAL A 3231 5.05 6.71 7.16
C VAL A 3231 5.89 6.32 5.97
N VAL A 3232 5.73 7.09 4.88
CA VAL A 3232 6.39 6.76 3.63
C VAL A 3232 7.76 7.42 3.51
N ALA A 3233 8.00 8.50 4.25
CA ALA A 3233 9.29 9.18 4.17
C ALA A 3233 9.44 10.13 5.34
N LEU A 3234 10.65 10.20 5.88
CA LEU A 3234 10.95 11.10 6.99
C LEU A 3234 12.31 11.74 6.76
N ASP A 3235 12.57 12.79 7.54
CA ASP A 3235 13.87 13.44 7.55
C ASP A 3235 14.01 14.20 8.86
N PHE A 3236 15.25 14.29 9.34
CA PHE A 3236 15.54 14.86 10.64
C PHE A 3236 16.04 16.29 10.49
N ASP A 3237 16.11 16.98 11.63
CA ASP A 3237 16.66 18.33 11.71
C ASP A 3237 17.66 18.35 12.86
N ARG A 3238 18.91 18.67 12.55
CA ARG A 3238 19.97 18.59 13.56
C ARG A 3238 19.92 19.79 14.50
N VAL A 3239 19.48 20.95 14.01
CA VAL A 3239 19.59 22.18 14.78
C VAL A 3239 18.70 22.15 16.01
N GLU A 3240 17.46 21.69 15.86
CA GLU A 3240 16.50 21.65 16.96
C GLU A 3240 16.21 20.23 17.44
N LYS A 3241 16.92 19.24 16.93
CA LYS A 3241 16.70 17.83 17.27
C LYS A 3241 15.27 17.39 16.95
N ARG A 3242 14.67 17.95 15.92
CA ARG A 3242 13.32 17.59 15.52
C ARG A 3242 13.35 16.38 14.59
N LEU A 3243 12.17 16.02 14.10
CA LEU A 3243 12.00 14.87 13.22
C LEU A 3243 10.71 15.03 12.43
N TYR A 3244 10.85 15.27 11.12
CA TYR A 3244 9.72 15.49 10.24
C TYR A 3244 9.43 14.21 9.45
N TRP A 3245 8.17 14.00 9.09
CA TRP A 3245 7.81 12.82 8.34
C TRP A 3245 6.50 13.06 7.61
N ILE A 3246 6.17 12.14 6.70
CA ILE A 3246 4.90 12.13 5.99
C ILE A 3246 4.05 10.99 6.54
N ASP A 3247 2.73 11.14 6.48
CA ASP A 3247 1.81 10.09 6.91
C ASP A 3247 0.76 9.94 5.81
N ALA A 3248 1.02 9.04 4.86
CA ALA A 3248 0.22 8.94 3.66
C ALA A 3248 -1.23 8.56 3.93
N GLU A 3249 -1.52 7.84 5.00
CA GLU A 3249 -2.90 7.48 5.31
C GLU A 3249 -3.68 8.65 5.89
N LYS A 3250 -3.02 9.70 6.35
CA LYS A 3250 -3.69 10.88 6.88
C LYS A 3250 -3.39 12.13 6.08
N GLN A 3251 -2.49 12.09 5.10
CA GLN A 3251 -2.14 13.24 4.28
C GLN A 3251 -1.67 14.42 5.14
N ILE A 3252 -0.82 14.13 6.12
CA ILE A 3252 -0.28 15.16 6.98
C ILE A 3252 1.24 15.01 7.05
N ILE A 3253 1.89 16.08 7.48
CA ILE A 3253 3.31 16.10 7.81
C ILE A 3253 3.44 16.55 9.25
N GLU A 3254 4.05 15.72 10.09
CA GLU A 3254 4.18 16.03 11.50
C GLU A 3254 5.62 16.40 11.82
N ARG A 3255 5.83 16.81 13.06
CA ARG A 3255 7.16 17.03 13.59
C ARG A 3255 7.16 16.80 15.09
N MET A 3256 8.33 16.51 15.63
CA MET A 3256 8.46 16.09 17.01
C MET A 3256 9.94 16.03 17.36
N PHE A 3257 10.27 16.43 18.59
CA PHE A 3257 11.64 16.35 19.06
C PHE A 3257 12.10 14.91 19.14
N LEU A 3258 13.38 14.70 19.37
CA LEU A 3258 13.89 13.34 19.43
C LEU A 3258 13.63 12.67 20.77
N ASN A 3259 13.25 13.43 21.79
CA ASN A 3259 12.92 12.83 23.07
C ASN A 3259 11.43 12.54 23.16
N LYS A 3260 10.81 12.33 22.00
CA LYS A 3260 9.43 11.86 21.87
C LYS A 3260 8.39 12.87 22.35
N THR A 3261 8.78 14.11 22.56
CA THR A 3261 7.82 15.08 23.09
C THR A 3261 7.48 16.15 22.06
N ASN A 3262 6.36 16.83 22.31
CA ASN A 3262 5.93 17.98 21.52
C ASN A 3262 5.59 17.57 20.08
N ARG A 3263 4.83 16.49 19.94
CA ARG A 3263 4.35 16.09 18.63
C ARG A 3263 3.34 17.11 18.10
N GLU A 3264 3.48 17.49 16.83
CA GLU A 3264 2.66 18.56 16.28
C GLU A 3264 2.55 18.43 14.77
N THR A 3265 1.33 18.54 14.25
CA THR A 3265 1.10 18.56 12.80
C THR A 3265 1.36 19.95 12.27
N ILE A 3266 2.06 20.04 11.13
CA ILE A 3266 2.41 21.35 10.59
C ILE A 3266 1.73 21.58 9.24
N ILE A 3267 1.38 20.52 8.53
CA ILE A 3267 0.73 20.62 7.23
C ILE A 3267 -0.42 19.63 7.17
N ASN A 3268 -1.61 20.11 6.84
CA ASN A 3268 -2.78 19.24 6.73
C ASN A 3268 -3.63 19.57 5.51
N HIS A 3269 -3.39 20.71 4.88
CA HIS A 3269 -4.23 21.16 3.78
C HIS A 3269 -3.53 21.03 2.44
N ARG A 3270 -4.30 20.59 1.44
CA ARG A 3270 -3.88 20.56 0.04
C ARG A 3270 -2.56 19.80 -0.12
N LEU A 3271 -2.60 18.53 0.30
CA LEU A 3271 -1.45 17.64 0.18
C LEU A 3271 -2.00 16.29 -0.27
N ARG A 3272 -2.05 16.08 -1.59
CA ARG A 3272 -2.73 14.91 -2.13
C ARG A 3272 -1.96 13.62 -1.89
N ARG A 3273 -0.76 13.51 -2.45
CA ARG A 3273 0.07 12.32 -2.23
C ARG A 3273 1.53 12.76 -2.18
N ALA A 3274 1.99 13.07 -0.96
CA ALA A 3274 3.37 13.48 -0.76
C ALA A 3274 4.26 12.24 -0.81
N GLU A 3275 5.24 12.24 -1.71
CA GLU A 3275 6.02 11.04 -1.91
C GLU A 3275 7.27 11.01 -1.03
N SER A 3276 7.95 12.15 -0.90
CA SER A 3276 9.17 12.20 -0.09
C SER A 3276 9.37 13.63 0.37
N LEU A 3277 10.33 13.82 1.28
CA LEU A 3277 10.68 15.16 1.75
C LEU A 3277 12.11 15.18 2.21
N ALA A 3278 12.64 16.41 2.32
CA ALA A 3278 13.94 16.67 2.89
C ALA A 3278 13.87 17.99 3.62
N VAL A 3279 14.79 18.21 4.55
CA VAL A 3279 14.77 19.38 5.43
C VAL A 3279 15.97 20.25 5.08
N ASP A 3280 15.70 21.51 4.74
CA ASP A 3280 16.74 22.48 4.44
C ASP A 3280 17.22 23.07 5.76
N TRP A 3281 18.17 22.38 6.40
CA TRP A 3281 18.61 22.78 7.73
C TRP A 3281 19.33 24.11 7.74
N VAL A 3282 19.71 24.64 6.58
CA VAL A 3282 20.49 25.87 6.52
C VAL A 3282 19.56 27.07 6.63
N SER A 3283 18.63 27.20 5.70
CA SER A 3283 17.72 28.34 5.69
C SER A 3283 16.35 28.01 6.27
N ARG A 3284 16.30 26.96 7.09
CA ARG A 3284 15.05 26.59 7.78
C ARG A 3284 13.93 26.51 6.75
N LYS A 3285 13.91 25.44 5.96
CA LYS A 3285 12.80 25.25 4.99
C LYS A 3285 12.49 23.75 4.92
N LEU A 3286 11.36 23.40 4.35
CA LEU A 3286 10.92 22.01 4.20
C LEU A 3286 10.49 21.80 2.76
N TYR A 3287 11.17 20.90 2.06
CA TYR A 3287 10.87 20.58 0.67
C TYR A 3287 10.12 19.26 0.61
N TRP A 3288 9.15 19.15 -0.30
CA TRP A 3288 8.44 17.90 -0.48
C TRP A 3288 7.91 17.82 -1.89
N LEU A 3289 7.59 16.60 -2.32
CA LEU A 3289 7.09 16.31 -3.64
C LEU A 3289 5.72 15.66 -3.54
N ASP A 3290 4.83 15.96 -4.47
CA ASP A 3290 3.53 15.32 -4.56
C ASP A 3290 3.34 14.76 -5.95
N ALA A 3291 2.83 13.53 -6.02
CA ALA A 3291 2.74 12.80 -7.28
C ALA A 3291 1.52 13.16 -8.11
N ILE A 3292 0.44 13.63 -7.49
CA ILE A 3292 -0.78 13.97 -8.21
C ILE A 3292 -0.68 15.35 -8.84
N LEU A 3293 -0.31 16.36 -8.04
CA LEU A 3293 -0.05 17.67 -8.61
C LEU A 3293 1.23 17.70 -9.43
N ASP A 3294 2.15 16.76 -9.20
CA ASP A 3294 3.38 16.63 -9.95
C ASP A 3294 4.21 17.93 -9.89
N CYS A 3295 4.58 18.30 -8.66
CA CYS A 3295 5.25 19.57 -8.42
C CYS A 3295 6.20 19.44 -7.25
N LEU A 3296 7.09 20.42 -7.13
CA LEU A 3296 8.05 20.51 -6.04
C LEU A 3296 7.71 21.74 -5.21
N PHE A 3297 7.45 21.55 -3.92
CA PHE A 3297 7.00 22.62 -3.06
C PHE A 3297 8.13 23.07 -2.13
N VAL A 3298 7.82 24.07 -1.30
CA VAL A 3298 8.74 24.57 -0.30
C VAL A 3298 7.94 25.34 0.75
N SER A 3299 8.34 25.20 2.01
CA SER A 3299 7.58 25.82 3.13
C SER A 3299 8.53 26.22 4.24
N ASP A 3300 8.07 27.05 5.18
CA ASP A 3300 8.94 27.36 6.34
C ASP A 3300 8.91 26.13 7.24
N LEU A 3301 9.98 25.88 7.99
CA LEU A 3301 10.05 24.62 8.78
C LEU A 3301 8.84 24.53 9.69
N GLU A 3302 8.09 25.63 9.84
CA GLU A 3302 6.96 25.62 10.80
C GLU A 3302 5.65 25.44 10.07
N GLY A 3303 5.64 25.48 8.73
CA GLY A 3303 4.41 25.23 7.97
C GLY A 3303 3.87 26.45 7.24
N ARG A 3304 4.25 27.65 7.69
CA ARG A 3304 3.71 28.89 7.09
C ARG A 3304 4.50 29.26 5.83
N HIS A 3305 3.83 29.89 4.84
CA HIS A 3305 4.53 30.40 3.63
C HIS A 3305 4.82 29.26 2.64
N ARG A 3306 3.79 28.51 2.24
CA ARG A 3306 4.02 27.48 1.23
C ARG A 3306 4.19 28.12 -0.14
N LYS A 3307 4.88 27.43 -1.04
CA LYS A 3307 5.14 27.94 -2.37
C LYS A 3307 5.40 26.80 -3.33
N MET A 3308 5.20 27.08 -4.62
CA MET A 3308 5.50 26.15 -5.71
C MET A 3308 6.73 26.64 -6.45
N ILE A 3309 7.72 25.76 -6.63
CA ILE A 3309 8.98 26.16 -7.25
C ILE A 3309 9.40 25.26 -8.40
N ALA A 3310 8.55 24.32 -8.83
CA ALA A 3310 8.86 23.49 -9.98
C ALA A 3310 7.62 22.75 -10.41
N GLN A 3311 7.31 22.82 -11.70
CA GLN A 3311 6.14 22.16 -12.25
C GLN A 3311 6.37 21.87 -13.73
N HIS A 3312 5.33 21.36 -14.38
CA HIS A 3312 5.35 21.06 -15.81
C HIS A 3312 6.44 20.03 -16.13
N CYS A 3313 7.44 20.45 -16.91
CA CYS A 3313 8.51 19.51 -17.34
C CYS A 3313 9.89 20.08 -17.02
N VAL A 3314 10.92 19.22 -17.07
CA VAL A 3314 12.30 19.65 -16.75
C VAL A 3314 13.19 19.44 -17.96
N ASP A 3315 13.38 20.46 -18.80
CA ASP A 3315 14.22 20.37 -20.02
C ASP A 3315 13.66 21.34 -21.06
N ALA A 3316 14.29 21.40 -22.24
CA ALA A 3316 13.85 22.35 -23.30
C ALA A 3316 13.09 21.58 -24.38
N ASN A 3317 12.84 20.29 -24.16
CA ASN A 3317 12.11 19.47 -25.16
C ASN A 3317 10.92 18.80 -24.46
N ASN A 3318 10.62 19.22 -23.24
CA ASN A 3318 9.53 18.59 -22.46
C ASN A 3318 9.57 17.08 -22.71
N THR A 3319 10.78 16.53 -22.85
CA THR A 3319 10.92 15.06 -23.01
C THR A 3319 10.90 14.42 -21.62
N PHE A 3320 11.21 15.21 -20.60
CA PHE A 3320 11.26 14.70 -19.20
C PHE A 3320 10.31 15.55 -18.34
N CYS A 3321 9.21 14.96 -17.86
CA CYS A 3321 8.22 15.73 -17.12
C CYS A 3321 7.94 15.05 -15.79
N PHE A 3322 7.43 15.84 -14.84
CA PHE A 3322 6.99 15.28 -13.57
C PHE A 3322 5.85 14.31 -13.81
N GLU A 3323 6.11 13.03 -13.60
CA GLU A 3323 5.05 12.03 -13.74
C GLU A 3323 4.82 11.34 -12.41
N HIS A 3324 5.88 10.78 -11.82
CA HIS A 3324 5.81 10.13 -10.52
C HIS A 3324 7.04 10.51 -9.71
N PRO A 3325 7.11 11.75 -9.25
CA PRO A 3325 8.29 12.17 -8.48
C PRO A 3325 8.41 11.37 -7.19
N ARG A 3326 9.64 11.07 -6.80
CA ARG A 3326 9.89 10.29 -5.60
C ARG A 3326 11.35 10.42 -5.19
N GLY A 3327 11.56 10.70 -3.91
CA GLY A 3327 12.91 10.84 -3.39
C GLY A 3327 13.48 12.21 -3.66
N ILE A 3328 14.06 12.84 -2.65
CA ILE A 3328 14.56 14.20 -2.78
C ILE A 3328 15.68 14.42 -1.76
N VAL A 3329 16.76 15.05 -2.21
CA VAL A 3329 17.88 15.39 -1.34
C VAL A 3329 18.29 16.83 -1.64
N LEU A 3330 19.04 17.42 -0.71
CA LEU A 3330 19.47 18.80 -0.82
C LEU A 3330 20.98 18.91 -0.75
N HIS A 3331 21.50 19.93 -1.42
CA HIS A 3331 22.93 20.26 -1.37
C HIS A 3331 23.07 21.75 -1.06
N PRO A 3332 22.77 22.15 0.17
CA PRO A 3332 22.70 23.59 0.48
C PRO A 3332 23.99 24.34 0.26
N GLN A 3333 25.13 23.66 0.24
CA GLN A 3333 26.38 24.35 -0.07
C GLN A 3333 26.33 24.93 -1.47
N ARG A 3334 25.84 24.16 -2.43
CA ARG A 3334 25.73 24.60 -3.82
C ARG A 3334 24.31 25.02 -4.18
N GLY A 3335 23.40 25.06 -3.21
CA GLY A 3335 22.05 25.53 -3.45
C GLY A 3335 21.28 24.74 -4.48
N HIS A 3336 21.28 23.41 -4.38
CA HIS A 3336 20.64 22.56 -5.37
C HIS A 3336 19.66 21.61 -4.71
N VAL A 3337 18.65 21.20 -5.49
CA VAL A 3337 17.67 20.22 -5.07
C VAL A 3337 17.66 19.10 -6.10
N TYR A 3338 17.89 17.88 -5.65
CA TYR A 3338 17.86 16.71 -6.51
C TYR A 3338 16.64 15.87 -6.19
N TRP A 3339 15.99 15.35 -7.22
CA TRP A 3339 14.84 14.49 -7.03
C TRP A 3339 14.76 13.50 -8.18
N ALA A 3340 14.36 12.28 -7.86
CA ALA A 3340 14.25 11.22 -8.84
C ALA A 3340 12.85 11.18 -9.43
N ASP A 3341 12.66 10.28 -10.39
CA ASP A 3341 11.36 10.11 -11.02
C ASP A 3341 11.34 8.77 -11.73
N TRP A 3342 10.28 7.99 -11.51
CA TRP A 3342 10.16 6.66 -12.09
C TRP A 3342 9.03 6.58 -13.10
N GLY A 3343 8.74 7.69 -13.79
CA GLY A 3343 7.73 7.65 -14.83
C GLY A 3343 8.16 6.85 -16.03
N VAL A 3344 7.47 7.01 -17.16
CA VAL A 3344 7.90 6.35 -18.40
C VAL A 3344 9.29 6.84 -18.78
N HIS A 3345 9.50 8.14 -18.75
CA HIS A 3345 10.83 8.73 -18.95
C HIS A 3345 11.47 8.97 -17.58
N ALA A 3346 11.89 7.88 -16.97
CA ALA A 3346 12.50 7.95 -15.65
C ALA A 3346 13.84 8.66 -15.71
N TYR A 3347 14.07 9.55 -14.75
CA TYR A 3347 15.27 10.38 -14.75
C TYR A 3347 15.54 10.89 -13.35
N ILE A 3348 16.62 11.66 -13.23
CA ILE A 3348 16.96 12.38 -12.01
C ILE A 3348 17.13 13.84 -12.35
N GLY A 3349 16.33 14.71 -11.74
CA GLY A 3349 16.37 16.12 -12.01
C GLY A 3349 17.22 16.89 -11.03
N ARG A 3350 17.36 18.19 -11.31
CA ARG A 3350 18.13 19.10 -10.47
C ARG A 3350 17.61 20.50 -10.67
N ILE A 3351 17.63 21.31 -9.61
CA ILE A 3351 17.14 22.67 -9.66
C ILE A 3351 17.77 23.45 -8.49
N GLY A 3352 17.79 24.77 -8.62
CA GLY A 3352 18.16 25.60 -7.50
C GLY A 3352 17.02 25.71 -6.51
N MET A 3353 17.31 26.27 -5.34
CA MET A 3353 16.28 26.39 -4.32
C MET A 3353 15.47 27.67 -4.43
N ASP A 3354 15.30 28.20 -5.64
CA ASP A 3354 14.28 29.21 -5.88
C ASP A 3354 13.58 29.03 -7.21
N GLY A 3355 13.77 27.89 -7.86
CA GLY A 3355 13.04 27.55 -9.07
C GLY A 3355 13.80 27.70 -10.37
N THR A 3356 14.98 28.31 -10.36
CA THR A 3356 15.67 28.56 -11.61
C THR A 3356 16.57 27.38 -11.98
N ASN A 3357 16.99 27.37 -13.24
CA ASN A 3357 18.09 26.55 -13.72
C ASN A 3357 17.81 25.05 -13.58
N LYS A 3358 16.55 24.65 -13.75
CA LYS A 3358 16.23 23.22 -13.68
C LYS A 3358 16.83 22.48 -14.87
N SER A 3359 17.25 21.25 -14.62
CA SER A 3359 18.00 20.49 -15.61
C SER A 3359 17.84 19.00 -15.37
N VAL A 3360 18.25 18.20 -16.36
CA VAL A 3360 18.21 16.73 -16.20
C VAL A 3360 19.65 16.27 -15.96
N ILE A 3361 19.84 15.35 -15.02
CA ILE A 3361 21.13 14.83 -14.61
C ILE A 3361 21.37 13.43 -15.19
N ILE A 3362 20.47 12.49 -14.92
CA ILE A 3362 20.62 11.11 -15.36
C ILE A 3362 19.40 10.74 -16.19
N SER A 3363 19.64 10.24 -17.41
CA SER A 3363 18.53 9.95 -18.31
C SER A 3363 18.74 8.67 -19.11
N THR A 3364 19.77 7.90 -18.77
CA THR A 3364 20.07 6.67 -19.48
C THR A 3364 20.27 5.52 -18.49
N LYS A 3365 19.83 4.33 -18.90
CA LYS A 3365 19.90 3.13 -18.08
C LYS A 3365 19.30 3.39 -16.70
N ILE A 3366 18.06 3.86 -16.69
CA ILE A 3366 17.37 4.20 -15.45
C ILE A 3366 15.89 3.95 -15.66
N GLU A 3367 15.32 3.05 -14.84
CA GLU A 3367 13.92 2.72 -15.01
C GLU A 3367 13.08 3.02 -13.78
N TRP A 3368 13.54 2.58 -12.60
CA TRP A 3368 12.80 2.74 -11.35
C TRP A 3368 13.70 3.35 -10.27
N PRO A 3369 14.09 4.61 -10.43
CA PRO A 3369 14.96 5.21 -9.43
C PRO A 3369 14.20 5.63 -8.18
N ASN A 3370 13.91 4.68 -7.31
CA ASN A 3370 13.16 4.98 -6.10
C ASN A 3370 13.93 5.89 -5.15
N ALA A 3371 15.24 5.68 -5.04
CA ALA A 3371 16.02 6.33 -4.00
C ALA A 3371 17.02 7.32 -4.57
N ILE A 3372 17.54 8.18 -3.70
CA ILE A 3372 18.61 9.10 -4.04
C ILE A 3372 19.22 9.64 -2.75
N THR A 3373 20.52 9.93 -2.81
CA THR A 3373 21.22 10.49 -1.66
C THR A 3373 22.55 11.08 -2.14
N ILE A 3374 23.18 11.85 -1.26
CA ILE A 3374 24.46 12.48 -1.54
C ILE A 3374 25.41 12.16 -0.39
N ASP A 3375 26.65 11.80 -0.73
CA ASP A 3375 27.73 11.68 0.25
C ASP A 3375 28.40 13.04 0.31
N TYR A 3376 28.18 13.77 1.41
CA TYR A 3376 28.57 15.17 1.48
C TYR A 3376 30.08 15.37 1.53
N THR A 3377 30.86 14.33 1.82
CA THR A 3377 32.31 14.50 1.79
C THR A 3377 32.85 14.36 0.38
N ASN A 3378 32.46 13.29 -0.32
CA ASN A 3378 32.84 13.11 -1.72
C ASN A 3378 32.20 14.12 -2.64
N ASP A 3379 31.07 14.70 -2.24
CA ASP A 3379 30.18 15.41 -3.16
C ASP A 3379 29.79 14.50 -4.32
N LEU A 3380 29.52 13.24 -3.99
CA LEU A 3380 29.14 12.23 -4.96
C LEU A 3380 27.65 11.95 -4.86
N LEU A 3381 26.98 11.96 -6.00
CA LEU A 3381 25.57 11.58 -6.04
C LEU A 3381 25.43 10.07 -5.90
N TYR A 3382 24.27 9.64 -5.42
CA TYR A 3382 23.96 8.23 -5.27
C TYR A 3382 22.49 8.01 -5.57
N TRP A 3383 22.19 6.89 -6.21
CA TRP A 3383 20.80 6.50 -6.43
C TRP A 3383 20.74 5.00 -6.63
N ALA A 3384 19.54 4.46 -6.51
CA ALA A 3384 19.28 3.04 -6.70
C ALA A 3384 18.07 2.87 -7.60
N ASP A 3385 18.06 1.76 -8.35
CA ASP A 3385 16.98 1.45 -9.27
C ASP A 3385 16.34 0.14 -8.87
N ALA A 3386 15.02 0.15 -8.68
CA ALA A 3386 14.33 -1.04 -8.22
C ALA A 3386 14.12 -2.07 -9.31
N HIS A 3387 14.18 -1.68 -10.58
CA HIS A 3387 13.94 -2.61 -11.67
C HIS A 3387 15.25 -3.23 -12.18
N LEU A 3388 16.17 -2.39 -12.65
CA LEU A 3388 17.47 -2.88 -13.09
C LEU A 3388 18.30 -3.38 -11.93
N GLY A 3389 17.94 -3.02 -10.70
CA GLY A 3389 18.55 -3.60 -9.51
C GLY A 3389 19.97 -3.18 -9.21
N TYR A 3390 20.34 -1.94 -9.48
CA TYR A 3390 21.69 -1.47 -9.23
C TYR A 3390 21.71 -0.37 -8.18
N ILE A 3391 22.91 -0.07 -7.69
CA ILE A 3391 23.18 1.10 -6.88
C ILE A 3391 24.34 1.84 -7.52
N GLU A 3392 24.05 2.95 -8.19
CA GLU A 3392 25.05 3.67 -8.97
C GLU A 3392 25.36 5.00 -8.29
N PHE A 3393 26.63 5.37 -8.31
CA PHE A 3393 27.06 6.69 -7.88
C PHE A 3393 27.71 7.42 -9.04
N SER A 3394 27.71 8.74 -8.97
CA SER A 3394 28.21 9.56 -10.06
C SER A 3394 28.53 10.94 -9.52
N ASP A 3395 29.24 11.72 -10.34
CA ASP A 3395 29.50 13.10 -9.98
C ASP A 3395 28.21 13.90 -10.00
N LEU A 3396 28.25 15.08 -9.36
CA LEU A 3396 27.03 15.86 -9.18
C LEU A 3396 26.44 16.34 -10.49
N GLU A 3397 27.18 16.27 -11.60
CA GLU A 3397 26.66 16.63 -12.90
C GLU A 3397 26.22 15.43 -13.71
N GLY A 3398 26.27 14.23 -13.13
CA GLY A 3398 25.78 13.03 -13.79
C GLY A 3398 26.84 12.26 -14.57
N HIS A 3399 28.04 12.81 -14.73
CA HIS A 3399 29.05 12.13 -15.52
C HIS A 3399 29.86 11.16 -14.64
N HIS A 3400 30.51 10.21 -15.30
CA HIS A 3400 31.35 9.20 -14.65
C HIS A 3400 30.54 8.35 -13.66
N ARG A 3401 29.58 7.63 -14.20
CA ARG A 3401 28.81 6.68 -13.40
C ARG A 3401 29.64 5.45 -13.08
N HIS A 3402 29.40 4.87 -11.91
CA HIS A 3402 30.01 3.60 -11.52
C HIS A 3402 28.96 2.77 -10.79
N THR A 3403 29.15 1.46 -10.77
CA THR A 3403 28.16 0.57 -10.16
C THR A 3403 28.70 -0.01 -8.86
N VAL A 3404 27.91 0.13 -7.80
CA VAL A 3404 28.21 -0.54 -6.53
C VAL A 3404 27.70 -1.97 -6.63
N TYR A 3405 26.39 -2.12 -6.78
CA TYR A 3405 25.80 -3.43 -7.03
C TYR A 3405 25.27 -3.49 -8.45
N ASP A 3406 25.45 -4.62 -9.11
CA ASP A 3406 25.04 -4.79 -10.49
C ASP A 3406 23.96 -5.86 -10.54
N GLY A 3407 22.71 -5.42 -10.57
CA GLY A 3407 21.58 -6.31 -10.82
C GLY A 3407 21.29 -7.33 -9.73
N SER A 3408 22.07 -7.32 -8.66
CA SER A 3408 21.85 -8.29 -7.59
C SER A 3408 20.88 -7.77 -6.54
N LEU A 3409 20.44 -6.53 -6.67
CA LEU A 3409 19.55 -5.95 -5.68
C LEU A 3409 18.09 -6.23 -6.04
N PRO A 3410 17.34 -6.89 -5.17
CA PRO A 3410 15.92 -7.17 -5.50
C PRO A 3410 15.09 -5.93 -5.76
N HIS A 3411 15.05 -5.01 -4.79
CA HIS A 3411 14.19 -3.84 -4.91
C HIS A 3411 14.54 -2.78 -3.86
N PRO A 3412 15.58 -1.99 -4.08
CA PRO A 3412 15.86 -0.89 -3.15
C PRO A 3412 14.81 0.22 -3.26
N PHE A 3413 14.61 0.91 -2.14
CA PHE A 3413 13.69 2.05 -2.13
C PHE A 3413 14.32 3.31 -1.57
N ALA A 3414 15.20 3.19 -0.56
CA ALA A 3414 15.83 4.36 0.03
C ALA A 3414 17.19 3.96 0.59
N LEU A 3415 18.22 4.67 0.16
CA LEU A 3415 19.57 4.38 0.61
C LEU A 3415 20.09 5.55 1.41
N THR A 3416 21.24 5.34 2.06
CA THR A 3416 21.88 6.37 2.86
C THR A 3416 23.32 5.95 3.10
N ILE A 3417 24.18 6.95 3.30
CA ILE A 3417 25.62 6.72 3.37
C ILE A 3417 26.18 7.35 4.64
N PHE A 3418 26.97 6.58 5.38
CA PHE A 3418 27.79 7.13 6.44
C PHE A 3418 29.18 6.53 6.33
N GLU A 3419 30.20 7.37 6.56
CA GLU A 3419 31.59 6.97 6.42
C GLU A 3419 31.83 6.31 5.07
N ASP A 3420 31.85 4.98 5.06
CA ASP A 3420 32.10 4.21 3.85
C ASP A 3420 31.10 3.09 3.63
N THR A 3421 30.03 3.01 4.42
CA THR A 3421 29.04 1.96 4.29
C THR A 3421 27.71 2.57 3.86
N VAL A 3422 27.03 1.91 2.94
CA VAL A 3422 25.75 2.38 2.44
C VAL A 3422 24.64 1.46 2.95
N PHE A 3423 23.61 2.05 3.53
CA PHE A 3423 22.46 1.33 4.05
C PHE A 3423 21.25 1.61 3.18
N TRP A 3424 20.56 0.55 2.77
CA TRP A 3424 19.39 0.72 1.92
C TRP A 3424 18.25 -0.13 2.47
N THR A 3425 17.05 0.15 1.96
CA THR A 3425 15.85 -0.55 2.35
C THR A 3425 15.32 -1.33 1.15
N ASP A 3426 15.14 -2.63 1.31
CA ASP A 3426 14.73 -3.52 0.22
C ASP A 3426 13.32 -4.01 0.49
N TRP A 3427 12.41 -3.75 -0.45
CA TRP A 3427 11.02 -4.13 -0.26
C TRP A 3427 10.78 -5.62 -0.46
N ASN A 3428 11.38 -6.24 -1.47
CA ASN A 3428 11.09 -7.64 -1.77
C ASN A 3428 11.51 -8.57 -0.65
N THR A 3429 12.71 -8.39 -0.11
CA THR A 3429 13.15 -9.18 1.02
C THR A 3429 12.70 -8.59 2.36
N ARG A 3430 12.15 -7.37 2.36
CA ARG A 3430 11.69 -6.70 3.57
C ARG A 3430 12.79 -6.61 4.62
N THR A 3431 13.96 -6.17 4.17
CA THR A 3431 15.13 -6.11 5.03
C THR A 3431 15.85 -4.78 4.85
N VAL A 3432 16.65 -4.43 5.87
CA VAL A 3432 17.59 -3.33 5.80
C VAL A 3432 18.99 -3.92 5.76
N GLU A 3433 19.74 -3.60 4.70
CA GLU A 3433 21.06 -4.20 4.49
C GLU A 3433 22.11 -3.12 4.51
N LYS A 3434 23.38 -3.54 4.51
CA LYS A 3434 24.48 -2.59 4.49
C LYS A 3434 25.68 -3.24 3.82
N GLY A 3435 26.60 -2.39 3.37
CA GLY A 3435 27.79 -2.85 2.71
C GLY A 3435 28.66 -1.68 2.32
N ASN A 3436 29.82 -1.98 1.76
CA ASN A 3436 30.76 -0.93 1.38
C ASN A 3436 30.14 -0.02 0.34
N LYS A 3437 30.52 1.26 0.38
CA LYS A 3437 29.83 2.26 -0.43
C LYS A 3437 30.40 2.39 -1.83
N TYR A 3438 31.41 1.61 -2.17
CA TYR A 3438 31.99 1.65 -3.51
C TYR A 3438 31.77 0.35 -4.29
N ASP A 3439 32.19 -0.78 -3.73
CA ASP A 3439 32.09 -2.06 -4.41
C ASP A 3439 30.98 -2.95 -3.88
N GLY A 3440 30.46 -2.68 -2.69
CA GLY A 3440 29.41 -3.49 -2.14
C GLY A 3440 29.86 -4.71 -1.38
N SER A 3441 31.17 -4.87 -1.16
CA SER A 3441 31.66 -6.01 -0.41
C SER A 3441 31.26 -5.89 1.06
N GLY A 3442 31.35 -7.01 1.77
CA GLY A 3442 30.95 -7.03 3.16
C GLY A 3442 29.46 -6.81 3.37
N ARG A 3443 28.63 -7.45 2.54
CA ARG A 3443 27.19 -7.28 2.62
C ARG A 3443 26.64 -7.98 3.85
N VAL A 3444 25.83 -7.26 4.63
CA VAL A 3444 25.28 -7.76 5.88
C VAL A 3444 23.83 -7.33 5.98
N VAL A 3445 22.96 -8.26 6.34
CA VAL A 3445 21.53 -8.00 6.48
C VAL A 3445 21.29 -7.58 7.93
N LEU A 3446 20.94 -6.30 8.13
CA LEU A 3446 20.88 -5.77 9.48
C LEU A 3446 19.70 -6.33 10.26
N VAL A 3447 18.51 -6.36 9.65
CA VAL A 3447 17.31 -6.74 10.39
C VAL A 3447 16.24 -7.17 9.40
N ASN A 3448 15.37 -8.08 9.85
CA ASN A 3448 14.14 -8.42 9.13
C ASN A 3448 13.03 -7.49 9.56
N THR A 3449 12.04 -7.32 8.70
CA THR A 3449 10.87 -6.49 8.99
C THR A 3449 9.61 -7.20 8.51
N THR A 3450 8.56 -7.15 9.33
CA THR A 3450 7.27 -7.70 8.94
C THR A 3450 6.56 -6.83 7.91
N HIS A 3451 6.87 -5.54 7.86
CA HIS A 3451 6.35 -4.64 6.84
C HIS A 3451 7.51 -4.05 6.06
N LYS A 3452 7.24 -3.69 4.81
CA LYS A 3452 8.30 -3.16 3.97
C LYS A 3452 8.84 -1.85 4.54
N PRO A 3453 10.15 -1.74 4.78
CA PRO A 3453 10.71 -0.50 5.32
C PRO A 3453 10.85 0.55 4.22
N PHE A 3454 10.21 1.69 4.42
CA PHE A 3454 10.19 2.70 3.37
C PHE A 3454 11.45 3.55 3.37
N ASP A 3455 11.65 4.37 4.40
CA ASP A 3455 12.76 5.29 4.37
C ASP A 3455 13.83 4.89 5.38
N ILE A 3456 14.99 5.55 5.29
CA ILE A 3456 16.10 5.28 6.19
C ILE A 3456 16.99 6.52 6.22
N HIS A 3457 17.62 6.74 7.37
CA HIS A 3457 18.48 7.89 7.57
C HIS A 3457 19.51 7.58 8.64
N VAL A 3458 20.76 7.92 8.38
CA VAL A 3458 21.77 7.92 9.44
C VAL A 3458 21.65 9.23 10.19
N TYR A 3459 21.23 9.14 11.45
CA TYR A 3459 21.15 10.34 12.27
C TYR A 3459 22.52 10.59 12.88
N HIS A 3460 23.14 11.72 12.51
CA HIS A 3460 24.44 12.08 13.02
C HIS A 3460 24.66 13.53 12.70
N PRO A 3461 25.31 14.30 13.58
CA PRO A 3461 25.54 15.72 13.27
C PRO A 3461 26.38 15.95 12.03
N TYR A 3462 27.17 14.97 11.60
CA TYR A 3462 27.97 15.11 10.39
C TYR A 3462 27.14 14.97 9.12
N ARG A 3463 25.98 14.32 9.18
CA ARG A 3463 25.16 14.14 7.99
C ARG A 3463 24.52 15.44 7.52
N GLN A 3464 24.60 16.50 8.31
CA GLN A 3464 24.15 17.83 7.92
C GLN A 3464 25.29 18.78 8.23
N PRO A 3465 26.24 18.96 7.31
CA PRO A 3465 27.39 19.81 7.60
C PRO A 3465 26.97 21.24 7.90
N ILE A 3466 27.67 21.86 8.83
CA ILE A 3466 27.35 23.21 9.28
C ILE A 3466 27.98 24.22 8.35
N MET A 3467 27.19 25.17 7.87
CA MET A 3467 27.71 26.22 7.00
C MET A 3467 26.87 27.47 7.22
N SER A 3468 27.43 28.61 6.83
CA SER A 3468 26.85 29.90 7.13
C SER A 3468 25.53 30.08 6.40
N ASN A 3469 24.52 30.55 7.12
CA ASN A 3469 23.21 30.82 6.54
C ASN A 3469 23.24 32.12 5.75
N PRO A 3470 22.82 32.13 4.48
CA PRO A 3470 22.83 33.40 3.74
C PRO A 3470 21.77 34.39 4.21
N CYS A 3471 20.56 33.92 4.50
CA CYS A 3471 19.51 34.81 4.96
C CYS A 3471 19.62 35.15 6.45
N GLY A 3472 20.80 34.94 7.05
CA GLY A 3472 20.96 35.02 8.48
C GLY A 3472 20.41 36.23 9.19
N THR A 3473 19.55 35.99 10.17
CA THR A 3473 19.07 36.97 11.15
C THR A 3473 18.21 38.08 10.54
N ASN A 3474 18.05 38.10 9.23
CA ASN A 3474 17.27 39.14 8.56
C ASN A 3474 16.30 38.61 7.51
N ASN A 3475 16.46 37.35 7.08
CA ASN A 3475 15.77 36.83 5.90
C ASN A 3475 16.06 37.70 4.69
N GLY A 3476 17.23 38.34 4.67
CA GLY A 3476 17.55 39.28 3.63
C GLY A 3476 16.62 40.46 3.56
N GLY A 3477 15.86 40.71 4.62
CA GLY A 3477 14.85 41.74 4.61
C GLY A 3477 13.55 41.37 3.93
N CYS A 3478 13.49 40.20 3.28
CA CYS A 3478 12.28 39.79 2.60
C CYS A 3478 11.18 39.51 3.61
N SER A 3479 10.00 40.08 3.39
CA SER A 3479 8.88 39.83 4.29
C SER A 3479 8.36 38.41 4.13
N HIS A 3480 8.72 37.74 3.05
CA HIS A 3480 8.28 36.38 2.77
C HIS A 3480 9.51 35.51 2.50
N LEU A 3481 9.30 34.33 1.93
CA LEU A 3481 10.36 33.35 1.69
C LEU A 3481 11.68 34.02 1.32
N CYS A 3482 12.73 33.66 2.06
CA CYS A 3482 14.10 34.03 1.70
C CYS A 3482 14.81 32.76 1.28
N LEU A 3483 14.70 32.44 0.00
CA LEU A 3483 15.25 31.21 -0.54
C LEU A 3483 16.73 31.38 -0.84
N ILE A 3484 17.42 30.26 -0.98
CA ILE A 3484 18.82 30.28 -1.37
C ILE A 3484 18.92 30.21 -2.88
N LYS A 3485 19.63 31.17 -3.47
CA LYS A 3485 19.83 31.19 -4.91
C LYS A 3485 20.70 30.02 -5.33
N ALA A 3486 20.54 29.61 -6.59
CA ALA A 3486 21.34 28.51 -7.12
C ALA A 3486 22.82 28.86 -7.06
N GLY A 3487 23.64 27.84 -6.79
CA GLY A 3487 25.05 28.03 -6.60
C GLY A 3487 25.49 28.29 -5.17
N GLY A 3488 24.55 28.52 -4.26
CA GLY A 3488 24.88 28.70 -2.87
C GLY A 3488 25.79 29.86 -2.58
N ARG A 3489 25.54 31.02 -3.20
CA ARG A 3489 26.36 32.20 -2.98
C ARG A 3489 25.54 33.42 -2.60
N GLY A 3490 24.22 33.32 -2.64
CA GLY A 3490 23.38 34.46 -2.29
C GLY A 3490 21.95 34.00 -2.09
N PHE A 3491 21.11 34.92 -1.65
CA PHE A 3491 19.73 34.63 -1.36
C PHE A 3491 18.82 35.22 -2.45
N THR A 3492 17.52 35.07 -2.24
CA THR A 3492 16.51 35.57 -3.17
C THR A 3492 15.13 35.54 -2.53
N CYS A 3493 14.40 36.64 -2.56
CA CYS A 3493 13.08 36.65 -1.96
C CYS A 3493 12.11 35.85 -2.82
N ALA A 3494 10.90 35.66 -2.29
CA ALA A 3494 9.84 34.97 -3.00
C ALA A 3494 8.52 35.30 -2.34
N CYS A 3495 7.45 34.73 -2.89
CA CYS A 3495 6.09 34.93 -2.38
C CYS A 3495 5.37 33.59 -2.30
N PRO A 3496 4.33 33.51 -1.47
CA PRO A 3496 3.56 32.26 -1.36
C PRO A 3496 2.79 31.89 -2.60
N ASP A 3497 2.01 30.82 -2.51
CA ASP A 3497 1.40 30.16 -3.66
C ASP A 3497 0.27 30.97 -4.30
N ASP A 3498 -0.21 32.02 -3.67
CA ASP A 3498 -1.35 32.75 -4.19
C ASP A 3498 -1.15 34.27 -4.09
N PHE A 3499 0.12 34.67 -4.02
CA PHE A 3499 0.48 36.08 -4.02
C PHE A 3499 1.08 36.45 -5.38
N GLN A 3500 1.03 37.73 -5.71
CA GLN A 3500 1.59 38.24 -6.96
C GLN A 3500 2.95 38.83 -6.69
N THR A 3501 3.98 38.32 -7.36
CA THR A 3501 5.35 38.80 -7.17
C THR A 3501 5.57 40.03 -8.03
N VAL A 3502 5.73 41.18 -7.37
CA VAL A 3502 5.97 42.45 -8.03
C VAL A 3502 7.30 43.00 -7.54
N GLN A 3503 8.15 43.42 -8.47
CA GLN A 3503 9.50 43.89 -8.14
C GLN A 3503 9.56 45.41 -8.23
N LEU A 3504 10.04 46.03 -7.17
CA LEU A 3504 10.37 47.45 -7.19
C LEU A 3504 11.86 47.61 -7.49
N ARG A 3505 12.35 48.85 -7.34
CA ARG A 3505 13.76 49.11 -7.64
C ARG A 3505 14.68 48.44 -6.64
N ASP A 3506 14.25 48.31 -5.38
CA ASP A 3506 15.12 47.73 -4.36
C ASP A 3506 14.43 46.77 -3.40
N ARG A 3507 13.11 46.55 -3.52
CA ARG A 3507 12.41 45.68 -2.59
C ARG A 3507 11.29 44.95 -3.31
N THR A 3508 11.26 43.62 -3.15
CA THR A 3508 10.20 42.81 -3.73
C THR A 3508 8.90 43.12 -3.00
N LEU A 3509 7.79 43.05 -3.72
CA LEU A 3509 6.47 43.40 -3.19
C LEU A 3509 5.49 42.28 -3.54
N CYS A 3510 5.21 41.44 -2.55
CA CYS A 3510 4.21 40.38 -2.70
C CYS A 3510 2.93 40.77 -1.99
N MET A 3511 1.81 40.76 -2.70
CA MET A 3511 0.53 41.11 -2.12
C MET A 3511 -0.48 40.02 -2.44
N PRO A 3512 -1.49 39.83 -1.60
CA PRO A 3512 -2.44 38.73 -1.83
C PRO A 3512 -3.27 38.93 -3.08
N MET A 3513 -3.65 37.81 -3.67
CA MET A 3513 -4.52 37.80 -4.83
C MET A 3513 -5.50 36.63 -4.78
N CYS A 3514 -5.81 36.12 -3.59
CA CYS A 3514 -6.55 34.88 -3.47
C CYS A 3514 -8.00 35.03 -3.91
N SER A 3515 -8.62 33.89 -4.21
CA SER A 3515 -9.89 33.85 -4.90
C SER A 3515 -11.02 34.34 -4.01
N SER A 3516 -12.23 34.37 -4.59
CA SER A 3516 -13.43 34.71 -3.83
C SER A 3516 -13.70 33.68 -2.75
N THR A 3517 -13.48 32.40 -3.04
CA THR A 3517 -13.66 31.34 -2.05
C THR A 3517 -12.46 31.18 -1.12
N GLN A 3518 -11.56 32.15 -1.09
CA GLN A 3518 -10.43 32.13 -0.16
C GLN A 3518 -10.52 33.36 0.74
N PHE A 3519 -10.11 33.17 1.99
CA PHE A 3519 -10.13 34.23 2.98
C PHE A 3519 -8.71 34.69 3.29
N LEU A 3520 -8.51 36.00 3.26
CA LEU A 3520 -7.22 36.61 3.47
C LEU A 3520 -7.11 37.14 4.89
N CYS A 3521 -6.00 36.82 5.56
CA CYS A 3521 -5.82 37.14 6.97
C CYS A 3521 -5.62 38.63 7.18
N GLY A 3522 -6.02 39.11 8.37
CA GLY A 3522 -6.00 40.53 8.62
C GLY A 3522 -4.65 41.19 8.45
N ASN A 3523 -3.58 40.53 8.88
CA ASN A 3523 -2.23 41.04 8.68
C ASN A 3523 -1.62 40.58 7.37
N ASN A 3524 -2.41 39.96 6.50
CA ASN A 3524 -1.96 39.51 5.18
C ASN A 3524 -0.80 38.52 5.27
N GLU A 3525 -0.88 37.56 6.19
CA GLU A 3525 0.15 36.53 6.25
C GLU A 3525 -0.05 35.48 5.16
N LYS A 3526 -1.29 35.16 4.85
CA LYS A 3526 -1.62 34.07 3.95
C LYS A 3526 -3.10 34.15 3.60
N CYS A 3527 -3.54 33.23 2.74
CA CYS A 3527 -4.94 33.07 2.42
C CYS A 3527 -5.38 31.65 2.74
N ILE A 3528 -6.59 31.52 3.28
CA ILE A 3528 -7.13 30.22 3.66
C ILE A 3528 -8.48 30.03 2.97
N PRO A 3529 -8.89 28.79 2.70
CA PRO A 3529 -10.18 28.60 2.03
C PRO A 3529 -11.33 29.10 2.87
N ILE A 3530 -12.42 29.50 2.19
CA ILE A 3530 -13.54 30.13 2.88
C ILE A 3530 -14.16 29.20 3.91
N TRP A 3531 -14.23 27.90 3.62
CA TRP A 3531 -14.83 26.98 4.58
C TRP A 3531 -14.02 26.86 5.86
N TRP A 3532 -12.72 27.22 5.84
CA TRP A 3532 -11.93 27.28 7.06
C TRP A 3532 -12.37 28.41 7.97
N LYS A 3533 -12.91 29.49 7.40
CA LYS A 3533 -13.35 30.62 8.20
C LYS A 3533 -14.53 30.23 9.07
N CYS A 3534 -14.59 30.80 10.28
CA CYS A 3534 -15.71 30.65 11.20
C CYS A 3534 -15.93 29.18 11.59
N ASP A 3535 -14.91 28.63 12.25
CA ASP A 3535 -15.05 27.26 12.75
C ASP A 3535 -14.47 27.06 14.14
N GLY A 3536 -14.01 28.11 14.82
CA GLY A 3536 -13.39 27.96 16.12
C GLY A 3536 -11.94 27.55 16.08
N GLN A 3537 -11.51 26.76 15.09
CA GLN A 3537 -10.11 26.42 14.94
C GLN A 3537 -9.38 27.64 14.38
N LYS A 3538 -8.49 28.21 15.19
CA LYS A 3538 -7.80 29.44 14.82
C LYS A 3538 -6.72 29.12 13.79
N ASP A 3539 -7.16 28.98 12.54
CA ASP A 3539 -6.24 28.67 11.45
C ASP A 3539 -5.26 29.82 11.20
N CYS A 3540 -5.65 31.04 11.53
CA CYS A 3540 -4.85 32.22 11.25
C CYS A 3540 -4.20 32.73 12.53
N SER A 3541 -2.95 33.19 12.41
CA SER A 3541 -2.19 33.60 13.58
C SER A 3541 -2.78 34.85 14.23
N ASP A 3542 -3.19 35.82 13.41
CA ASP A 3542 -3.60 37.12 13.95
C ASP A 3542 -5.02 37.13 14.49
N GLY A 3543 -5.79 36.06 14.29
CA GLY A 3543 -7.10 35.95 14.88
C GLY A 3543 -8.25 36.48 14.07
N SER A 3544 -8.00 37.06 12.89
CA SER A 3544 -9.10 37.53 12.05
C SER A 3544 -9.93 36.38 11.51
N ASP A 3545 -9.42 35.15 11.59
CA ASP A 3545 -10.16 33.99 11.10
C ASP A 3545 -11.45 33.75 11.88
N GLU A 3546 -11.50 34.15 13.16
CA GLU A 3546 -12.66 33.92 14.02
C GLU A 3546 -13.09 35.22 14.68
N PRO A 3547 -13.97 35.97 14.04
CA PRO A 3547 -14.51 37.19 14.66
C PRO A 3547 -15.62 36.85 15.65
N ASP A 3548 -15.96 37.85 16.47
CA ASP A 3548 -17.05 37.68 17.43
C ASP A 3548 -18.43 37.84 16.79
N LEU A 3549 -18.52 38.50 15.64
CA LEU A 3549 -19.77 38.56 14.90
C LEU A 3549 -20.02 37.33 14.05
N CYS A 3550 -19.31 36.23 14.31
CA CYS A 3550 -19.43 35.04 13.50
C CYS A 3550 -20.75 34.35 13.75
N PRO A 3551 -21.44 33.88 12.71
CA PRO A 3551 -22.67 33.11 12.92
C PRO A 3551 -22.37 31.75 13.51
N HIS A 3552 -23.40 31.17 14.13
CA HIS A 3552 -23.25 29.86 14.74
C HIS A 3552 -22.90 28.81 13.70
N ARG A 3553 -22.00 27.90 14.07
CA ARG A 3553 -21.54 26.85 13.16
C ARG A 3553 -22.26 25.55 13.47
N PHE A 3554 -22.92 24.98 12.46
CA PHE A 3554 -23.60 23.69 12.60
C PHE A 3554 -22.78 22.53 12.05
N CYS A 3555 -21.97 22.79 11.03
CA CYS A 3555 -21.24 21.74 10.36
C CYS A 3555 -19.97 21.36 11.12
N ARG A 3556 -19.51 20.14 10.88
CA ARG A 3556 -18.26 19.68 11.45
C ARG A 3556 -17.09 20.39 10.77
N LEU A 3557 -15.92 20.26 11.39
CA LEU A 3557 -14.73 20.90 10.85
C LEU A 3557 -14.38 20.33 9.48
N GLY A 3558 -14.10 21.21 8.53
CA GLY A 3558 -13.80 20.83 7.17
C GLY A 3558 -14.98 20.94 6.22
N GLN A 3559 -16.19 21.04 6.75
CA GLN A 3559 -17.38 21.12 5.90
C GLN A 3559 -17.82 22.57 5.70
N PHE A 3560 -18.05 22.94 4.45
CA PHE A 3560 -18.62 24.23 4.14
C PHE A 3560 -20.04 24.32 4.69
N GLN A 3561 -20.42 25.52 5.12
CA GLN A 3561 -21.75 25.75 5.69
C GLN A 3561 -22.54 26.66 4.76
N CYS A 3562 -23.73 26.19 4.35
CA CYS A 3562 -24.63 27.03 3.58
C CYS A 3562 -25.19 28.13 4.47
N ARG A 3563 -25.66 29.21 3.85
CA ARG A 3563 -26.12 30.36 4.61
C ARG A 3563 -27.29 30.02 5.51
N ASP A 3564 -28.14 29.07 5.09
CA ASP A 3564 -29.29 28.69 5.90
C ASP A 3564 -28.95 27.64 6.95
N GLY A 3565 -27.73 27.11 6.96
CA GLY A 3565 -27.29 26.19 7.99
C GLY A 3565 -26.98 24.78 7.53
N ASN A 3566 -27.16 24.47 6.25
CA ASN A 3566 -26.87 23.13 5.79
C ASN A 3566 -25.37 22.96 5.52
N CYS A 3567 -24.98 21.73 5.24
CA CYS A 3567 -23.58 21.35 5.13
C CYS A 3567 -23.34 20.58 3.84
N THR A 3568 -22.12 20.69 3.32
CA THR A 3568 -21.73 19.96 2.12
C THR A 3568 -20.21 19.87 2.06
N SER A 3569 -19.73 18.95 1.23
CA SER A 3569 -18.30 18.78 1.06
C SER A 3569 -17.71 19.97 0.30
N PRO A 3570 -16.44 20.29 0.54
CA PRO A 3570 -15.86 21.49 -0.07
C PRO A 3570 -15.84 21.48 -1.59
N GLN A 3571 -15.77 20.31 -2.23
CA GLN A 3571 -15.75 20.27 -3.69
C GLN A 3571 -17.09 20.65 -4.30
N ALA A 3572 -18.14 20.79 -3.49
CA ALA A 3572 -19.45 21.11 -4.04
C ALA A 3572 -19.61 22.59 -4.32
N LEU A 3573 -18.64 23.42 -3.92
CA LEU A 3573 -18.77 24.86 -4.10
C LEU A 3573 -18.54 25.24 -5.55
N CYS A 3574 -19.46 26.05 -6.10
CA CYS A 3574 -19.37 26.55 -7.47
C CYS A 3574 -19.17 25.42 -8.48
N ASN A 3575 -19.92 24.34 -8.30
CA ASN A 3575 -19.84 23.21 -9.22
C ASN A 3575 -21.02 23.14 -10.19
N ALA A 3576 -21.75 24.25 -10.36
CA ALA A 3576 -22.91 24.35 -11.23
C ALA A 3576 -24.06 23.44 -10.81
N ARG A 3577 -23.93 22.72 -9.71
CA ARG A 3577 -25.00 21.90 -9.16
C ARG A 3577 -25.40 22.45 -7.81
N GLN A 3578 -26.69 22.76 -7.65
CA GLN A 3578 -27.20 23.34 -6.42
C GLN A 3578 -27.18 22.27 -5.33
N ASP A 3579 -26.15 22.31 -4.49
CA ASP A 3579 -25.97 21.31 -3.46
C ASP A 3579 -26.48 21.74 -2.08
N CYS A 3580 -26.75 23.02 -1.89
CA CYS A 3580 -27.46 23.47 -0.70
C CYS A 3580 -28.94 23.64 -1.01
N ALA A 3581 -29.74 23.75 0.05
CA ALA A 3581 -31.17 23.97 -0.11
C ALA A 3581 -31.43 25.30 -0.82
N ASP A 3582 -30.85 26.38 -0.31
CA ASP A 3582 -30.95 27.67 -0.97
C ASP A 3582 -29.86 27.88 -2.00
N GLY A 3583 -28.94 26.93 -2.16
CA GLY A 3583 -27.87 27.07 -3.12
C GLY A 3583 -26.86 28.15 -2.80
N SER A 3584 -26.50 28.31 -1.52
CA SER A 3584 -25.49 29.30 -1.17
C SER A 3584 -24.12 28.92 -1.72
N ASP A 3585 -23.90 27.63 -1.99
CA ASP A 3585 -22.70 27.21 -2.70
C ASP A 3585 -22.71 27.65 -4.15
N GLU A 3586 -23.87 28.09 -4.65
CA GLU A 3586 -24.00 28.56 -6.04
C GLU A 3586 -24.27 30.05 -6.10
N ASP A 3587 -24.03 30.79 -5.01
CA ASP A 3587 -24.15 32.24 -5.06
C ASP A 3587 -23.15 32.82 -6.04
N ARG A 3588 -23.56 33.87 -6.74
CA ARG A 3588 -22.71 34.44 -7.78
C ARG A 3588 -21.41 35.00 -7.21
N VAL A 3589 -21.49 35.62 -6.03
CA VAL A 3589 -20.30 36.26 -5.46
C VAL A 3589 -19.25 35.22 -5.08
N LEU A 3590 -19.67 34.02 -4.69
CA LEU A 3590 -18.70 32.99 -4.34
C LEU A 3590 -17.94 32.49 -5.55
N CYS A 3591 -18.54 32.59 -6.74
CA CYS A 3591 -17.90 32.07 -7.95
C CYS A 3591 -17.25 33.14 -8.81
N GLU A 3592 -17.50 34.43 -8.53
CA GLU A 3592 -17.08 35.49 -9.44
C GLU A 3592 -15.59 35.43 -9.75
N HIS A 3593 -14.77 35.11 -8.76
CA HIS A 3593 -13.33 35.00 -8.93
C HIS A 3593 -12.84 33.62 -8.51
N HIS A 3594 -13.61 32.59 -8.83
CA HIS A 3594 -13.26 31.24 -8.43
C HIS A 3594 -11.96 30.80 -9.11
N ARG A 3595 -11.20 29.97 -8.40
CA ARG A 3595 -9.93 29.45 -8.91
C ARG A 3595 -9.75 28.03 -8.40
N CYS A 3596 -8.93 27.26 -9.11
CA CYS A 3596 -8.58 25.93 -8.63
C CYS A 3596 -7.14 25.62 -9.04
N GLU A 3597 -6.66 24.47 -8.58
CA GLU A 3597 -5.23 24.17 -8.59
C GLU A 3597 -4.73 23.94 -10.02
N SER A 3598 -3.42 23.75 -10.15
CA SER A 3598 -2.78 23.65 -11.46
C SER A 3598 -3.18 22.40 -12.23
N ASN A 3599 -3.59 21.34 -11.55
CA ASN A 3599 -3.90 20.09 -12.23
C ASN A 3599 -5.32 20.01 -12.76
N GLU A 3600 -6.15 21.00 -12.50
CA GLU A 3600 -7.49 21.03 -13.06
C GLU A 3600 -7.67 22.23 -13.99
N TRP A 3601 -8.52 22.07 -14.99
CA TRP A 3601 -8.76 23.08 -16.01
C TRP A 3601 -10.17 23.62 -15.84
N GLN A 3602 -10.30 24.95 -15.96
CA GLN A 3602 -11.55 25.64 -15.65
C GLN A 3602 -12.43 25.74 -16.89
N CYS A 3603 -13.74 25.57 -16.70
CA CYS A 3603 -14.70 25.67 -17.79
C CYS A 3603 -15.37 27.05 -17.80
N ALA A 3604 -16.34 27.19 -18.72
CA ALA A 3604 -17.03 28.47 -18.86
C ALA A 3604 -17.90 28.77 -17.63
N ASN A 3605 -18.63 27.77 -17.15
CA ASN A 3605 -19.53 27.94 -16.02
C ASN A 3605 -18.83 27.83 -14.67
N LYS A 3606 -17.50 27.98 -14.67
CA LYS A 3606 -16.65 28.13 -13.49
C LYS A 3606 -16.50 26.84 -12.69
N ARG A 3607 -17.16 25.75 -13.07
CA ARG A 3607 -16.78 24.45 -12.55
C ARG A 3607 -15.53 23.97 -13.29
N CYS A 3608 -14.50 23.64 -12.52
CA CYS A 3608 -13.22 23.27 -13.12
C CYS A 3608 -13.04 21.76 -13.00
N ILE A 3609 -12.49 21.18 -14.06
CA ILE A 3609 -12.44 19.73 -14.25
C ILE A 3609 -11.00 19.30 -14.45
N PRO A 3610 -10.72 18.01 -14.28
CA PRO A 3610 -9.36 17.52 -14.56
C PRO A 3610 -8.94 17.80 -16.00
N GLN A 3611 -7.66 18.14 -16.17
CA GLN A 3611 -7.17 18.59 -17.46
C GLN A 3611 -7.17 17.48 -18.51
N SER A 3612 -7.19 16.21 -18.09
CA SER A 3612 -7.24 15.12 -19.06
C SER A 3612 -8.62 14.96 -19.70
N TRP A 3613 -9.68 15.36 -19.01
CA TRP A 3613 -11.02 15.25 -19.56
C TRP A 3613 -11.37 16.39 -20.50
N GLN A 3614 -10.52 17.40 -20.59
CA GLN A 3614 -10.79 18.53 -21.47
C GLN A 3614 -10.65 18.11 -22.93
N CYS A 3615 -11.67 18.42 -23.72
CA CYS A 3615 -11.76 17.99 -25.13
C CYS A 3615 -11.59 16.47 -25.25
N ASP A 3616 -12.41 15.74 -24.51
CA ASP A 3616 -12.38 14.28 -24.52
C ASP A 3616 -13.57 13.67 -25.27
N SER A 3617 -14.29 14.47 -26.04
CA SER A 3617 -15.49 14.14 -26.80
C SER A 3617 -16.70 13.96 -25.87
N VAL A 3618 -16.57 14.19 -24.57
CA VAL A 3618 -17.68 14.04 -23.62
C VAL A 3618 -17.89 15.37 -22.93
N ASN A 3619 -19.14 15.82 -22.88
CA ASN A 3619 -19.48 17.09 -22.24
C ASN A 3619 -19.48 16.88 -20.73
N ASP A 3620 -18.58 17.57 -20.04
CA ASP A 3620 -18.46 17.46 -18.59
C ASP A 3620 -18.94 18.71 -17.86
N CYS A 3621 -18.55 19.89 -18.34
CA CYS A 3621 -18.90 21.13 -17.68
C CYS A 3621 -20.36 21.53 -17.89
N LEU A 3622 -21.17 20.62 -18.45
CA LEU A 3622 -22.64 20.86 -18.59
C LEU A 3622 -22.95 21.97 -19.59
N ASP A 3623 -21.95 22.78 -19.94
CA ASP A 3623 -22.13 23.91 -20.84
C ASP A 3623 -21.53 23.65 -22.21
N ASN A 3624 -20.97 22.46 -22.42
CA ASN A 3624 -20.26 22.07 -23.63
C ASN A 3624 -19.06 22.98 -23.91
N SER A 3625 -18.50 23.61 -22.88
CA SER A 3625 -17.31 24.42 -23.08
C SER A 3625 -16.08 23.56 -23.25
N ASP A 3626 -16.05 22.38 -22.62
CA ASP A 3626 -14.92 21.48 -22.79
C ASP A 3626 -14.93 20.81 -24.15
N GLU A 3627 -16.08 20.73 -24.81
CA GLU A 3627 -16.18 20.15 -26.15
C GLU A 3627 -16.54 21.20 -27.19
N ASP A 3628 -16.35 22.49 -26.90
CA ASP A 3628 -16.53 23.52 -27.90
C ASP A 3628 -15.41 23.42 -28.93
N THR A 3629 -15.79 23.44 -30.21
CA THR A 3629 -14.80 23.28 -31.28
C THR A 3629 -13.79 24.42 -31.28
N SER A 3630 -14.24 25.66 -31.01
CA SER A 3630 -13.34 26.81 -31.04
C SER A 3630 -12.21 26.66 -30.03
N HIS A 3631 -12.52 26.25 -28.80
CA HIS A 3631 -11.46 26.03 -27.83
C HIS A 3631 -10.70 24.74 -28.10
N CYS A 3632 -11.40 23.69 -28.52
CA CYS A 3632 -10.75 22.41 -28.80
C CYS A 3632 -9.80 22.50 -29.98
N ALA A 3633 -9.85 23.57 -30.76
CA ALA A 3633 -8.91 23.75 -31.86
C ALA A 3633 -7.68 24.55 -31.41
N SER A 3634 -7.90 25.71 -30.79
CA SER A 3634 -6.82 26.64 -30.54
C SER A 3634 -5.93 26.22 -29.37
N ARG A 3635 -6.45 25.38 -28.47
CA ARG A 3635 -5.73 25.10 -27.24
C ARG A 3635 -4.46 24.31 -27.51
N THR A 3636 -3.47 24.53 -26.66
CA THR A 3636 -2.19 23.83 -26.72
C THR A 3636 -2.09 22.85 -25.55
N CYS A 3637 -1.70 21.62 -25.84
CA CYS A 3637 -1.52 20.64 -24.77
C CYS A 3637 -0.39 21.07 -23.86
N ARG A 3638 -0.52 20.75 -22.58
CA ARG A 3638 0.47 21.13 -21.59
C ARG A 3638 1.81 20.45 -21.93
N PRO A 3639 2.93 21.02 -21.47
CA PRO A 3639 4.23 20.47 -21.85
C PRO A 3639 4.35 19.00 -21.51
N GLY A 3640 4.95 18.25 -22.43
CA GLY A 3640 5.13 16.82 -22.28
C GLY A 3640 4.03 15.98 -22.89
N GLN A 3641 2.92 16.58 -23.28
CA GLN A 3641 1.80 15.84 -23.87
C GLN A 3641 1.70 16.15 -25.36
N PHE A 3642 1.60 15.09 -26.17
CA PHE A 3642 1.37 15.23 -27.60
C PHE A 3642 -0.07 15.66 -27.87
N LYS A 3643 -0.25 16.51 -28.87
CA LYS A 3643 -1.57 17.03 -29.21
C LYS A 3643 -2.06 16.38 -30.50
N CYS A 3644 -3.32 15.93 -30.47
CA CYS A 3644 -3.96 15.37 -31.65
C CYS A 3644 -4.62 16.46 -32.47
N ASN A 3645 -4.87 16.17 -33.75
CA ASN A 3645 -5.66 17.08 -34.56
C ASN A 3645 -7.10 17.12 -34.09
N ASN A 3646 -7.56 16.06 -33.44
CA ASN A 3646 -8.88 16.02 -32.83
C ASN A 3646 -9.02 16.98 -31.65
N GLY A 3647 -7.90 17.43 -31.08
CA GLY A 3647 -7.92 18.29 -29.92
C GLY A 3647 -7.59 17.60 -28.62
N ARG A 3648 -7.60 16.28 -28.57
CA ARG A 3648 -7.29 15.56 -27.35
C ARG A 3648 -5.81 15.73 -27.00
N CYS A 3649 -5.52 15.59 -25.71
CA CYS A 3649 -4.16 15.59 -25.20
C CYS A 3649 -3.82 14.20 -24.69
N ILE A 3650 -2.63 13.72 -25.07
CA ILE A 3650 -2.15 12.43 -24.59
C ILE A 3650 -0.71 12.56 -24.13
N PRO A 3651 -0.31 11.75 -23.16
CA PRO A 3651 1.12 11.69 -22.80
C PRO A 3651 1.95 11.28 -24.00
N GLN A 3652 3.14 11.88 -24.11
CA GLN A 3652 3.95 11.69 -25.31
C GLN A 3652 4.33 10.23 -25.51
N SER A 3653 4.34 9.44 -24.44
CA SER A 3653 4.70 8.03 -24.56
C SER A 3653 3.67 7.24 -25.35
N TRP A 3654 2.49 7.81 -25.60
CA TRP A 3654 1.44 7.10 -26.32
C TRP A 3654 1.48 7.33 -27.83
N LYS A 3655 2.41 8.13 -28.33
CA LYS A 3655 2.63 8.14 -29.77
C LYS A 3655 3.34 6.86 -30.18
N CYS A 3656 2.91 6.28 -31.30
CA CYS A 3656 3.38 4.97 -31.74
C CYS A 3656 3.02 3.88 -30.72
N ASP A 3657 1.91 4.08 -30.00
CA ASP A 3657 1.41 3.11 -29.04
C ASP A 3657 0.76 1.91 -29.72
N VAL A 3658 0.51 2.01 -31.04
CA VAL A 3658 -0.18 1.01 -31.86
C VAL A 3658 -1.68 1.12 -31.63
N ASP A 3659 -2.10 1.10 -30.36
CA ASP A 3659 -3.51 1.33 -30.06
C ASP A 3659 -3.89 2.77 -30.33
N ASN A 3660 -5.12 2.99 -30.78
CA ASN A 3660 -5.60 4.33 -31.04
C ASN A 3660 -5.86 5.06 -29.73
N ASP A 3661 -5.41 6.31 -29.65
CA ASP A 3661 -5.63 7.15 -28.48
C ASP A 3661 -6.49 8.37 -28.78
N CYS A 3662 -6.29 9.03 -29.92
CA CYS A 3662 -7.02 10.24 -30.23
C CYS A 3662 -8.35 9.98 -30.91
N GLY A 3663 -8.63 8.74 -31.30
CA GLY A 3663 -9.87 8.44 -32.03
C GLY A 3663 -9.81 8.66 -33.52
N ASP A 3664 -8.97 9.59 -33.97
CA ASP A 3664 -8.77 9.82 -35.40
C ASP A 3664 -7.49 9.19 -35.92
N TYR A 3665 -6.84 8.33 -35.15
CA TYR A 3665 -5.53 7.75 -35.47
C TYR A 3665 -4.47 8.82 -35.69
N SER A 3666 -4.66 10.00 -35.10
CA SER A 3666 -3.61 11.02 -35.18
C SER A 3666 -2.40 10.64 -34.35
N ASP A 3667 -2.56 9.73 -33.39
CA ASP A 3667 -1.45 9.30 -32.56
C ASP A 3667 -0.72 8.11 -33.13
N GLU A 3668 -1.03 7.69 -34.36
CA GLU A 3668 -0.30 6.58 -34.95
C GLU A 3668 0.19 6.93 -36.37
N PRO A 3669 1.14 7.85 -36.51
CA PRO A 3669 1.73 8.08 -37.84
C PRO A 3669 2.68 6.95 -38.20
N ILE A 3670 2.25 6.07 -39.10
CA ILE A 3670 3.00 4.83 -39.35
C ILE A 3670 4.38 5.14 -39.92
N ASP A 3671 4.46 6.12 -40.83
CA ASP A 3671 5.72 6.42 -41.47
C ASP A 3671 6.77 6.87 -40.46
N GLU A 3672 6.38 7.73 -39.52
CA GLU A 3672 7.30 8.17 -38.48
C GLU A 3672 7.60 7.03 -37.50
N CYS A 3673 6.57 6.30 -37.10
CA CYS A 3673 6.74 5.24 -36.10
C CYS A 3673 7.56 4.07 -36.61
N THR A 3674 7.70 3.93 -37.93
CA THR A 3674 8.39 2.78 -38.50
C THR A 3674 9.88 3.04 -38.75
N THR A 3675 10.38 4.21 -38.39
CA THR A 3675 11.79 4.50 -38.60
C THR A 3675 12.57 4.27 -37.31
N ALA A 3676 13.84 4.67 -37.32
CA ALA A 3676 14.68 4.52 -36.14
C ALA A 3676 14.36 5.54 -35.07
N ALA A 3677 13.64 6.61 -35.41
CA ALA A 3677 13.38 7.67 -34.44
C ALA A 3677 12.50 7.20 -33.29
N TYR A 3678 11.82 6.07 -33.43
CA TYR A 3678 10.93 5.56 -32.39
C TYR A 3678 11.26 4.11 -32.06
N ASN A 3679 12.54 3.83 -31.86
CA ASN A 3679 12.95 2.51 -31.41
C ASN A 3679 12.64 2.31 -29.93
N CYS A 3680 12.74 1.07 -29.49
CA CYS A 3680 12.57 0.75 -28.08
C CYS A 3680 13.78 1.20 -27.27
N ASP A 3681 13.54 1.53 -26.00
CA ASP A 3681 14.66 1.82 -25.11
C ASP A 3681 15.45 0.54 -24.87
N ASN A 3682 16.68 0.51 -25.36
CA ASN A 3682 17.51 -0.68 -25.30
C ASN A 3682 17.79 -1.10 -23.86
N HIS A 3683 17.86 -2.40 -23.61
CA HIS A 3683 18.20 -3.01 -22.33
C HIS A 3683 17.37 -2.48 -21.17
N THR A 3684 16.25 -1.82 -21.46
CA THR A 3684 15.25 -1.48 -20.45
C THR A 3684 13.82 -1.77 -20.88
N GLU A 3685 13.57 -2.03 -22.16
CA GLU A 3685 12.24 -2.27 -22.67
C GLU A 3685 12.23 -3.53 -23.53
N PHE A 3686 11.04 -4.12 -23.67
CA PHE A 3686 10.86 -5.34 -24.43
C PHE A 3686 10.09 -5.02 -25.71
N SER A 3687 10.57 -5.55 -26.83
CA SER A 3687 9.94 -5.28 -28.12
C SER A 3687 9.05 -6.44 -28.52
N CYS A 3688 7.88 -6.12 -29.06
CA CYS A 3688 6.96 -7.14 -29.54
C CYS A 3688 7.49 -7.80 -30.81
N LYS A 3689 6.84 -8.90 -31.20
CA LYS A 3689 7.33 -9.66 -32.34
C LYS A 3689 6.58 -9.31 -33.62
N THR A 3690 5.29 -8.97 -33.52
CA THR A 3690 4.54 -8.61 -34.71
C THR A 3690 4.37 -7.10 -34.86
N ASN A 3691 3.79 -6.44 -33.86
CA ASN A 3691 3.57 -5.01 -33.90
C ASN A 3691 4.88 -4.26 -33.67
N TYR A 3692 4.79 -2.93 -33.70
CA TYR A 3692 5.93 -2.07 -33.45
C TYR A 3692 5.91 -1.46 -32.06
N ARG A 3693 5.06 -1.94 -31.18
CA ARG A 3693 4.99 -1.42 -29.82
C ARG A 3693 6.26 -1.77 -29.04
N CYS A 3694 6.69 -0.84 -28.20
CA CYS A 3694 7.72 -1.09 -27.20
C CYS A 3694 7.10 -0.98 -25.83
N ILE A 3695 7.18 -2.05 -25.06
CA ILE A 3695 6.55 -2.08 -23.73
C ILE A 3695 7.63 -2.08 -22.67
N PRO A 3696 7.35 -1.59 -21.46
CA PRO A 3696 8.33 -1.70 -20.38
C PRO A 3696 8.65 -3.16 -20.08
N GLN A 3697 9.90 -3.42 -19.73
CA GLN A 3697 10.38 -4.79 -19.66
C GLN A 3697 9.68 -5.57 -18.56
N TRP A 3698 9.36 -4.91 -17.43
CA TRP A 3698 8.75 -5.60 -16.31
C TRP A 3698 7.33 -6.08 -16.59
N ALA A 3699 6.73 -5.65 -17.69
CA ALA A 3699 5.41 -6.12 -18.09
C ALA A 3699 5.46 -7.47 -18.80
N VAL A 3700 6.66 -7.97 -19.11
CA VAL A 3700 6.78 -9.31 -19.66
C VAL A 3700 6.45 -10.32 -18.58
N CYS A 3701 5.59 -11.27 -18.92
CA CYS A 3701 5.16 -12.32 -17.99
C CYS A 3701 4.54 -11.71 -16.74
N ASN A 3702 3.43 -10.98 -16.90
CA ASN A 3702 2.72 -10.41 -15.77
C ASN A 3702 1.24 -10.76 -15.76
N GLY A 3703 0.79 -11.68 -16.60
CA GLY A 3703 -0.62 -12.03 -16.64
C GLY A 3703 -1.50 -11.05 -17.36
N PHE A 3704 -0.98 -10.37 -18.38
CA PHE A 3704 -1.77 -9.43 -19.16
C PHE A 3704 -1.12 -9.24 -20.52
N ASP A 3705 -1.96 -9.09 -21.55
CA ASP A 3705 -1.50 -8.95 -22.93
C ASP A 3705 -1.01 -7.52 -23.13
N ASP A 3706 0.29 -7.31 -22.93
CA ASP A 3706 0.85 -5.98 -23.08
C ASP A 3706 1.17 -5.65 -24.53
N CYS A 3707 1.74 -6.62 -25.26
CA CYS A 3707 2.13 -6.37 -26.64
C CYS A 3707 0.98 -6.55 -27.63
N ARG A 3708 -0.24 -6.79 -27.14
CA ARG A 3708 -1.47 -6.83 -27.93
C ARG A 3708 -1.50 -8.04 -28.85
N ASP A 3709 -0.44 -8.84 -28.85
CA ASP A 3709 -0.41 -10.10 -29.59
C ASP A 3709 0.11 -11.26 -28.76
N ASN A 3710 0.03 -11.14 -27.43
CA ASN A 3710 0.45 -12.15 -26.47
C ASN A 3710 1.94 -12.49 -26.57
N SER A 3711 2.73 -11.67 -27.27
CA SER A 3711 4.17 -11.92 -27.36
C SER A 3711 4.83 -11.81 -26.00
N ASP A 3712 4.40 -10.85 -25.19
CA ASP A 3712 4.99 -10.66 -23.88
C ASP A 3712 4.71 -11.82 -22.93
N GLU A 3713 3.65 -12.60 -23.20
CA GLU A 3713 3.27 -13.70 -22.33
C GLU A 3713 3.63 -15.06 -22.90
N GLN A 3714 4.41 -15.11 -23.97
CA GLN A 3714 4.82 -16.37 -24.57
C GLN A 3714 6.11 -16.88 -23.93
N GLY A 3715 6.22 -18.20 -23.85
CA GLY A 3715 7.41 -18.82 -23.29
C GLY A 3715 7.70 -18.42 -21.87
N CYS A 3716 6.66 -18.28 -21.04
CA CYS A 3716 6.86 -17.79 -19.69
C CYS A 3716 7.54 -18.79 -18.78
N GLU A 3717 7.67 -20.05 -19.22
CA GLU A 3717 8.28 -21.06 -18.37
C GLU A 3717 9.80 -21.00 -18.40
N SER A 3718 10.39 -20.14 -19.23
CA SER A 3718 11.83 -20.06 -19.35
C SER A 3718 12.45 -18.88 -18.62
N VAL A 3719 11.67 -17.84 -18.35
CA VAL A 3719 12.23 -16.65 -17.68
C VAL A 3719 12.62 -17.03 -16.25
N PRO A 3720 13.85 -16.76 -15.82
CA PRO A 3720 14.26 -17.11 -14.46
C PRO A 3720 13.83 -16.05 -13.46
N CYS A 3721 13.28 -16.49 -12.34
CA CYS A 3721 12.94 -15.56 -11.26
C CYS A 3721 14.21 -15.12 -10.54
N HIS A 3722 14.09 -14.04 -9.79
CA HIS A 3722 15.26 -13.48 -9.11
C HIS A 3722 15.79 -14.48 -8.09
N PRO A 3723 17.11 -14.66 -7.99
CA PRO A 3723 17.66 -15.70 -7.11
C PRO A 3723 17.40 -15.46 -5.63
N SER A 3724 17.11 -14.23 -5.21
CA SER A 3724 16.97 -13.95 -3.78
C SER A 3724 15.60 -13.40 -3.42
N GLY A 3725 15.08 -12.46 -4.21
CA GLY A 3725 13.89 -11.73 -3.82
C GLY A 3725 12.64 -12.06 -4.59
N ASP A 3726 12.49 -13.27 -5.09
CA ASP A 3726 11.33 -13.64 -5.89
C ASP A 3726 10.75 -14.97 -5.42
N PHE A 3727 9.45 -15.12 -5.65
CA PHE A 3727 8.74 -16.37 -5.42
C PHE A 3727 8.19 -16.87 -6.74
N ARG A 3728 8.41 -18.15 -7.02
CA ARG A 3728 8.06 -18.74 -8.30
C ARG A 3728 6.68 -19.38 -8.21
N CYS A 3729 5.78 -18.97 -9.09
CA CYS A 3729 4.42 -19.50 -9.11
C CYS A 3729 4.38 -20.83 -9.87
N ALA A 3730 3.25 -21.53 -9.73
CA ALA A 3730 3.06 -22.77 -10.46
C ALA A 3730 2.97 -22.55 -11.96
N ASN A 3731 2.42 -21.43 -12.39
CA ASN A 3731 2.38 -21.08 -13.81
C ASN A 3731 3.63 -20.35 -14.27
N HIS A 3732 4.74 -20.53 -13.56
CA HIS A 3732 6.06 -20.01 -13.88
C HIS A 3732 6.15 -18.50 -13.86
N HIS A 3733 5.22 -17.81 -13.18
CA HIS A 3733 5.35 -16.37 -12.98
C HIS A 3733 6.24 -16.08 -11.78
N CYS A 3734 6.82 -14.88 -11.79
CA CYS A 3734 7.63 -14.40 -10.68
C CYS A 3734 6.92 -13.24 -10.00
N ILE A 3735 6.79 -13.32 -8.68
CA ILE A 3735 6.17 -12.25 -7.89
C ILE A 3735 7.15 -11.82 -6.82
N PRO A 3736 7.06 -10.59 -6.31
CA PRO A 3736 7.89 -10.21 -5.16
C PRO A 3736 7.58 -11.09 -3.97
N LEU A 3737 8.62 -11.44 -3.21
CA LEU A 3737 8.44 -12.36 -2.10
C LEU A 3737 7.56 -11.76 -1.01
N ARG A 3738 7.44 -10.43 -0.98
CA ARG A 3738 6.58 -9.79 0.00
C ARG A 3738 5.11 -10.14 -0.20
N TRP A 3739 4.73 -10.58 -1.38
CA TRP A 3739 3.34 -10.91 -1.68
C TRP A 3739 2.99 -12.36 -1.42
N LYS A 3740 3.93 -13.17 -0.95
CA LYS A 3740 3.58 -14.53 -0.53
C LYS A 3740 2.98 -14.51 0.86
N CYS A 3741 1.91 -15.28 1.04
CA CYS A 3741 1.17 -15.39 2.29
C CYS A 3741 0.57 -14.07 2.75
N ASP A 3742 0.53 -13.06 1.88
CA ASP A 3742 -0.07 -11.79 2.25
C ASP A 3742 -1.57 -11.88 2.38
N GLY A 3743 -2.19 -12.93 1.84
CA GLY A 3743 -3.62 -13.11 1.93
C GLY A 3743 -4.39 -12.81 0.66
N THR A 3744 -3.72 -12.49 -0.44
CA THR A 3744 -4.38 -12.18 -1.69
C THR A 3744 -3.77 -13.01 -2.81
N ASP A 3745 -4.64 -13.52 -3.69
CA ASP A 3745 -4.23 -14.35 -4.83
C ASP A 3745 -3.54 -13.44 -5.84
N ASP A 3746 -2.22 -13.55 -5.95
CA ASP A 3746 -1.45 -12.66 -6.80
C ASP A 3746 -0.93 -13.36 -8.06
N CYS A 3747 -0.43 -14.59 -7.92
CA CYS A 3747 0.10 -15.31 -9.08
C CYS A 3747 -0.98 -15.57 -10.11
N GLY A 3748 -2.24 -15.68 -9.68
CA GLY A 3748 -3.33 -16.06 -10.55
C GLY A 3748 -3.78 -17.49 -10.39
N ASP A 3749 -2.97 -18.35 -9.77
CA ASP A 3749 -3.35 -19.73 -9.50
C ASP A 3749 -3.27 -20.07 -8.02
N ASN A 3750 -3.26 -19.06 -7.14
CA ASN A 3750 -3.24 -19.26 -5.69
C ASN A 3750 -2.00 -20.02 -5.24
N SER A 3751 -0.90 -19.91 -5.99
CA SER A 3751 0.35 -20.54 -5.57
C SER A 3751 0.86 -19.92 -4.27
N ASP A 3752 0.77 -18.60 -4.15
CA ASP A 3752 1.25 -17.93 -2.94
C ASP A 3752 0.46 -18.32 -1.71
N GLU A 3753 -0.86 -18.46 -1.83
CA GLU A 3753 -1.71 -18.73 -0.69
C GLU A 3753 -1.78 -20.20 -0.29
N GLU A 3754 -1.28 -21.11 -1.12
CA GLU A 3754 -1.31 -22.52 -0.76
C GLU A 3754 -0.34 -22.81 0.37
N ASN A 3755 -0.79 -23.60 1.34
CA ASN A 3755 -0.02 -23.94 2.53
C ASN A 3755 0.47 -22.69 3.24
N CYS A 3756 -0.39 -21.69 3.38
CA CYS A 3756 0.01 -20.43 4.00
C CYS A 3756 -0.06 -20.55 5.52
N VAL A 3757 1.09 -20.39 6.17
CA VAL A 3757 1.18 -20.35 7.62
C VAL A 3757 0.93 -18.91 8.07
N PRO A 3758 0.00 -18.67 8.99
CA PRO A 3758 -0.30 -17.29 9.39
C PRO A 3758 0.92 -16.61 9.98
N ARG A 3759 1.09 -15.33 9.63
CA ARG A 3759 2.25 -14.59 10.08
C ARG A 3759 2.05 -14.12 11.52
N GLU A 3760 3.11 -13.56 12.08
CA GLU A 3760 3.04 -12.97 13.41
C GLU A 3760 2.64 -11.51 13.33
N CYS A 3761 1.95 -11.03 14.36
CA CYS A 3761 1.57 -9.63 14.43
C CYS A 3761 2.73 -8.80 14.93
N SER A 3762 2.77 -7.53 14.52
CA SER A 3762 3.84 -6.63 14.92
C SER A 3762 3.59 -6.08 16.32
N GLU A 3763 4.35 -5.05 16.68
CA GLU A 3763 4.25 -4.49 18.02
C GLU A 3763 2.95 -3.73 18.25
N SER A 3764 2.32 -3.22 17.20
CA SER A 3764 1.11 -2.42 17.32
C SER A 3764 -0.11 -3.07 16.67
N GLU A 3765 -0.13 -4.40 16.57
CA GLU A 3765 -1.23 -5.10 15.93
C GLU A 3765 -1.86 -6.09 16.89
N PHE A 3766 -3.13 -6.40 16.63
CA PHE A 3766 -3.91 -7.36 17.42
C PHE A 3766 -4.26 -8.54 16.54
N ARG A 3767 -4.01 -9.75 17.05
CA ARG A 3767 -4.25 -10.97 16.28
C ARG A 3767 -5.73 -11.32 16.39
N CYS A 3768 -6.41 -11.38 15.24
CA CYS A 3768 -7.83 -11.68 15.24
C CYS A 3768 -8.08 -13.13 15.65
N ALA A 3769 -9.36 -13.47 15.81
CA ALA A 3769 -9.73 -14.83 16.17
C ALA A 3769 -9.33 -15.85 15.11
N ASP A 3770 -9.45 -15.49 13.84
CA ASP A 3770 -9.04 -16.36 12.75
C ASP A 3770 -7.60 -16.11 12.30
N GLN A 3771 -6.74 -15.67 13.22
CA GLN A 3771 -5.32 -15.45 12.96
C GLN A 3771 -5.10 -14.42 11.86
N GLN A 3772 -5.51 -13.18 12.11
CA GLN A 3772 -5.22 -12.07 11.21
C GLN A 3772 -4.83 -10.86 12.05
N CYS A 3773 -3.97 -10.03 11.48
CA CYS A 3773 -3.47 -8.85 12.16
C CYS A 3773 -4.17 -7.59 11.64
N ILE A 3774 -4.61 -6.74 12.56
CA ILE A 3774 -5.22 -5.46 12.23
C ILE A 3774 -4.65 -4.38 13.14
N PRO A 3775 -4.74 -3.10 12.76
CA PRO A 3775 -4.21 -2.04 13.64
C PRO A 3775 -4.87 -2.06 15.00
N SER A 3776 -4.09 -1.73 16.03
CA SER A 3776 -4.62 -1.74 17.39
C SER A 3776 -5.73 -0.72 17.57
N ARG A 3777 -5.69 0.37 16.80
CA ARG A 3777 -6.71 1.40 16.90
C ARG A 3777 -8.04 0.95 16.30
N TRP A 3778 -8.09 -0.21 15.65
CA TRP A 3778 -9.35 -0.77 15.17
C TRP A 3778 -10.08 -1.58 16.22
N VAL A 3779 -9.50 -1.74 17.41
CA VAL A 3779 -10.13 -2.56 18.44
C VAL A 3779 -11.21 -1.75 19.14
N CYS A 3780 -12.44 -2.24 19.10
CA CYS A 3780 -13.60 -1.59 19.72
C CYS A 3780 -13.76 -0.16 19.21
N ASP A 3781 -13.91 -0.04 17.90
CA ASP A 3781 -14.15 1.23 17.23
C ASP A 3781 -15.53 1.31 16.61
N GLN A 3782 -16.48 0.52 17.10
CA GLN A 3782 -17.84 0.45 16.57
C GLN A 3782 -17.87 -0.05 15.12
N GLU A 3783 -17.06 -1.04 14.78
CA GLU A 3783 -17.10 -1.60 13.45
C GLU A 3783 -16.49 -3.00 13.45
N ASN A 3784 -17.00 -3.85 12.57
CA ASN A 3784 -16.54 -5.22 12.43
C ASN A 3784 -15.31 -5.24 11.52
N ASP A 3785 -14.13 -5.38 12.11
CA ASP A 3785 -12.90 -5.37 11.34
C ASP A 3785 -12.23 -6.73 11.22
N CYS A 3786 -12.38 -7.60 12.21
CA CYS A 3786 -11.80 -8.94 12.15
C CYS A 3786 -12.70 -9.94 11.42
N GLY A 3787 -13.66 -9.47 10.64
CA GLY A 3787 -14.50 -10.36 9.87
C GLY A 3787 -15.72 -10.86 10.61
N ASP A 3788 -15.58 -11.06 11.93
CA ASP A 3788 -16.66 -11.59 12.75
C ASP A 3788 -16.76 -10.85 14.08
N ASN A 3789 -16.42 -9.56 14.08
CA ASN A 3789 -16.46 -8.70 15.26
C ASN A 3789 -15.64 -9.23 16.42
N SER A 3790 -14.68 -10.13 16.17
CA SER A 3790 -13.90 -10.69 17.27
C SER A 3790 -12.97 -9.66 17.90
N ASP A 3791 -12.74 -8.53 17.23
CA ASP A 3791 -12.02 -7.43 17.86
C ASP A 3791 -12.90 -6.74 18.91
N GLU A 3792 -14.20 -6.63 18.62
CA GLU A 3792 -15.16 -6.01 19.53
C GLU A 3792 -15.40 -6.82 20.80
N ARG A 3793 -14.70 -7.93 20.97
CA ARG A 3793 -15.01 -8.87 22.03
C ARG A 3793 -14.46 -8.40 23.37
N ASP A 3794 -15.34 -8.32 24.37
CA ASP A 3794 -14.95 -8.22 25.78
C ASP A 3794 -14.12 -6.98 26.07
N CYS A 3795 -14.59 -5.80 25.67
CA CYS A 3795 -13.85 -4.59 26.02
C CYS A 3795 -14.64 -3.64 26.92
N GLU A 3796 -15.37 -4.20 27.89
CA GLU A 3796 -15.79 -3.40 29.04
C GLU A 3796 -14.67 -3.25 30.05
N MET A 3797 -13.54 -3.93 29.81
CA MET A 3797 -12.51 -4.14 30.81
C MET A 3797 -11.13 -3.69 30.34
N LYS A 3798 -11.07 -2.64 29.53
CA LYS A 3798 -9.80 -2.10 29.06
C LYS A 3798 -9.96 -0.63 28.74
N THR A 3799 -8.88 0.12 28.96
CA THR A 3799 -8.87 1.54 28.64
C THR A 3799 -8.62 1.73 27.15
N CYS A 3800 -8.88 2.95 26.67
CA CYS A 3800 -8.67 3.28 25.28
C CYS A 3800 -7.30 3.95 25.10
N HIS A 3801 -7.07 4.45 23.89
CA HIS A 3801 -5.86 5.22 23.62
C HIS A 3801 -5.92 6.55 24.36
N PRO A 3802 -4.77 7.18 24.61
CA PRO A 3802 -4.78 8.43 25.39
C PRO A 3802 -5.63 9.53 24.78
N GLU A 3803 -5.75 9.58 23.46
CA GLU A 3803 -6.48 10.64 22.79
C GLU A 3803 -7.91 10.24 22.41
N HIS A 3804 -8.38 9.09 22.87
CA HIS A 3804 -9.71 8.60 22.52
C HIS A 3804 -10.64 8.67 23.73
N PHE A 3805 -11.90 8.99 23.47
CA PHE A 3805 -12.92 8.95 24.50
C PHE A 3805 -13.62 7.61 24.50
N GLN A 3806 -13.92 7.10 25.70
CA GLN A 3806 -14.52 5.77 25.86
C GLN A 3806 -16.00 5.92 26.17
N CYS A 3807 -16.85 5.26 25.36
CA CYS A 3807 -18.26 5.21 25.66
C CYS A 3807 -18.52 4.20 26.78
N THR A 3808 -19.69 4.33 27.41
CA THR A 3808 -20.06 3.41 28.48
C THR A 3808 -20.14 1.97 28.00
N SER A 3809 -20.28 1.74 26.70
CA SER A 3809 -20.33 0.40 26.14
C SER A 3809 -18.95 -0.13 25.78
N GLY A 3810 -17.89 0.60 26.12
CA GLY A 3810 -16.54 0.10 25.95
C GLY A 3810 -15.88 0.48 24.65
N HIS A 3811 -16.67 0.91 23.67
CA HIS A 3811 -16.12 1.35 22.40
C HIS A 3811 -15.34 2.65 22.59
N CYS A 3812 -14.31 2.82 21.76
CA CYS A 3812 -13.49 4.01 21.78
C CYS A 3812 -13.84 4.91 20.59
N VAL A 3813 -14.07 6.18 20.88
CA VAL A 3813 -14.34 7.18 19.83
C VAL A 3813 -13.37 8.33 20.01
N PRO A 3814 -13.04 9.05 18.94
CA PRO A 3814 -12.16 10.22 19.09
C PRO A 3814 -12.76 11.25 20.05
N LYS A 3815 -11.90 11.87 20.84
CA LYS A 3815 -12.36 12.82 21.85
C LYS A 3815 -13.04 14.03 21.20
N ALA A 3816 -12.50 14.49 20.07
CA ALA A 3816 -13.05 15.68 19.42
C ALA A 3816 -14.51 15.49 19.02
N LEU A 3817 -14.96 14.26 18.84
CA LEU A 3817 -16.35 14.03 18.46
C LEU A 3817 -17.31 14.11 19.64
N ALA A 3818 -16.79 14.27 20.87
CA ALA A 3818 -17.65 14.35 22.03
C ALA A 3818 -18.25 15.75 22.16
N CYS A 3819 -19.53 15.79 22.55
CA CYS A 3819 -20.25 17.04 22.82
C CYS A 3819 -20.25 17.97 21.61
N ASP A 3820 -20.46 17.40 20.44
CA ASP A 3820 -20.57 18.17 19.21
C ASP A 3820 -22.01 18.36 18.76
N GLY A 3821 -22.97 17.74 19.44
CA GLY A 3821 -24.37 17.84 19.07
C GLY A 3821 -24.90 16.71 18.22
N ARG A 3822 -24.08 15.69 17.95
CA ARG A 3822 -24.47 14.58 17.10
C ARG A 3822 -24.11 13.26 17.76
N ALA A 3823 -24.96 12.26 17.55
CA ALA A 3823 -24.78 10.96 18.18
C ALA A 3823 -23.63 10.22 17.51
N ASP A 3824 -22.60 9.91 18.29
CA ASP A 3824 -21.45 9.16 17.80
C ASP A 3824 -21.22 7.86 18.56
N CYS A 3825 -21.41 7.84 19.88
CA CYS A 3825 -21.41 6.58 20.60
C CYS A 3825 -22.60 5.74 20.17
N LEU A 3826 -22.49 4.43 20.36
CA LEU A 3826 -23.60 3.54 20.03
C LEU A 3826 -24.81 3.84 20.91
N ASP A 3827 -24.59 4.16 22.18
CA ASP A 3827 -25.66 4.52 23.10
C ASP A 3827 -25.80 6.03 23.28
N ALA A 3828 -25.17 6.82 22.40
CA ALA A 3828 -25.18 8.28 22.48
C ALA A 3828 -24.67 8.78 23.82
N SER A 3829 -23.71 8.07 24.42
CA SER A 3829 -23.22 8.45 25.73
C SER A 3829 -22.30 9.67 25.66
N ASP A 3830 -21.70 9.94 24.50
CA ASP A 3830 -20.74 11.03 24.39
C ASP A 3830 -21.39 12.40 24.55
N GLU A 3831 -22.72 12.48 24.53
CA GLU A 3831 -23.42 13.75 24.73
C GLU A 3831 -24.32 13.74 25.96
N SER A 3832 -24.46 12.60 26.63
CA SER A 3832 -25.47 12.47 27.68
C SER A 3832 -25.04 13.10 29.00
N ALA A 3833 -23.77 13.43 29.17
CA ALA A 3833 -23.26 13.83 30.47
C ALA A 3833 -22.54 15.17 30.47
N CYS A 3834 -22.52 15.89 29.35
CA CYS A 3834 -21.77 17.14 29.33
C CYS A 3834 -22.70 18.34 29.20
N PRO A 3835 -22.27 19.51 29.68
CA PRO A 3835 -23.23 20.57 30.02
C PRO A 3835 -23.83 21.26 28.80
N THR A 3836 -24.62 22.29 29.11
CA THR A 3836 -25.28 23.11 28.11
C THR A 3836 -24.27 23.98 27.37
N ARG A 3837 -24.70 24.49 26.21
CA ARG A 3837 -23.87 25.36 25.39
C ARG A 3837 -24.27 26.83 25.45
N PHE A 3838 -25.42 27.15 26.03
CA PHE A 3838 -25.94 28.51 25.99
C PHE A 3838 -26.37 28.95 27.38
N PRO A 3839 -26.29 30.25 27.67
CA PRO A 3839 -26.64 30.72 29.03
C PRO A 3839 -28.10 30.52 29.40
N ASN A 3840 -29.01 30.43 28.43
CA ASN A 3840 -30.43 30.29 28.75
C ASN A 3840 -30.83 28.86 29.07
N GLY A 3841 -29.87 27.98 29.33
CA GLY A 3841 -30.18 26.61 29.69
C GLY A 3841 -30.53 25.71 28.54
N THR A 3842 -30.53 26.22 27.32
CA THR A 3842 -30.86 25.41 26.15
C THR A 3842 -29.64 24.64 25.68
N TYR A 3843 -29.88 23.44 25.15
CA TYR A 3843 -28.79 22.57 24.73
C TYR A 3843 -28.27 22.91 23.34
N CYS A 3844 -29.12 22.82 22.33
CA CYS A 3844 -28.66 23.00 20.97
C CYS A 3844 -29.40 24.15 20.29
N PRO A 3845 -28.92 24.60 19.13
CA PRO A 3845 -29.56 25.75 18.48
C PRO A 3845 -31.03 25.49 18.17
N ALA A 3846 -31.81 26.57 18.21
CA ALA A 3846 -33.26 26.45 18.06
C ALA A 3846 -33.65 25.98 16.67
N ALA A 3847 -32.76 26.10 15.70
CA ALA A 3847 -33.10 25.67 14.34
C ALA A 3847 -33.13 24.17 14.17
N MET A 3848 -33.04 23.40 15.25
CA MET A 3848 -33.03 21.94 15.17
C MET A 3848 -33.88 21.37 16.29
N PHE A 3849 -34.32 20.13 16.10
CA PHE A 3849 -35.08 19.43 17.13
C PHE A 3849 -34.14 18.87 18.19
N GLU A 3850 -34.63 18.85 19.43
CA GLU A 3850 -33.86 18.37 20.57
C GLU A 3850 -34.46 17.08 21.10
N CYS A 3851 -33.65 16.03 21.17
CA CYS A 3851 -34.03 14.77 21.79
C CYS A 3851 -33.61 14.79 23.25
N LYS A 3852 -34.30 13.98 24.07
CA LYS A 3852 -34.12 14.07 25.51
C LYS A 3852 -32.75 13.58 25.97
N ASN A 3853 -32.02 12.84 25.14
CA ASN A 3853 -30.67 12.39 25.48
C ASN A 3853 -29.59 13.33 24.96
N HIS A 3854 -29.91 14.61 24.77
CA HIS A 3854 -28.99 15.69 24.45
C HIS A 3854 -28.30 15.53 23.10
N VAL A 3855 -28.91 14.86 22.13
CA VAL A 3855 -28.39 14.90 20.77
C VAL A 3855 -29.45 15.51 19.85
N CYS A 3856 -29.02 16.47 19.04
CA CYS A 3856 -29.93 17.26 18.21
C CYS A 3856 -29.77 16.88 16.75
N ILE A 3857 -30.90 16.67 16.07
CA ILE A 3857 -30.94 16.32 14.66
C ILE A 3857 -31.69 17.41 13.91
N GLN A 3858 -31.72 17.29 12.59
CA GLN A 3858 -32.41 18.28 11.78
C GLN A 3858 -33.91 18.20 12.01
N SER A 3859 -34.61 19.27 11.60
CA SER A 3859 -36.04 19.37 11.89
C SER A 3859 -36.83 18.28 11.18
N PHE A 3860 -36.50 17.97 9.93
CA PHE A 3860 -37.31 17.04 9.15
C PHE A 3860 -37.17 15.60 9.63
N TRP A 3861 -36.20 15.29 10.47
CA TRP A 3861 -36.04 13.92 10.94
C TRP A 3861 -37.14 13.51 11.91
N ILE A 3862 -37.97 14.45 12.36
CA ILE A 3862 -39.02 14.13 13.33
C ILE A 3862 -40.04 13.20 12.70
N CYS A 3863 -40.40 12.14 13.44
CA CYS A 3863 -41.37 11.13 13.02
C CYS A 3863 -41.08 10.60 11.62
N ASP A 3864 -39.78 10.52 11.27
CA ASP A 3864 -39.38 9.96 10.00
C ASP A 3864 -39.52 8.45 9.93
N GLY A 3865 -39.97 7.82 11.01
CA GLY A 3865 -40.08 6.37 11.08
C GLY A 3865 -38.82 5.67 11.51
N GLU A 3866 -37.73 6.41 11.74
CA GLU A 3866 -36.45 5.83 12.12
C GLU A 3866 -35.96 6.45 13.42
N ASN A 3867 -35.34 5.63 14.26
CA ASN A 3867 -34.83 6.08 15.55
C ASN A 3867 -33.51 6.83 15.36
N ASP A 3868 -33.62 8.05 14.81
CA ASP A 3868 -32.44 8.81 14.44
C ASP A 3868 -31.58 9.15 15.67
N CYS A 3869 -32.21 9.64 16.74
CA CYS A 3869 -31.54 9.83 18.01
C CYS A 3869 -31.96 8.71 18.95
N VAL A 3870 -30.99 8.12 19.64
CA VAL A 3870 -31.17 6.83 20.28
C VAL A 3870 -32.30 6.82 21.30
N ASP A 3871 -32.56 7.96 21.96
CA ASP A 3871 -33.61 7.98 22.97
C ASP A 3871 -35.00 7.81 22.38
N GLY A 3872 -35.18 8.08 21.09
CA GLY A 3872 -36.48 7.92 20.47
C GLY A 3872 -37.42 9.09 20.65
N SER A 3873 -36.90 10.25 21.09
CA SER A 3873 -37.77 11.40 21.28
C SER A 3873 -38.41 11.86 19.98
N ASP A 3874 -37.70 11.69 18.85
CA ASP A 3874 -38.27 12.09 17.56
C ASP A 3874 -39.43 11.20 17.16
N GLU A 3875 -39.38 9.92 17.52
CA GLU A 3875 -40.41 8.97 17.13
C GLU A 3875 -41.63 9.00 18.04
N GLU A 3876 -41.61 9.83 19.08
CA GLU A 3876 -42.80 10.03 19.90
C GLU A 3876 -43.91 10.60 19.02
N ILE A 3877 -45.09 10.00 19.09
CA ILE A 3877 -46.15 10.32 18.13
C ILE A 3877 -46.73 11.70 18.38
N HIS A 3878 -46.60 12.24 19.58
CA HIS A 3878 -47.21 13.52 19.89
C HIS A 3878 -46.56 14.68 19.15
N LEU A 3879 -45.32 14.50 18.68
CA LEU A 3879 -44.65 15.58 17.94
C LEU A 3879 -45.33 15.84 16.61
N CYS A 3880 -45.59 14.78 15.84
CA CYS A 3880 -46.15 14.98 14.51
C CYS A 3880 -47.67 15.01 14.53
N PHE A 3881 -48.27 14.94 15.72
CA PHE A 3881 -49.68 15.31 15.85
C PHE A 3881 -49.90 16.75 15.40
N ASN A 3882 -48.89 17.61 15.59
CA ASN A 3882 -48.96 19.00 15.18
C ASN A 3882 -48.08 19.30 13.96
N ILE A 3883 -47.45 18.29 13.38
CA ILE A 3883 -46.53 18.44 12.25
C ILE A 3883 -47.12 17.71 11.06
N PRO A 3884 -47.39 18.40 9.95
CA PRO A 3884 -47.85 17.69 8.75
C PRO A 3884 -46.69 17.05 8.00
N CYS A 3885 -47.02 16.10 7.14
CA CYS A 3885 -46.02 15.49 6.28
C CYS A 3885 -46.43 15.62 4.81
N GLU A 3886 -45.53 15.20 3.92
CA GLU A 3886 -45.70 15.43 2.50
C GLU A 3886 -46.78 14.53 1.91
N SER A 3887 -48.03 15.01 1.93
CA SER A 3887 -49.21 14.20 1.61
C SER A 3887 -49.12 13.41 0.30
N PRO A 3888 -48.62 13.95 -0.82
CA PRO A 3888 -48.57 13.15 -2.05
C PRO A 3888 -47.74 11.88 -1.95
N GLN A 3889 -46.70 11.86 -1.10
CA GLN A 3889 -45.86 10.68 -1.00
C GLN A 3889 -45.71 10.18 0.44
N ARG A 3890 -45.80 11.09 1.41
CA ARG A 3890 -45.72 10.73 2.81
C ARG A 3890 -47.11 10.33 3.29
N PHE A 3891 -47.33 9.04 3.50
CA PHE A 3891 -48.66 8.52 3.80
C PHE A 3891 -48.97 8.87 5.26
N ARG A 3892 -49.80 9.89 5.45
CA ARG A 3892 -50.33 10.20 6.77
C ARG A 3892 -51.28 9.10 7.19
N CYS A 3893 -50.86 8.27 8.13
CA CYS A 3893 -51.63 7.09 8.51
C CYS A 3893 -52.85 7.48 9.35
N ASP A 3894 -53.61 6.47 9.74
CA ASP A 3894 -54.83 6.71 10.53
C ASP A 3894 -54.52 7.35 11.87
N ASN A 3895 -53.46 6.90 12.54
CA ASN A 3895 -53.05 7.47 13.82
C ASN A 3895 -52.03 8.59 13.65
N SER A 3896 -52.05 9.29 12.52
CA SER A 3896 -51.34 10.54 12.28
C SER A 3896 -49.83 10.38 12.10
N ARG A 3897 -49.32 9.16 11.95
CA ARG A 3897 -47.93 9.03 11.52
C ARG A 3897 -47.85 9.08 10.00
N CYS A 3898 -46.65 9.38 9.50
CA CYS A 3898 -46.46 9.71 8.10
C CYS A 3898 -45.40 8.78 7.47
N VAL A 3899 -45.58 7.49 7.70
CA VAL A 3899 -44.82 6.46 6.98
C VAL A 3899 -44.91 6.71 5.47
N TYR A 3900 -43.78 6.54 4.79
CA TYR A 3900 -43.67 6.98 3.40
C TYR A 3900 -42.82 6.03 2.59
N GLY A 3901 -42.85 6.24 1.27
CA GLY A 3901 -41.86 5.72 0.35
C GLY A 3901 -41.64 4.22 0.31
N HIS A 3902 -40.37 3.82 0.37
CA HIS A 3902 -39.99 2.42 0.20
C HIS A 3902 -40.60 1.49 1.24
N GLN A 3903 -40.88 1.99 2.45
CA GLN A 3903 -41.51 1.16 3.46
C GLN A 3903 -43.03 1.13 3.32
N LEU A 3904 -43.58 1.78 2.29
CA LEU A 3904 -44.93 1.46 1.85
C LEU A 3904 -44.92 0.17 1.03
N CYS A 3905 -46.00 -0.60 1.15
CA CYS A 3905 -46.18 -1.85 0.43
C CYS A 3905 -45.10 -2.89 0.74
N ASN A 3906 -44.43 -2.76 1.87
CA ASN A 3906 -43.38 -3.69 2.25
C ASN A 3906 -43.99 -4.96 2.84
N GLY A 3907 -43.16 -5.78 3.48
CA GLY A 3907 -43.65 -7.00 4.10
C GLY A 3907 -44.23 -6.84 5.49
N VAL A 3908 -43.90 -5.76 6.20
CA VAL A 3908 -44.35 -5.57 7.56
C VAL A 3908 -44.88 -4.15 7.70
N ASP A 3909 -45.74 -3.95 8.69
CA ASP A 3909 -46.35 -2.65 8.92
C ASP A 3909 -45.42 -1.76 9.74
N ASP A 3910 -45.28 -0.50 9.30
CA ASP A 3910 -44.59 0.52 10.09
C ASP A 3910 -45.54 1.47 10.79
N CYS A 3911 -46.76 1.65 10.28
CA CYS A 3911 -47.73 2.49 10.96
C CYS A 3911 -48.30 1.80 12.19
N GLY A 3912 -48.31 0.47 12.19
CA GLY A 3912 -48.83 -0.31 13.30
C GLY A 3912 -50.15 -1.00 13.02
N ASP A 3913 -50.93 -0.51 12.05
CA ASP A 3913 -52.19 -1.15 11.71
C ASP A 3913 -52.22 -1.69 10.28
N GLY A 3914 -51.08 -1.74 9.60
CA GLY A 3914 -51.01 -2.34 8.28
C GLY A 3914 -51.52 -1.50 7.14
N SER A 3915 -51.90 -0.25 7.40
CA SER A 3915 -52.42 0.61 6.33
C SER A 3915 -51.37 0.90 5.26
N ASP A 3916 -50.08 0.82 5.61
CA ASP A 3916 -49.02 1.08 4.63
C ASP A 3916 -48.80 -0.10 3.69
N GLU A 3917 -49.42 -1.25 3.94
CA GLU A 3917 -49.46 -2.34 2.96
C GLU A 3917 -50.86 -2.61 2.44
N LYS A 3918 -51.83 -1.74 2.73
CA LYS A 3918 -53.21 -2.02 2.37
C LYS A 3918 -53.38 -2.00 0.85
N GLU A 3919 -54.26 -2.87 0.35
CA GLU A 3919 -54.52 -2.97 -1.08
C GLU A 3919 -55.49 -1.88 -1.52
N GLU A 3920 -55.15 -0.62 -1.22
CA GLU A 3920 -55.95 0.52 -1.64
C GLU A 3920 -55.05 1.58 -2.26
N HIS A 3921 -53.77 1.58 -1.88
CA HIS A 3921 -52.79 2.50 -2.44
C HIS A 3921 -51.80 1.77 -3.37
N CYS A 3922 -51.24 0.65 -2.92
CA CYS A 3922 -50.35 -0.13 -3.78
C CYS A 3922 -51.09 -0.62 -5.00
N ARG A 3923 -52.31 -1.13 -4.83
CA ARG A 3923 -53.18 -1.41 -5.95
C ARG A 3923 -53.53 -0.10 -6.66
N LYS A 3924 -53.50 -0.13 -7.99
CA LYS A 3924 -53.70 1.08 -8.80
C LYS A 3924 -55.03 1.74 -8.48
N PRO A 3925 -55.02 2.92 -7.87
CA PRO A 3925 -56.30 3.61 -7.61
C PRO A 3925 -57.01 3.99 -8.90
N THR A 3926 -56.35 4.76 -9.76
CA THR A 3926 -56.83 4.99 -11.12
C THR A 3926 -55.72 4.71 -12.12
N HIS A 3927 -54.49 5.10 -11.75
CA HIS A 3927 -53.31 4.98 -12.61
C HIS A 3927 -53.57 5.59 -13.99
N LYS A 3928 -54.32 6.68 -14.00
CA LYS A 3928 -54.65 7.41 -15.22
C LYS A 3928 -55.21 6.50 -16.30
N PRO A 3929 -56.45 6.00 -16.13
CA PRO A 3929 -57.05 5.07 -17.09
C PRO A 3929 -57.42 5.73 -18.41
N PRO B 4055 -35.28 -44.70 36.91
CA PRO B 4055 -34.37 -44.82 35.76
C PRO B 4055 -33.83 -43.46 35.30
N PRO B 4056 -32.54 -43.41 34.97
CA PRO B 4056 -31.94 -42.15 34.52
C PRO B 4056 -32.48 -41.73 33.16
N LEU B 4057 -32.45 -40.42 32.93
CA LEU B 4057 -32.90 -39.84 31.67
C LEU B 4057 -31.69 -39.33 30.91
N LEU B 4058 -31.60 -39.68 29.63
CA LEU B 4058 -30.48 -39.27 28.79
C LEU B 4058 -30.81 -37.96 28.09
N LEU B 4059 -29.82 -37.07 28.02
CA LEU B 4059 -29.94 -35.79 27.35
C LEU B 4059 -28.93 -35.75 26.20
N LEU B 4060 -29.42 -35.49 24.99
CA LEU B 4060 -28.59 -35.48 23.80
C LEU B 4060 -28.83 -34.20 23.00
N PRO B 4061 -27.93 -33.24 23.05
CA PRO B 4061 -28.11 -32.00 22.28
C PRO B 4061 -27.55 -32.10 20.87
N GLU B 4062 -28.35 -31.75 19.88
CA GLU B 4062 -27.91 -31.67 18.49
C GLU B 4062 -27.64 -30.23 18.11
N ASN B 4063 -27.22 -30.02 16.86
CA ASN B 4063 -26.90 -28.67 16.40
C ASN B 4063 -28.12 -27.78 16.36
N VAL B 4064 -29.30 -28.35 16.14
CA VAL B 4064 -30.52 -27.56 16.00
C VAL B 4064 -31.52 -27.82 17.13
N ARG B 4065 -31.56 -29.03 17.69
CA ARG B 4065 -32.56 -29.38 18.68
C ARG B 4065 -31.91 -30.18 19.80
N ILE B 4066 -32.62 -30.25 20.92
CA ILE B 4066 -32.20 -31.03 22.08
C ILE B 4066 -33.21 -32.16 22.28
N ARG B 4067 -32.72 -33.39 22.32
CA ARG B 4067 -33.56 -34.57 22.44
C ARG B 4067 -33.23 -35.31 23.73
N LYS B 4068 -34.27 -35.69 24.47
CA LYS B 4068 -34.12 -36.48 25.69
C LYS B 4068 -34.71 -37.86 25.48
N TYR B 4069 -33.97 -38.88 25.91
CA TYR B 4069 -34.33 -40.28 25.66
C TYR B 4069 -34.35 -41.02 26.99
N ASN B 4070 -35.42 -41.77 27.24
CA ASN B 4070 -35.52 -42.55 28.46
C ASN B 4070 -34.79 -43.88 28.29
N THR B 4071 -33.91 -44.19 29.24
CA THR B 4071 -33.13 -45.41 29.15
C THR B 4071 -33.95 -46.67 29.42
N SER B 4072 -35.13 -46.53 30.03
CA SER B 4072 -36.00 -47.66 30.30
C SER B 4072 -37.23 -47.71 29.41
N SER B 4073 -37.88 -46.57 29.16
CA SER B 4073 -39.03 -46.54 28.27
C SER B 4073 -38.65 -46.76 26.81
N GLU B 4074 -37.39 -46.51 26.46
CA GLU B 4074 -36.86 -46.73 25.11
C GLU B 4074 -37.62 -45.92 24.05
N LYS B 4075 -38.13 -44.75 24.41
CA LYS B 4075 -38.82 -43.88 23.48
C LYS B 4075 -38.38 -42.44 23.69
N PHE B 4076 -38.43 -41.65 22.61
CA PHE B 4076 -38.04 -40.25 22.68
C PHE B 4076 -39.22 -39.39 23.14
N SER B 4077 -38.94 -38.10 23.30
CA SER B 4077 -39.96 -37.15 23.72
C SER B 4077 -39.58 -35.75 23.23
N GLU B 4078 -40.57 -34.88 23.18
CA GLU B 4078 -40.36 -33.53 22.67
C GLU B 4078 -39.68 -32.65 23.71
N TYR B 4079 -38.84 -31.74 23.24
CA TYR B 4079 -38.14 -30.79 24.10
C TYR B 4079 -37.92 -29.51 23.30
N LEU B 4080 -36.99 -28.67 23.77
CA LEU B 4080 -36.74 -27.38 23.16
C LEU B 4080 -36.36 -27.53 21.69
N GLU B 4081 -36.92 -26.65 20.86
CA GLU B 4081 -36.69 -26.69 19.42
C GLU B 4081 -36.41 -25.28 18.93
N GLU B 4082 -36.14 -25.16 17.63
CA GLU B 4082 -35.93 -23.88 16.97
C GLU B 4082 -34.75 -23.11 17.57
N GLU B 4083 -33.57 -23.73 17.51
CA GLU B 4083 -32.33 -23.11 17.98
C GLU B 4083 -31.21 -23.48 17.00
N GLU B 4084 -30.15 -22.68 17.02
CA GLU B 4084 -29.07 -22.84 16.06
C GLU B 4084 -27.72 -22.78 16.76
N HIS B 4085 -26.85 -23.73 16.43
CA HIS B 4085 -25.45 -23.74 16.85
C HIS B 4085 -25.29 -23.69 18.37
N ILE B 4086 -25.76 -24.76 19.03
CA ILE B 4086 -25.52 -24.95 20.44
C ILE B 4086 -24.40 -25.98 20.60
N GLN B 4087 -23.69 -25.93 21.74
CA GLN B 4087 -22.50 -26.75 21.93
C GLN B 4087 -22.67 -27.81 23.01
N THR B 4088 -23.01 -27.42 24.24
CA THR B 4088 -23.06 -28.36 25.35
C THR B 4088 -24.13 -27.94 26.33
N ILE B 4089 -24.55 -28.89 27.17
CA ILE B 4089 -25.62 -28.67 28.13
C ILE B 4089 -25.17 -29.13 29.52
N ASP B 4090 -25.83 -28.58 30.54
CA ASP B 4090 -25.67 -29.03 31.92
C ASP B 4090 -26.95 -28.65 32.66
N TYR B 4091 -27.19 -29.34 33.77
CA TYR B 4091 -28.47 -29.22 34.47
C TYR B 4091 -28.25 -29.06 35.97
N ASP B 4092 -29.23 -28.46 36.61
CA ASP B 4092 -29.28 -28.35 38.07
C ASP B 4092 -30.61 -28.93 38.55
N TRP B 4093 -30.54 -29.80 39.56
CA TRP B 4093 -31.71 -30.57 39.99
C TRP B 4093 -32.61 -29.70 40.87
N ASP B 4094 -33.73 -29.24 40.28
CA ASP B 4094 -34.85 -28.52 40.91
C ASP B 4094 -34.41 -27.62 42.07
N PRO B 4095 -33.66 -26.54 41.79
CA PRO B 4095 -33.15 -25.69 42.87
C PRO B 4095 -34.24 -25.12 43.77
N GLU B 4096 -35.43 -24.88 43.21
CA GLU B 4096 -36.55 -24.34 43.96
C GLU B 4096 -37.43 -25.44 44.56
N HIS B 4097 -37.08 -26.71 44.33
CA HIS B 4097 -37.82 -27.86 44.87
C HIS B 4097 -39.27 -27.88 44.42
N ILE B 4098 -39.58 -27.29 43.27
CA ILE B 4098 -40.96 -27.30 42.77
C ILE B 4098 -41.24 -28.56 41.96
N GLY B 4099 -40.29 -28.98 41.12
CA GLY B 4099 -40.49 -30.15 40.30
C GLY B 4099 -39.98 -29.98 38.87
N LEU B 4100 -39.39 -28.82 38.59
CA LEU B 4100 -38.80 -28.53 37.28
C LEU B 4100 -37.32 -28.22 37.49
N SER B 4101 -36.46 -29.07 36.95
CA SER B 4101 -35.03 -28.81 36.99
C SER B 4101 -34.66 -27.78 35.93
N VAL B 4102 -33.51 -27.14 36.12
CA VAL B 4102 -33.03 -26.09 35.23
C VAL B 4102 -31.80 -26.63 34.49
N VAL B 4103 -31.87 -26.60 33.16
CA VAL B 4103 -30.75 -26.99 32.32
C VAL B 4103 -30.11 -25.74 31.73
N TYR B 4104 -28.79 -25.77 31.55
CA TYR B 4104 -28.05 -24.67 30.98
C TYR B 4104 -27.40 -25.13 29.69
N TYR B 4105 -27.92 -24.64 28.56
CA TYR B 4105 -27.37 -24.96 27.25
C TYR B 4105 -26.73 -23.71 26.67
N THR B 4106 -25.48 -23.84 26.21
CA THR B 4106 -24.76 -22.72 25.63
C THR B 4106 -24.87 -22.76 24.11
N VAL B 4107 -24.72 -21.60 23.49
CA VAL B 4107 -24.82 -21.47 22.05
C VAL B 4107 -23.58 -20.76 21.53
N LEU B 4108 -23.25 -21.01 20.26
CA LEU B 4108 -22.23 -20.26 19.55
C LEU B 4108 -22.86 -19.62 18.32
N ALA B 4109 -22.17 -18.65 17.73
CA ALA B 4109 -22.71 -17.96 16.58
C ALA B 4109 -21.62 -17.76 15.54
N GLN B 4110 -22.05 -17.47 14.32
CA GLN B 4110 -21.16 -17.29 13.19
C GLN B 4110 -21.22 -15.85 12.71
N GLY B 4111 -20.09 -15.37 12.19
CA GLY B 4111 -20.04 -14.03 11.65
C GLY B 4111 -20.23 -12.96 12.72
N SER B 4112 -21.08 -11.99 12.41
CA SER B 4112 -21.24 -10.82 13.27
C SER B 4112 -21.76 -11.19 14.65
N GLN B 4113 -22.75 -12.06 14.73
CA GLN B 4113 -23.37 -12.37 16.01
C GLN B 4113 -22.43 -13.19 16.89
N PHE B 4114 -22.53 -12.97 18.20
CA PHE B 4114 -21.70 -13.65 19.19
C PHE B 4114 -22.45 -14.81 19.83
N GLY B 4115 -21.69 -15.70 20.46
CA GLY B 4115 -22.25 -16.80 21.21
C GLY B 4115 -22.83 -16.33 22.53
N ALA B 4116 -23.61 -17.22 23.15
CA ALA B 4116 -24.31 -16.87 24.37
C ALA B 4116 -24.61 -18.15 25.14
N ILE B 4117 -25.07 -17.97 26.39
CA ILE B 4117 -25.49 -19.06 27.25
C ILE B 4117 -26.94 -18.81 27.65
N LYS B 4118 -27.77 -19.84 27.53
CA LYS B 4118 -29.19 -19.76 27.87
C LYS B 4118 -29.56 -20.90 28.80
N ARG B 4119 -30.65 -20.71 29.56
CA ARG B 4119 -31.12 -21.70 30.50
C ARG B 4119 -32.61 -21.94 30.27
N ALA B 4120 -33.04 -23.17 30.53
CA ALA B 4120 -34.43 -23.56 30.31
C ALA B 4120 -34.82 -24.62 31.34
N TYR B 4121 -36.13 -24.79 31.50
CA TYR B 4121 -36.65 -25.77 32.45
C TYR B 4121 -36.77 -27.15 31.79
N ILE B 4122 -36.87 -28.17 32.64
CA ILE B 4122 -37.07 -29.54 32.17
C ILE B 4122 -37.96 -30.26 33.18
N PRO B 4123 -38.98 -31.00 32.73
CA PRO B 4123 -39.82 -31.76 33.66
C PRO B 4123 -39.01 -32.83 34.39
N ASN B 4124 -39.35 -33.04 35.67
CA ASN B 4124 -38.71 -34.10 36.44
C ASN B 4124 -39.59 -35.35 36.55
N PHE B 4125 -40.85 -35.27 36.15
CA PHE B 4125 -41.74 -36.42 36.19
C PHE B 4125 -41.50 -37.31 34.98
N GLU B 4126 -42.43 -38.25 34.76
CA GLU B 4126 -42.22 -39.31 33.77
C GLU B 4126 -42.08 -38.73 32.37
N SER B 4127 -43.03 -37.90 31.94
CA SER B 4127 -43.01 -37.38 30.58
C SER B 4127 -43.78 -36.06 30.52
N GLY B 4128 -43.46 -35.27 29.50
CA GLY B 4128 -44.13 -34.01 29.26
C GLY B 4128 -44.05 -33.60 27.80
N SER B 4129 -45.15 -33.12 27.23
CA SER B 4129 -45.19 -32.78 25.82
C SER B 4129 -46.08 -31.57 25.62
N ASN B 4130 -45.96 -30.95 24.44
CA ASN B 4130 -46.78 -29.83 23.99
C ASN B 4130 -46.58 -28.58 24.86
N ASN B 4131 -45.69 -28.65 25.84
CA ASN B 4131 -45.43 -27.52 26.70
C ASN B 4131 -44.55 -26.50 25.97
N PRO B 4132 -44.99 -25.24 25.88
CA PRO B 4132 -44.17 -24.23 25.20
C PRO B 4132 -42.98 -23.80 26.03
N ILE B 4133 -41.90 -24.57 25.97
CA ILE B 4133 -40.70 -24.25 26.75
C ILE B 4133 -40.12 -22.93 26.25
N ARG B 4134 -39.86 -22.02 27.17
CA ARG B 4134 -39.33 -20.70 26.87
C ARG B 4134 -37.90 -20.57 27.40
N GLU B 4135 -37.02 -20.04 26.58
CA GLU B 4135 -35.62 -19.85 26.96
C GLU B 4135 -35.35 -18.39 27.30
N VAL B 4136 -34.28 -18.17 28.07
CA VAL B 4136 -33.86 -16.84 28.47
C VAL B 4136 -32.35 -16.75 28.32
N ASP B 4137 -31.87 -15.63 27.77
CA ASP B 4137 -30.46 -15.40 27.58
C ASP B 4137 -29.87 -14.81 28.86
N LEU B 4138 -28.76 -15.38 29.32
CA LEU B 4138 -28.14 -14.96 30.57
C LEU B 4138 -27.59 -13.54 30.54
N GLY B 4139 -27.46 -12.94 29.36
CA GLY B 4139 -26.83 -11.65 29.25
C GLY B 4139 -25.33 -11.68 29.25
N LEU B 4140 -24.74 -12.86 29.07
CA LEU B 4140 -23.28 -12.99 28.99
C LEU B 4140 -22.86 -12.70 27.56
N LYS B 4141 -22.23 -11.55 27.35
CA LYS B 4141 -21.83 -11.16 26.01
C LYS B 4141 -20.38 -11.57 25.74
N TYR B 4142 -19.97 -11.41 24.48
CA TYR B 4142 -18.58 -11.60 24.07
C TYR B 4142 -18.14 -13.06 24.23
N LEU B 4143 -18.89 -13.98 23.64
CA LEU B 4143 -18.49 -15.38 23.55
C LEU B 4143 -18.37 -15.78 22.09
N MET B 4144 -17.29 -16.49 21.77
CA MET B 4144 -17.07 -17.01 20.42
C MET B 4144 -17.61 -18.43 20.28
N GLN B 4145 -17.09 -19.36 21.08
CA GLN B 4145 -17.59 -20.73 21.09
C GLN B 4145 -17.35 -21.32 22.48
N PRO B 4146 -18.41 -21.61 23.21
CA PRO B 4146 -18.27 -22.21 24.55
C PRO B 4146 -18.22 -23.75 24.51
N ASP B 4147 -17.06 -24.29 24.14
CA ASP B 4147 -16.87 -25.73 24.13
C ASP B 4147 -17.00 -26.35 25.50
N GLY B 4148 -16.66 -25.62 26.56
CA GLY B 4148 -16.79 -26.14 27.91
C GLY B 4148 -17.81 -25.38 28.72
N LEU B 4149 -18.60 -26.09 29.53
CA LEU B 4149 -19.61 -25.48 30.37
C LEU B 4149 -20.00 -26.46 31.47
N ALA B 4150 -20.04 -25.97 32.70
CA ALA B 4150 -20.44 -26.78 33.84
C ALA B 4150 -21.14 -25.90 34.86
N VAL B 4151 -21.95 -26.53 35.71
CA VAL B 4151 -22.75 -25.84 36.72
C VAL B 4151 -22.42 -26.41 38.08
N ASP B 4152 -22.29 -25.53 39.07
CA ASP B 4152 -21.98 -25.93 40.45
C ASP B 4152 -23.25 -25.77 41.28
N TRP B 4153 -23.77 -26.90 41.78
CA TRP B 4153 -24.95 -26.88 42.62
C TRP B 4153 -24.67 -26.38 44.02
N VAL B 4154 -23.44 -26.52 44.52
CA VAL B 4154 -23.06 -25.95 45.80
C VAL B 4154 -22.76 -24.47 45.57
N GLY B 4155 -23.78 -23.64 45.75
CA GLY B 4155 -23.71 -22.25 45.33
C GLY B 4155 -24.44 -22.04 44.02
N ARG B 4156 -24.41 -20.79 43.56
CA ARG B 4156 -25.12 -20.43 42.33
C ARG B 4156 -24.16 -19.92 41.29
N HIS B 4157 -23.03 -20.61 41.10
CA HIS B 4157 -22.01 -20.22 40.15
C HIS B 4157 -22.05 -21.12 38.93
N ILE B 4158 -21.63 -20.56 37.79
CA ILE B 4158 -21.58 -21.28 36.52
C ILE B 4158 -20.17 -21.17 35.96
N TYR B 4159 -19.69 -22.27 35.38
CA TYR B 4159 -18.33 -22.35 34.84
C TYR B 4159 -18.40 -22.66 33.35
N TRP B 4160 -17.67 -21.89 32.55
CA TRP B 4160 -17.63 -22.12 31.11
C TRP B 4160 -16.37 -21.50 30.54
N SER B 4161 -15.76 -22.21 29.59
CA SER B 4161 -14.51 -21.78 28.98
C SER B 4161 -14.76 -21.47 27.51
N ASP B 4162 -14.49 -20.22 27.12
CA ASP B 4162 -14.62 -19.80 25.73
C ASP B 4162 -13.37 -20.26 24.99
N ALA B 4163 -13.54 -21.17 24.03
CA ALA B 4163 -12.39 -21.78 23.38
C ALA B 4163 -11.55 -20.77 22.62
N LYS B 4164 -12.20 -19.88 21.87
CA LYS B 4164 -11.44 -18.90 21.09
C LYS B 4164 -10.86 -17.81 21.99
N SER B 4165 -11.50 -17.53 23.11
CA SER B 4165 -10.97 -16.52 24.03
C SER B 4165 -9.90 -17.08 24.95
N GLN B 4166 -9.61 -18.38 24.86
CA GLN B 4166 -8.64 -19.09 25.71
C GLN B 4166 -8.70 -18.60 27.16
N ARG B 4167 -9.89 -18.68 27.75
CA ARG B 4167 -10.09 -18.34 29.15
C ARG B 4167 -11.07 -19.32 29.76
N ILE B 4168 -11.29 -19.16 31.06
CA ILE B 4168 -12.30 -19.90 31.81
C ILE B 4168 -13.10 -18.88 32.61
N GLU B 4169 -14.39 -18.78 32.33
CA GLU B 4169 -15.21 -17.71 32.87
C GLU B 4169 -16.20 -18.24 33.90
N VAL B 4170 -16.36 -17.48 34.98
CA VAL B 4170 -17.32 -17.81 36.02
C VAL B 4170 -18.15 -16.58 36.31
N ALA B 4171 -19.36 -16.80 36.83
CA ALA B 4171 -20.27 -15.74 37.21
C ALA B 4171 -21.42 -16.38 37.98
N THR B 4172 -22.42 -15.57 38.31
CA THR B 4172 -23.61 -16.08 38.95
C THR B 4172 -24.42 -16.94 37.96
N LEU B 4173 -25.46 -17.59 38.47
CA LEU B 4173 -26.30 -18.43 37.62
C LEU B 4173 -26.95 -17.61 36.51
N ASP B 4174 -27.17 -16.32 36.75
CA ASP B 4174 -27.64 -15.41 35.71
C ASP B 4174 -26.50 -14.62 35.09
N GLY B 4175 -25.25 -14.96 35.39
CA GLY B 4175 -24.11 -14.40 34.69
C GLY B 4175 -23.90 -12.91 34.87
N ARG B 4176 -23.95 -12.43 36.12
CA ARG B 4176 -23.78 -11.00 36.38
C ARG B 4176 -22.35 -10.65 36.78
N TYR B 4177 -21.80 -11.38 37.74
CA TYR B 4177 -20.49 -11.04 38.31
C TYR B 4177 -19.42 -11.85 37.60
N ARG B 4178 -19.27 -11.60 36.31
CA ARG B 4178 -18.29 -12.31 35.50
C ARG B 4178 -16.88 -11.98 35.97
N LYS B 4179 -16.01 -12.99 35.96
CA LYS B 4179 -14.61 -12.79 36.29
C LYS B 4179 -13.83 -14.03 35.85
N TRP B 4180 -12.71 -13.79 35.16
CA TRP B 4180 -11.90 -14.85 34.59
C TRP B 4180 -11.12 -15.56 35.69
N LEU B 4181 -11.14 -16.90 35.66
CA LEU B 4181 -10.39 -17.66 36.66
C LEU B 4181 -8.89 -17.65 36.33
N ILE B 4182 -8.52 -18.21 35.19
CA ILE B 4182 -7.14 -18.21 34.72
C ILE B 4182 -7.14 -17.99 33.21
N THR B 4183 -6.23 -17.14 32.73
CA THR B 4183 -6.19 -16.80 31.32
C THR B 4183 -4.79 -16.84 30.72
N THR B 4184 -3.92 -17.72 31.23
CA THR B 4184 -2.56 -17.83 30.73
C THR B 4184 -2.22 -19.28 30.44
N GLN B 4185 -1.33 -19.49 29.48
CA GLN B 4185 -0.82 -20.82 29.13
C GLN B 4185 -1.96 -21.77 28.72
N LEU B 4186 -2.81 -21.28 27.82
CA LEU B 4186 -3.87 -22.08 27.25
C LEU B 4186 -3.93 -21.83 25.75
N ASP B 4187 -4.28 -22.88 24.99
CA ASP B 4187 -4.40 -22.76 23.53
C ASP B 4187 -5.80 -23.09 23.06
N GLN B 4188 -6.36 -24.21 23.53
CA GLN B 4188 -7.69 -24.65 23.10
C GLN B 4188 -8.40 -25.23 24.31
N PRO B 4189 -8.96 -24.38 25.16
CA PRO B 4189 -9.61 -24.88 26.39
C PRO B 4189 -10.83 -25.74 26.07
N ALA B 4190 -10.74 -27.01 26.46
CA ALA B 4190 -11.81 -27.97 26.22
C ALA B 4190 -12.84 -27.94 27.35
N ALA B 4191 -13.67 -28.97 27.42
CA ALA B 4191 -14.75 -29.07 28.41
C ALA B 4191 -14.24 -28.90 29.84
N ILE B 4192 -15.13 -28.51 30.75
CA ILE B 4192 -14.78 -28.22 32.13
C ILE B 4192 -15.55 -29.16 33.04
N ALA B 4193 -14.87 -29.67 34.06
CA ALA B 4193 -15.47 -30.51 35.09
C ALA B 4193 -15.19 -29.91 36.46
N VAL B 4194 -16.12 -30.15 37.39
CA VAL B 4194 -16.05 -29.56 38.72
C VAL B 4194 -16.34 -30.64 39.75
N ASN B 4195 -15.60 -30.61 40.87
CA ASN B 4195 -15.79 -31.53 41.98
C ASN B 4195 -15.94 -30.69 43.26
N PRO B 4196 -17.15 -30.22 43.55
CA PRO B 4196 -17.35 -29.36 44.72
C PRO B 4196 -16.98 -30.01 46.04
N LYS B 4197 -17.13 -31.32 46.17
CA LYS B 4197 -16.84 -31.99 47.44
C LYS B 4197 -15.37 -31.85 47.81
N LEU B 4198 -14.47 -32.03 46.84
CA LEU B 4198 -13.04 -31.86 47.06
C LEU B 4198 -12.56 -30.45 46.73
N GLY B 4199 -13.43 -29.59 46.24
CA GLY B 4199 -13.04 -28.24 45.89
C GLY B 4199 -12.01 -28.15 44.78
N LEU B 4200 -12.15 -28.99 43.76
CA LEU B 4200 -11.21 -29.03 42.64
C LEU B 4200 -11.97 -29.07 41.33
N MET B 4201 -11.55 -28.26 40.36
CA MET B 4201 -12.10 -28.28 39.02
C MET B 4201 -11.15 -29.02 38.09
N PHE B 4202 -11.63 -29.30 36.87
CA PHE B 4202 -10.82 -29.97 35.86
C PHE B 4202 -11.05 -29.31 34.51
N TRP B 4203 -9.95 -29.12 33.77
CA TRP B 4203 -10.02 -28.57 32.42
C TRP B 4203 -8.85 -29.12 31.62
N THR B 4204 -9.01 -29.15 30.30
CA THR B 4204 -8.02 -29.72 29.40
C THR B 4204 -7.81 -28.81 28.20
N ASP B 4205 -6.65 -28.97 27.57
CA ASP B 4205 -6.31 -28.28 26.33
C ASP B 4205 -5.99 -29.31 25.26
N GLN B 4206 -6.45 -29.05 24.04
CA GLN B 4206 -6.28 -29.98 22.94
C GLN B 4206 -5.55 -29.35 21.76
N GLY B 4207 -4.57 -28.49 22.01
CA GLY B 4207 -3.81 -27.87 20.95
C GLY B 4207 -2.46 -28.51 20.73
N LYS B 4208 -1.42 -27.69 20.53
CA LYS B 4208 -0.08 -28.19 20.33
C LYS B 4208 0.53 -28.76 21.60
N GLN B 4209 -0.04 -28.48 22.76
CA GLN B 4209 0.44 -29.01 24.05
C GLN B 4209 -0.76 -29.61 24.78
N PRO B 4210 -1.16 -30.83 24.42
CA PRO B 4210 -2.31 -31.45 25.09
C PRO B 4210 -2.01 -31.73 26.56
N LYS B 4211 -2.80 -31.13 27.44
CA LYS B 4211 -2.61 -31.27 28.88
C LYS B 4211 -3.96 -31.38 29.57
N ILE B 4212 -3.95 -31.96 30.76
CA ILE B 4212 -5.10 -32.00 31.66
C ILE B 4212 -4.69 -31.36 32.97
N GLU B 4213 -5.47 -30.38 33.42
CA GLU B 4213 -5.10 -29.56 34.57
C GLU B 4213 -6.25 -29.50 35.57
N SER B 4214 -5.88 -29.30 36.84
CA SER B 4214 -6.84 -29.12 37.91
C SER B 4214 -6.35 -28.00 38.83
N ALA B 4215 -7.30 -27.36 39.50
CA ALA B 4215 -6.99 -26.26 40.40
C ALA B 4215 -8.19 -26.04 41.33
N TRP B 4216 -8.03 -25.08 42.24
CA TRP B 4216 -9.13 -24.70 43.11
C TRP B 4216 -10.13 -23.85 42.33
N MET B 4217 -11.34 -23.75 42.87
CA MET B 4217 -12.40 -22.99 42.21
C MET B 4217 -12.16 -21.49 42.22
N ASN B 4218 -11.20 -20.99 43.00
CA ASN B 4218 -10.89 -19.57 43.04
C ASN B 4218 -9.67 -19.21 42.19
N GLY B 4219 -9.16 -20.15 41.40
CA GLY B 4219 -8.13 -19.87 40.42
C GLY B 4219 -6.70 -20.11 40.86
N GLU B 4220 -6.47 -20.42 42.13
CA GLU B 4220 -5.11 -20.65 42.59
C GLU B 4220 -4.80 -22.16 42.64
N HIS B 4221 -3.53 -22.46 42.93
CA HIS B 4221 -3.04 -23.84 43.05
C HIS B 4221 -3.27 -24.61 41.75
N ARG B 4222 -2.89 -24.02 40.63
CA ARG B 4222 -3.02 -24.68 39.33
C ARG B 4222 -1.95 -25.76 39.17
N SER B 4223 -2.37 -26.92 38.70
CA SER B 4223 -1.45 -28.04 38.51
C SER B 4223 -1.91 -28.86 37.32
N VAL B 4224 -0.97 -29.64 36.76
CA VAL B 4224 -1.22 -30.47 35.58
C VAL B 4224 -1.21 -31.92 36.02
N LEU B 4225 -2.22 -32.69 35.58
CA LEU B 4225 -2.34 -34.08 35.99
C LEU B 4225 -1.35 -34.96 35.25
N VAL B 4226 -1.51 -35.08 33.93
CA VAL B 4226 -0.58 -35.81 33.08
C VAL B 4226 -0.35 -35.02 31.80
N SER B 4227 0.76 -35.31 31.13
CA SER B 4227 1.07 -34.67 29.87
C SER B 4227 1.66 -35.63 28.84
N GLU B 4228 1.70 -36.93 29.12
CA GLU B 4228 2.30 -37.92 28.23
C GLU B 4228 1.24 -38.85 27.67
N ASN B 4229 1.48 -39.33 26.44
CA ASN B 4229 0.59 -40.27 25.76
C ASN B 4229 -0.83 -39.71 25.67
N LEU B 4230 -0.94 -38.44 25.31
CA LEU B 4230 -2.23 -37.77 25.18
C LEU B 4230 -2.38 -37.22 23.77
N GLY B 4231 -3.58 -37.37 23.21
CA GLY B 4231 -3.87 -36.89 21.88
C GLY B 4231 -4.72 -35.63 21.88
N TRP B 4232 -6.03 -35.80 21.63
CA TRP B 4232 -6.98 -34.69 21.58
C TRP B 4232 -8.09 -34.97 22.58
N PRO B 4233 -7.94 -34.55 23.84
CA PRO B 4233 -9.03 -34.72 24.81
C PRO B 4233 -10.27 -33.94 24.40
N ASN B 4234 -11.44 -34.53 24.64
CA ASN B 4234 -12.68 -33.91 24.22
C ASN B 4234 -13.70 -33.80 25.36
N GLY B 4235 -13.73 -34.79 26.24
CA GLY B 4235 -14.73 -34.81 27.29
C GLY B 4235 -14.14 -35.25 28.61
N LEU B 4236 -14.74 -34.77 29.70
CA LEU B 4236 -14.31 -35.07 31.05
C LEU B 4236 -15.48 -35.61 31.87
N SER B 4237 -15.16 -36.48 32.82
CA SER B 4237 -16.17 -37.03 33.72
C SER B 4237 -15.51 -37.46 35.01
N ILE B 4238 -16.25 -37.34 36.11
CA ILE B 4238 -15.77 -37.70 37.44
C ILE B 4238 -16.70 -38.73 38.03
N ASP B 4239 -16.13 -39.81 38.57
CA ASP B 4239 -16.91 -40.83 39.27
C ASP B 4239 -17.01 -40.41 40.73
N TYR B 4240 -18.19 -39.88 41.10
CA TYR B 4240 -18.35 -39.30 42.43
C TYR B 4240 -18.34 -40.35 43.53
N LEU B 4241 -18.54 -41.62 43.20
CA LEU B 4241 -18.61 -42.68 44.20
C LEU B 4241 -17.32 -43.48 44.32
N ASN B 4242 -16.53 -43.57 43.25
CA ASN B 4242 -15.30 -44.36 43.25
C ASN B 4242 -14.09 -43.49 43.61
N ASP B 4243 -14.14 -42.95 44.84
CA ASP B 4243 -13.05 -42.15 45.39
C ASP B 4243 -12.72 -40.95 44.49
N ASP B 4244 -13.77 -40.35 43.93
CA ASP B 4244 -13.63 -39.16 43.07
C ASP B 4244 -12.69 -39.40 41.91
N ARG B 4245 -12.76 -40.59 41.31
CA ARG B 4245 -11.94 -40.90 40.14
C ARG B 4245 -12.42 -40.11 38.93
N VAL B 4246 -11.48 -39.69 38.09
CA VAL B 4246 -11.77 -38.87 36.93
C VAL B 4246 -11.54 -39.70 35.67
N TYR B 4247 -12.27 -39.36 34.62
CA TYR B 4247 -12.18 -40.03 33.32
C TYR B 4247 -12.08 -38.99 32.22
N TRP B 4248 -11.47 -39.38 31.10
CA TRP B 4248 -11.36 -38.51 29.94
C TRP B 4248 -11.21 -39.36 28.69
N SER B 4249 -11.50 -38.75 27.54
CA SER B 4249 -11.45 -39.43 26.26
C SER B 4249 -10.30 -38.88 25.41
N ASP B 4250 -10.23 -39.38 24.18
CA ASP B 4250 -9.20 -38.96 23.23
C ASP B 4250 -9.71 -39.20 21.83
N SER B 4251 -9.76 -38.15 21.01
CA SER B 4251 -10.21 -38.25 19.64
C SER B 4251 -9.12 -38.73 18.69
N LYS B 4252 -7.88 -38.81 19.15
CA LYS B 4252 -6.76 -39.30 18.34
C LYS B 4252 -6.30 -40.68 18.76
N GLU B 4253 -6.09 -40.91 20.06
CA GLU B 4253 -5.72 -42.24 20.54
C GLU B 4253 -6.90 -43.19 20.56
N ASP B 4254 -8.13 -42.68 20.53
CA ASP B 4254 -9.36 -43.47 20.51
C ASP B 4254 -9.42 -44.43 21.71
N VAL B 4255 -9.11 -43.88 22.88
CA VAL B 4255 -9.14 -44.64 24.13
C VAL B 4255 -9.79 -43.78 25.20
N ILE B 4256 -10.25 -44.45 26.26
CA ILE B 4256 -10.76 -43.80 27.46
C ILE B 4256 -9.91 -44.26 28.64
N GLU B 4257 -9.36 -43.30 29.37
CA GLU B 4257 -8.46 -43.59 30.49
C GLU B 4257 -9.01 -42.98 31.77
N ALA B 4258 -8.59 -43.55 32.89
CA ALA B 4258 -9.02 -43.10 34.20
C ALA B 4258 -7.81 -42.90 35.09
N ILE B 4259 -7.93 -41.96 36.03
CA ILE B 4259 -6.85 -41.65 36.98
C ILE B 4259 -7.49 -41.01 38.20
N LYS B 4260 -6.80 -41.09 39.33
CA LYS B 4260 -7.30 -40.48 40.56
C LYS B 4260 -7.20 -38.96 40.47
N TYR B 4261 -7.82 -38.29 41.45
CA TYR B 4261 -7.84 -36.83 41.44
C TYR B 4261 -6.44 -36.24 41.59
N ASP B 4262 -5.59 -36.86 42.40
CA ASP B 4262 -4.22 -36.37 42.57
C ASP B 4262 -3.34 -36.69 41.38
N GLY B 4263 -3.69 -37.68 40.57
CA GLY B 4263 -2.92 -38.00 39.38
C GLY B 4263 -2.00 -39.19 39.53
N THR B 4264 -2.51 -40.27 40.12
CA THR B 4264 -1.73 -41.49 40.33
C THR B 4264 -2.47 -42.69 39.75
N ASP B 4265 -1.70 -43.70 39.36
CA ASP B 4265 -2.22 -44.97 38.83
C ASP B 4265 -3.07 -44.73 37.58
N ARG B 4266 -2.43 -44.20 36.54
CA ARG B 4266 -3.09 -44.05 35.26
C ARG B 4266 -3.38 -45.42 34.65
N ARG B 4267 -4.61 -45.61 34.18
CA ARG B 4267 -5.04 -46.89 33.64
C ARG B 4267 -5.76 -46.69 32.32
N LEU B 4268 -5.63 -47.67 31.43
CA LEU B 4268 -6.35 -47.67 30.15
C LEU B 4268 -7.58 -48.54 30.32
N ILE B 4269 -8.75 -47.90 30.42
CA ILE B 4269 -9.98 -48.63 30.70
C ILE B 4269 -10.44 -49.41 29.47
N ILE B 4270 -10.75 -48.70 28.39
CA ILE B 4270 -11.22 -49.31 27.15
C ILE B 4270 -10.45 -48.71 25.98
N ASN B 4271 -10.33 -49.48 24.91
CA ASN B 4271 -9.60 -49.06 23.71
C ASN B 4271 -10.47 -49.28 22.47
N GLU B 4272 -10.14 -48.53 21.42
CA GLU B 4272 -10.88 -48.58 20.15
C GLU B 4272 -12.36 -48.27 20.36
N ALA B 4273 -12.62 -47.05 20.83
CA ALA B 4273 -13.96 -46.58 21.11
C ALA B 4273 -14.60 -45.87 19.93
N MET B 4274 -13.94 -45.85 18.76
CA MET B 4274 -14.45 -45.22 17.55
C MET B 4274 -14.73 -43.73 17.78
N LYS B 4275 -13.66 -43.00 18.12
CA LYS B 4275 -13.68 -41.55 18.26
C LYS B 4275 -14.72 -41.08 19.28
N PRO B 4276 -14.51 -41.33 20.57
CA PRO B 4276 -15.45 -40.83 21.58
C PRO B 4276 -15.34 -39.31 21.71
N PHE B 4277 -16.44 -38.69 22.13
CA PHE B 4277 -16.49 -37.24 22.30
C PHE B 4277 -16.69 -36.83 23.75
N SER B 4278 -17.73 -37.34 24.40
CA SER B 4278 -18.05 -36.98 25.77
C SER B 4278 -18.36 -38.23 26.57
N LEU B 4279 -18.15 -38.14 27.88
CA LEU B 4279 -18.35 -39.27 28.78
C LEU B 4279 -19.38 -38.92 29.85
N ASP B 4280 -20.00 -39.97 30.40
CA ASP B 4280 -20.90 -39.83 31.54
C ASP B 4280 -20.91 -41.15 32.29
N ILE B 4281 -20.80 -41.09 33.62
CA ILE B 4281 -20.74 -42.28 34.46
C ILE B 4281 -21.95 -42.26 35.39
N PHE B 4282 -22.76 -43.31 35.31
CA PHE B 4282 -23.88 -43.50 36.22
C PHE B 4282 -23.95 -44.96 36.60
N GLU B 4283 -24.45 -45.22 37.81
CA GLU B 4283 -24.54 -46.57 38.36
C GLU B 4283 -23.17 -47.25 38.33
N ASP B 4284 -22.98 -48.18 37.40
CA ASP B 4284 -21.70 -48.87 37.23
C ASP B 4284 -21.36 -49.03 35.75
N LYS B 4285 -21.78 -48.09 34.92
CA LYS B 4285 -21.54 -48.16 33.48
C LYS B 4285 -21.06 -46.81 32.97
N LEU B 4286 -20.39 -46.85 31.83
CA LEU B 4286 -19.82 -45.65 31.20
C LEU B 4286 -20.52 -45.39 29.88
N TYR B 4287 -20.75 -44.11 29.58
CA TYR B 4287 -21.43 -43.67 28.38
C TYR B 4287 -20.47 -42.89 27.49
N TRP B 4288 -20.56 -43.12 26.18
CA TRP B 4288 -19.81 -42.34 25.22
C TRP B 4288 -20.51 -42.38 23.87
N VAL B 4289 -20.20 -41.41 23.03
CA VAL B 4289 -20.84 -41.24 21.73
C VAL B 4289 -19.76 -41.13 20.66
N ALA B 4290 -19.91 -41.92 19.59
CA ALA B 4290 -19.00 -41.83 18.45
C ALA B 4290 -19.33 -40.58 17.63
N LYS B 4291 -18.37 -39.66 17.54
CA LYS B 4291 -18.63 -38.39 16.88
C LYS B 4291 -18.85 -38.57 15.39
N GLU B 4292 -18.04 -39.42 14.74
CA GLU B 4292 -18.12 -39.58 13.30
C GLU B 4292 -19.32 -40.40 12.85
N LYS B 4293 -20.01 -41.07 13.77
CA LYS B 4293 -21.18 -41.88 13.42
C LYS B 4293 -22.44 -41.51 14.18
N GLY B 4294 -22.32 -40.98 15.39
CA GLY B 4294 -23.48 -40.56 16.15
C GLY B 4294 -24.15 -41.63 16.98
N GLU B 4295 -23.50 -42.76 17.20
CA GLU B 4295 -24.08 -43.84 18.00
C GLU B 4295 -23.71 -43.67 19.47
N VAL B 4296 -24.58 -44.19 20.33
CA VAL B 4296 -24.39 -44.15 21.78
C VAL B 4296 -24.14 -45.57 22.27
N TRP B 4297 -23.16 -45.71 23.15
CA TRP B 4297 -22.72 -47.02 23.62
C TRP B 4297 -22.61 -47.01 25.15
N ARG B 4298 -22.72 -48.20 25.72
CA ARG B 4298 -22.54 -48.40 27.15
C ARG B 4298 -21.51 -49.50 27.39
N GLN B 4299 -20.78 -49.37 28.50
CA GLN B 4299 -19.80 -50.37 28.90
C GLN B 4299 -19.56 -50.22 30.39
N ASN B 4300 -19.10 -51.32 31.01
CA ASN B 4300 -18.80 -51.29 32.43
C ASN B 4300 -17.70 -50.28 32.73
N LYS B 4301 -17.87 -49.52 33.81
CA LYS B 4301 -16.89 -48.50 34.16
C LYS B 4301 -15.55 -49.10 34.58
N PHE B 4302 -15.50 -50.40 34.84
CA PHE B 4302 -14.25 -51.09 35.12
C PHE B 4302 -13.62 -51.68 33.87
N GLY B 4303 -14.24 -51.52 32.71
CA GLY B 4303 -13.68 -52.01 31.46
C GLY B 4303 -13.58 -53.52 31.35
N LYS B 4304 -14.62 -54.23 31.77
CA LYS B 4304 -14.64 -55.69 31.69
C LYS B 4304 -16.00 -56.17 31.17
N GLU B 4305 -16.49 -55.52 30.11
CA GLU B 4305 -17.77 -55.87 29.53
C GLU B 4305 -17.77 -55.47 28.06
N ASN B 4306 -18.67 -56.09 27.30
CA ASN B 4306 -18.79 -55.79 25.88
C ASN B 4306 -19.40 -54.41 25.67
N LYS B 4307 -19.22 -53.88 24.47
CA LYS B 4307 -19.73 -52.56 24.11
C LYS B 4307 -21.14 -52.71 23.57
N GLU B 4308 -22.12 -52.30 24.38
CA GLU B 4308 -23.51 -52.42 23.99
C GLU B 4308 -23.96 -51.19 23.20
N LYS B 4309 -24.95 -51.39 22.34
CA LYS B 4309 -25.48 -50.33 21.47
C LYS B 4309 -26.89 -49.97 21.90
N VAL B 4310 -27.18 -48.66 21.90
CA VAL B 4310 -28.50 -48.19 22.33
C VAL B 4310 -29.14 -47.36 21.23
N LEU B 4311 -28.52 -46.24 20.86
CA LEU B 4311 -29.10 -45.28 19.93
C LEU B 4311 -28.20 -45.08 18.72
N VAL B 4312 -28.82 -44.73 17.60
CA VAL B 4312 -28.13 -44.29 16.40
C VAL B 4312 -28.69 -42.92 16.04
N VAL B 4313 -27.84 -41.89 16.09
CA VAL B 4313 -28.28 -40.51 15.89
C VAL B 4313 -27.46 -39.89 14.77
N ASN B 4314 -27.95 -38.74 14.29
CA ASN B 4314 -27.28 -38.00 13.22
C ASN B 4314 -25.95 -37.44 13.72
N PRO B 4315 -25.02 -37.15 12.81
CA PRO B 4315 -23.70 -36.63 13.23
C PRO B 4315 -23.76 -35.29 13.94
N TRP B 4316 -24.90 -34.59 13.92
CA TRP B 4316 -25.02 -33.33 14.64
C TRP B 4316 -25.02 -33.51 16.16
N LEU B 4317 -25.13 -34.74 16.65
CA LEU B 4317 -25.05 -34.99 18.08
C LEU B 4317 -23.71 -34.53 18.64
N THR B 4318 -23.75 -33.88 19.80
CA THR B 4318 -22.56 -33.27 20.39
C THR B 4318 -22.15 -33.87 21.73
N GLN B 4319 -23.11 -34.29 22.56
CA GLN B 4319 -22.79 -34.72 23.91
C GLN B 4319 -23.83 -35.70 24.40
N VAL B 4320 -23.45 -36.51 25.39
CA VAL B 4320 -24.36 -37.40 26.09
C VAL B 4320 -24.27 -37.08 27.58
N ARG B 4321 -25.42 -36.80 28.20
CA ARG B 4321 -25.47 -36.41 29.59
C ARG B 4321 -26.61 -37.15 30.29
N ILE B 4322 -26.34 -37.65 31.49
CA ILE B 4322 -27.33 -38.37 32.29
C ILE B 4322 -28.03 -37.37 33.21
N PHE B 4323 -29.36 -37.42 33.21
CA PHE B 4323 -30.18 -36.50 34.00
C PHE B 4323 -30.72 -37.26 35.20
N HIS B 4324 -30.00 -37.18 36.32
CA HIS B 4324 -30.40 -37.86 37.54
C HIS B 4324 -29.85 -37.10 38.74
N GLN B 4325 -30.60 -37.15 39.85
CA GLN B 4325 -30.17 -36.45 41.06
C GLN B 4325 -28.98 -37.13 41.71
N LEU B 4326 -28.93 -38.46 41.67
CA LEU B 4326 -27.84 -39.19 42.31
C LEU B 4326 -26.50 -38.92 41.65
N ARG B 4327 -26.49 -38.39 40.43
CA ARG B 4327 -25.23 -38.06 39.77
C ARG B 4327 -24.48 -36.96 40.49
N TYR B 4328 -25.18 -35.97 41.05
CA TYR B 4328 -24.54 -34.82 41.67
C TYR B 4328 -24.59 -34.82 43.18
N ASN B 4329 -25.52 -35.55 43.81
CA ASN B 4329 -25.62 -35.66 45.27
C ASN B 4329 -25.80 -34.27 45.91
N GLN B 4330 -26.97 -33.69 45.63
CA GLN B 4330 -27.31 -32.35 46.09
C GLN B 4330 -27.30 -32.21 47.61
N SER B 4331 -27.08 -33.31 48.34
CA SER B 4331 -27.08 -33.28 49.80
C SER B 4331 -25.90 -32.49 50.37
N VAL B 4332 -24.91 -32.14 49.56
CA VAL B 4332 -23.75 -31.39 50.04
C VAL B 4332 -24.19 -30.00 50.47
N SER B 4333 -23.78 -29.59 51.66
CA SER B 4333 -24.13 -28.29 52.20
C SER B 4333 -23.22 -27.19 51.64
N ASN B 4334 -23.66 -25.95 51.79
CA ASN B 4334 -22.90 -24.81 51.30
C ASN B 4334 -21.98 -24.29 52.40
N PRO B 4335 -20.65 -24.34 52.22
CA PRO B 4335 -19.74 -23.83 53.27
C PRO B 4335 -19.71 -22.32 53.37
N CYS B 4336 -20.30 -21.59 52.41
CA CYS B 4336 -20.25 -20.14 52.44
C CYS B 4336 -21.04 -19.59 53.62
N LYS B 4337 -20.51 -18.52 54.22
CA LYS B 4337 -21.15 -17.85 55.35
C LYS B 4337 -21.93 -16.60 54.94
N GLN B 4338 -22.07 -16.38 53.63
CA GLN B 4338 -22.76 -15.20 53.11
C GLN B 4338 -22.15 -13.90 53.63
N VAL B 4339 -20.82 -13.86 53.66
CA VAL B 4339 -20.09 -12.69 54.17
C VAL B 4339 -19.49 -11.95 52.99
N CYS B 4340 -19.28 -12.64 51.87
CA CYS B 4340 -18.71 -12.03 50.69
C CYS B 4340 -19.68 -11.02 50.08
N SER B 4341 -19.10 -10.02 49.40
CA SER B 4341 -19.91 -8.95 48.83
C SER B 4341 -20.48 -9.33 47.47
N HIS B 4342 -19.64 -9.84 46.57
CA HIS B 4342 -20.08 -10.16 45.21
C HIS B 4342 -20.06 -11.65 44.93
N LEU B 4343 -18.93 -12.32 45.10
CA LEU B 4343 -18.81 -13.74 44.80
C LEU B 4343 -18.25 -14.50 45.99
N CYS B 4344 -18.74 -15.72 46.18
CA CYS B 4344 -18.30 -16.61 47.25
C CYS B 4344 -17.91 -17.94 46.62
N LEU B 4345 -16.65 -18.04 46.20
CA LEU B 4345 -16.16 -19.25 45.56
C LEU B 4345 -15.76 -20.28 46.61
N LEU B 4346 -15.64 -21.53 46.18
CA LEU B 4346 -15.34 -22.65 47.06
C LEU B 4346 -13.87 -23.03 46.97
N ARG B 4347 -13.38 -23.66 48.02
CA ARG B 4347 -12.02 -24.17 48.10
C ARG B 4347 -11.99 -25.31 49.09
N PRO B 4348 -11.01 -26.22 48.99
CA PRO B 4348 -10.95 -27.34 49.94
C PRO B 4348 -10.80 -26.89 51.38
N GLY B 4349 -11.78 -27.21 52.22
CA GLY B 4349 -11.74 -26.86 53.62
C GLY B 4349 -12.23 -25.47 53.96
N GLY B 4350 -12.77 -24.73 52.99
CA GLY B 4350 -13.27 -23.40 53.27
C GLY B 4350 -13.89 -22.71 52.07
N TYR B 4351 -13.80 -21.39 52.03
CA TYR B 4351 -14.36 -20.60 50.93
C TYR B 4351 -13.50 -19.35 50.76
N SER B 4352 -13.84 -18.56 49.74
CA SER B 4352 -13.13 -17.32 49.46
C SER B 4352 -14.07 -16.35 48.76
N CYS B 4353 -13.75 -15.07 48.87
CA CYS B 4353 -14.53 -14.02 48.22
C CYS B 4353 -13.81 -13.53 46.97
N ALA B 4354 -14.60 -13.15 45.97
CA ALA B 4354 -14.07 -12.73 44.69
C ALA B 4354 -14.81 -11.49 44.19
N CYS B 4355 -14.14 -10.75 43.33
CA CYS B 4355 -14.66 -9.54 42.71
C CYS B 4355 -14.89 -9.77 41.22
N PRO B 4356 -15.70 -8.93 40.57
CA PRO B 4356 -15.83 -9.02 39.12
C PRO B 4356 -14.49 -8.77 38.43
N GLN B 4357 -14.44 -9.15 37.15
CA GLN B 4357 -13.18 -9.13 36.41
C GLN B 4357 -12.64 -7.70 36.29
N GLY B 4358 -11.33 -7.57 36.38
CA GLY B 4358 -10.68 -6.28 36.25
C GLY B 4358 -11.00 -5.33 37.40
N SER B 4359 -11.45 -5.86 38.53
CA SER B 4359 -11.85 -5.04 39.65
C SER B 4359 -11.09 -5.49 40.89
N ASP B 4360 -10.84 -4.54 41.79
CA ASP B 4360 -10.05 -4.80 42.98
C ASP B 4360 -10.89 -4.52 44.22
N PHE B 4361 -10.48 -5.12 45.34
CA PHE B 4361 -11.13 -4.86 46.61
C PHE B 4361 -10.87 -3.42 47.07
N VAL B 4362 -11.72 -2.97 47.98
CA VAL B 4362 -11.50 -1.67 48.62
C VAL B 4362 -10.20 -1.75 49.42
N THR B 4363 -9.42 -0.67 49.37
CA THR B 4363 -8.12 -0.66 50.03
C THR B 4363 -8.26 -0.91 51.52
N GLY B 4364 -7.42 -1.82 52.03
CA GLY B 4364 -7.45 -2.22 53.42
C GLY B 4364 -8.37 -3.38 53.72
N SER B 4365 -9.28 -3.70 52.81
CA SER B 4365 -10.23 -4.79 53.01
C SER B 4365 -10.07 -5.84 51.92
N THR B 4366 -10.45 -7.08 52.26
CA THR B 4366 -10.36 -8.20 51.34
C THR B 4366 -11.71 -8.86 51.07
N VAL B 4367 -12.82 -8.18 51.37
CA VAL B 4367 -14.16 -8.73 51.19
C VAL B 4367 -15.00 -7.85 50.27
N GLN B 4368 -15.04 -6.55 50.52
CA GLN B 4368 -15.86 -5.63 49.75
C GLN B 4368 -15.16 -5.26 48.45
N CYS B 4369 -15.91 -5.31 47.34
CA CYS B 4369 -15.39 -4.97 46.04
C CYS B 4369 -15.79 -3.56 45.63
N ASP B 4370 -14.95 -2.93 44.83
CA ASP B 4370 -15.24 -1.58 44.35
C ASP B 4370 -16.33 -1.60 43.29
N ALA B 4371 -16.51 -2.73 42.61
CA ALA B 4371 -17.49 -2.82 41.54
C ALA B 4371 -18.91 -2.71 42.08
N ALA B 4372 -19.79 -2.17 41.25
CA ALA B 4372 -21.19 -2.05 41.61
C ALA B 4372 -21.85 -3.42 41.66
N SER B 4373 -22.92 -3.51 42.45
CA SER B 4373 -23.67 -4.75 42.63
C SER B 4373 -25.00 -4.61 41.88
N GLU B 4374 -25.31 -5.60 41.06
CA GLU B 4374 -26.56 -5.57 40.30
C GLU B 4374 -27.53 -6.62 40.84
N LEU B 4375 -28.82 -6.28 40.78
CA LEU B 4375 -29.84 -7.18 41.30
C LEU B 4375 -29.96 -8.43 40.43
N PRO B 4376 -30.39 -9.54 41.00
CA PRO B 4376 -30.56 -10.77 40.22
C PRO B 4376 -31.71 -10.66 39.24
N VAL B 4377 -31.84 -11.69 38.40
CA VAL B 4377 -32.84 -11.73 37.34
C VAL B 4377 -33.82 -12.86 37.65
N THR B 4378 -35.11 -12.55 37.59
CA THR B 4378 -36.14 -13.54 37.87
C THR B 4378 -36.27 -14.51 36.69
N MET B 4379 -36.95 -15.64 36.93
CA MET B 4379 -37.13 -16.67 35.92
C MET B 4379 -38.61 -16.81 35.58
N PRO B 4380 -38.97 -16.87 34.30
CA PRO B 4380 -40.38 -17.02 33.94
C PRO B 4380 -40.91 -18.36 34.42
N PRO B 4381 -42.19 -18.42 34.78
CA PRO B 4381 -42.75 -19.69 35.26
C PRO B 4381 -42.85 -20.70 34.13
N PRO B 4382 -42.65 -21.98 34.43
CA PRO B 4382 -42.79 -23.02 33.40
C PRO B 4382 -44.20 -23.61 33.38
N CYS B 4383 -44.43 -24.50 32.42
CA CYS B 4383 -45.68 -25.23 32.31
C CYS B 4383 -45.53 -26.53 33.10
N ARG B 4384 -46.16 -26.56 34.28
CA ARG B 4384 -46.07 -27.70 35.17
C ARG B 4384 -47.15 -28.75 34.90
N CYS B 4385 -47.91 -28.60 33.82
CA CYS B 4385 -48.95 -29.55 33.45
C CYS B 4385 -48.40 -30.97 33.42
N MET B 4386 -49.02 -31.86 34.19
CA MET B 4386 -48.52 -33.19 34.45
C MET B 4386 -49.51 -34.24 33.92
N HIS B 4387 -48.96 -35.38 33.52
CA HIS B 4387 -49.74 -36.56 33.11
C HIS B 4387 -50.56 -36.27 31.84
N GLY B 4388 -49.86 -35.83 30.81
CA GLY B 4388 -50.48 -35.61 29.52
C GLY B 4388 -51.32 -34.36 29.41
N GLY B 4389 -51.06 -33.34 30.23
CA GLY B 4389 -51.80 -32.10 30.18
C GLY B 4389 -51.31 -31.19 29.07
N ASN B 4390 -52.01 -30.07 28.93
CA ASN B 4390 -51.68 -29.05 27.94
C ASN B 4390 -51.54 -27.71 28.65
N CYS B 4391 -50.73 -26.83 28.07
CA CYS B 4391 -50.44 -25.53 28.64
C CYS B 4391 -51.04 -24.42 27.78
N TYR B 4392 -51.54 -23.38 28.45
CA TYR B 4392 -52.17 -22.26 27.78
C TYR B 4392 -51.82 -20.98 28.52
N PHE B 4393 -51.70 -19.89 27.77
CA PHE B 4393 -51.36 -18.59 28.32
C PHE B 4393 -52.54 -17.63 28.13
N ASP B 4394 -52.96 -17.00 29.23
CA ASP B 4394 -54.07 -16.07 29.21
C ASP B 4394 -53.55 -14.65 28.96
N GLU B 4395 -54.40 -13.65 29.20
CA GLU B 4395 -53.98 -12.26 29.04
C GLU B 4395 -52.83 -11.92 29.99
N ASN B 4396 -52.87 -12.47 31.21
CA ASN B 4396 -51.77 -12.31 32.16
C ASN B 4396 -50.53 -13.10 31.75
N GLU B 4397 -50.64 -13.95 30.73
CA GLU B 4397 -49.54 -14.79 30.23
C GLU B 4397 -49.06 -15.79 31.25
N LEU B 4398 -49.90 -16.12 32.23
CA LEU B 4398 -49.56 -17.16 33.19
C LEU B 4398 -49.76 -18.54 32.56
N PRO B 4399 -48.92 -19.52 32.89
CA PRO B 4399 -49.07 -20.85 32.30
C PRO B 4399 -50.25 -21.62 32.89
N LYS B 4400 -51.47 -21.27 32.49
CA LYS B 4400 -52.67 -21.95 32.97
C LYS B 4400 -52.86 -23.23 32.18
N CYS B 4401 -52.74 -24.38 32.84
CA CYS B 4401 -52.83 -25.66 32.16
C CYS B 4401 -54.26 -26.00 31.80
N LYS B 4402 -54.41 -26.83 30.77
CA LYS B 4402 -55.71 -27.34 30.32
C LYS B 4402 -55.71 -28.85 30.56
N CYS B 4403 -56.41 -29.28 31.61
CA CYS B 4403 -56.42 -30.68 31.98
C CYS B 4403 -57.17 -31.53 30.96
N SER B 4404 -56.73 -32.77 30.81
CA SER B 4404 -57.37 -33.71 29.92
C SER B 4404 -58.55 -34.38 30.62
N SER B 4405 -59.13 -35.39 29.95
CA SER B 4405 -60.27 -36.10 30.52
C SER B 4405 -59.82 -36.97 31.69
N GLY B 4406 -60.57 -36.88 32.80
CA GLY B 4406 -60.27 -37.66 33.98
C GLY B 4406 -59.25 -37.07 34.92
N TYR B 4407 -58.68 -35.91 34.59
CA TYR B 4407 -57.69 -35.25 35.42
C TYR B 4407 -58.19 -33.87 35.83
N SER B 4408 -57.97 -33.53 37.10
CA SER B 4408 -58.43 -32.25 37.64
C SER B 4408 -57.33 -31.68 38.52
N GLY B 4409 -57.62 -30.56 39.18
CA GLY B 4409 -56.67 -29.90 40.04
C GLY B 4409 -55.75 -28.96 39.27
N GLU B 4410 -55.01 -28.16 40.04
CA GLU B 4410 -54.06 -27.23 39.45
C GLU B 4410 -52.89 -28.00 38.83
N TYR B 4411 -52.55 -27.66 37.59
CA TYR B 4411 -51.53 -28.32 36.79
C TYR B 4411 -51.82 -29.79 36.53
N CYS B 4412 -53.06 -30.25 36.82
CA CYS B 4412 -53.53 -31.58 36.43
C CYS B 4412 -52.66 -32.69 37.02
N GLU B 4413 -52.63 -32.78 38.34
CA GLU B 4413 -51.91 -33.87 38.99
C GLU B 4413 -52.89 -34.95 39.45
N VAL B 4414 -52.56 -36.20 39.14
CA VAL B 4414 -53.32 -37.40 39.49
C VAL B 4414 -54.69 -37.40 38.80
N GLY B 4415 -55.25 -38.59 38.61
CA GLY B 4415 -56.54 -38.73 37.97
C GLY B 4415 -56.51 -39.58 36.72
N UNK C 1 1.01 -0.86 -9.57
CA UNK C 1 1.99 -1.84 -9.98
C UNK C 1 2.79 -2.34 -8.79
N UNK C 2 4.00 -2.84 -9.06
CA UNK C 2 4.88 -3.32 -8.00
C UNK C 2 5.71 -2.22 -7.37
N ASN C 3 5.33 -0.95 -7.56
CA ASN C 3 6.12 0.17 -7.06
C ASN C 3 5.23 1.26 -6.46
N UNK C 4 4.11 0.90 -5.87
CA UNK C 4 3.22 1.88 -5.24
C UNK C 4 3.34 1.80 -3.73
N UNK C 5 3.64 2.94 -3.10
CA UNK C 5 3.82 3.00 -1.65
C UNK C 5 2.50 2.70 -0.94
#